data_5DXH
#
_entry.id   5DXH
#
_cell.length_a   92.660
_cell.length_b   121.830
_cell.length_c   166.360
_cell.angle_alpha   90.00
_cell.angle_beta   102.33
_cell.angle_gamma   90.00
#
_symmetry.space_group_name_H-M   'P 1 21 1'
#
loop_
_entity.id
_entity.type
_entity.pdbx_description
1 polymer 'Phosphatidylinositol 4,5-bisphosphate 3-kinase catalytic subunit alpha isoform'
2 polymer 'Phosphatidylinositol 3-kinase regulatory subunit alpha'
3 non-polymer 'methyl {2-[4-(2-chlorophenyl)-4H-1,2,4-triazol-3-yl]-4,5-dihydrothieno[3,2-d][1]benzoxepin-8-yl}carbamate'
#
loop_
_entity_poly.entity_id
_entity_poly.type
_entity_poly.pdbx_seq_one_letter_code
_entity_poly.pdbx_strand_id
1 'polypeptide(L)'
;PPRPSSGELWGIHLMPPRILVECLLPNGMIVTLECLREATLITIKHELFKEARKYPLHQLLQDESSYIFVSVTQEAEREE
FFDETRRLCDLRLFQPFLKVIEPVGNREEKILNREIGFAIGMPVCEFDMVKDPEVQDFRRNILNVCKEAVDLRDLNSPHS
RAMYVYPPNVESSPELPKHIYNKLDKGQIIVVIWVIVSPNNDKQKYTLKINHDCVPEQVIAEAIRKKTRSMLLSSEQLKL
CVLEYQGKYILKVCGCDEYFLEKYPLSQYKYIRSCIMLGRMPNLMLMAKESLYSQLPMDCFTMPSYSRRISTATPYMNGE
TSTKSLWVINSALRIKILCATYVNVNIRDIDKIYVRTGIYHGGEPLCDNVNTQRVPCSNPRWNEWLNYDIYIPDLPRAAR
LCLSICSVKGRKGAKEEHCPLAWGNINLFDYTDTLVSGKMALNLWPVPHGLEDLLNPIGVTGSNPNKETPCLELEFDWFS
SVVKFPDMSVIEEHANWSVSREAGFSYSHAGLSNRLARDNELRENDKEQLKAISTRDPLSEITEQEKDFLWSHRHYCVTI
PEILPKLLLSVKWNSRDEVAQMYCLVKDWPPIKPEQAMELLDCNYPDPMVRGFAVRCLEKYLTDDKLSQYLIQLVQVLKY
EQYLDNLLVRFLLKKALTNQRIGHFFFWHLKSEMHNKTVSQRFGLLLESYCRACGMYLKHLNRQVEAMEKLINLTDILKQ
EKKDETQKVQMKFLVEQMRRPDFMDALQGFLSPLNPAHQLGNLRLEECRIMSSAKRPLWLNWENPDIMSELLFQNNEIIF
KNGDDLRQDMLTLQIIRIMENIWQNQGLDLRMLPYGCLSIGDCVGLIEVVRNSHTIMQIQCKGGLKGALQFNSHTLHQWL
KDKNKGEIYDAAIDLFTRSCAGYCVATFILGIGDRHNSNIMVKDDGQLFHIDFGHFLDHKKKKFGYKRERVPFVLTQDFL
IVISKGAQECTKTREFERFQEMCYKAYLAIRQHANLFINLFSMMLGSGMPELQSFDDIAYIRKTLALDKTEQEALEYFMK
QMNDAHHGGWTTKMDWIFHTIKQHALN
;
A,D
2 'polypeptide(L)'
;YQQDQVVKEDNIEAVGKKLHEYNTQFQEKSREYDRLYEDYTRTSQEIQMKRTAIEAFNETIKIFEEQCQTQERYSKEYIE
KFKREGNETEIQRIMHNYEKLKSRISEIVDSRRRLEEDLKKQAAEYREIDKRMNSIKPDLIQLRKTRDQYLMWLTQKGVR
QKKLNEWLG
;
B,E
#
# COMPACT_ATOMS: atom_id res chain seq x y z
N PRO A 1 38.09 -45.87 13.27
CA PRO A 1 37.52 -44.94 12.29
C PRO A 1 36.15 -45.42 11.87
N PRO A 2 35.28 -44.60 11.22
CA PRO A 2 33.94 -45.10 10.81
C PRO A 2 34.00 -46.23 9.79
N ARG A 3 33.04 -47.16 9.91
CA ARG A 3 32.86 -48.35 9.09
C ARG A 3 32.67 -48.05 7.57
N PRO A 4 33.33 -48.81 6.65
CA PRO A 4 33.15 -48.55 5.21
C PRO A 4 31.78 -49.00 4.67
N SER A 5 31.28 -50.13 5.21
CA SER A 5 30.06 -50.82 4.82
C SER A 5 29.03 -50.88 5.91
N SER A 6 27.98 -51.68 5.62
CA SER A 6 26.92 -52.00 6.54
C SER A 6 26.87 -53.52 6.65
N GLY A 7 27.98 -54.14 6.24
CA GLY A 7 28.18 -55.59 6.24
C GLY A 7 28.26 -56.24 7.59
N GLU A 8 27.93 -57.54 7.61
CA GLU A 8 27.93 -58.42 8.76
C GLU A 8 29.34 -58.88 9.20
N LEU A 9 30.31 -58.79 8.26
CA LEU A 9 31.74 -59.08 8.41
C LEU A 9 32.53 -58.23 7.46
N TRP A 10 33.83 -58.03 7.71
CA TRP A 10 34.62 -57.26 6.77
C TRP A 10 34.67 -57.98 5.43
N GLY A 11 34.30 -57.26 4.38
CA GLY A 11 34.27 -57.76 3.01
C GLY A 11 33.14 -58.69 2.66
N ILE A 12 32.27 -58.99 3.64
CA ILE A 12 31.13 -59.89 3.46
C ILE A 12 29.90 -59.15 3.88
N HIS A 13 28.98 -58.92 2.95
CA HIS A 13 27.70 -58.25 3.24
C HIS A 13 26.80 -59.02 4.16
N LEU A 14 26.74 -60.34 3.96
CA LEU A 14 25.84 -61.24 4.69
C LEU A 14 26.52 -62.53 5.07
N MET A 15 26.66 -62.81 6.37
CA MET A 15 27.28 -64.06 6.81
C MET A 15 26.38 -65.26 6.50
N PRO A 16 26.95 -66.45 6.19
CA PRO A 16 26.12 -67.63 5.88
C PRO A 16 25.12 -67.99 7.00
N PRO A 17 24.18 -68.95 6.77
CA PRO A 17 23.22 -69.30 7.84
C PRO A 17 23.88 -69.85 9.10
N ARG A 18 24.93 -70.68 8.93
CA ARG A 18 25.74 -71.26 10.01
C ARG A 18 27.17 -70.81 9.72
N ILE A 19 27.89 -70.32 10.76
CA ILE A 19 29.29 -69.86 10.61
C ILE A 19 30.20 -70.37 11.75
N LEU A 20 31.50 -70.51 11.47
CA LEU A 20 32.44 -70.94 12.48
C LEU A 20 33.06 -69.73 13.14
N VAL A 21 32.94 -69.65 14.47
CA VAL A 21 33.45 -68.55 15.31
C VAL A 21 34.60 -69.07 16.20
N GLU A 22 35.80 -68.45 16.07
CA GLU A 22 36.97 -68.79 16.89
C GLU A 22 36.72 -68.18 18.26
N CYS A 23 36.67 -69.01 19.29
CA CYS A 23 36.42 -68.55 20.64
C CYS A 23 37.71 -68.68 21.41
N LEU A 24 38.12 -67.57 22.05
CA LEU A 24 39.32 -67.43 22.86
C LEU A 24 38.96 -67.39 24.34
N LEU A 25 39.03 -68.53 25.01
CA LEU A 25 38.67 -68.75 26.43
C LEU A 25 39.61 -68.08 27.45
N PRO A 26 39.12 -67.76 28.68
CA PRO A 26 40.01 -67.09 29.66
C PRO A 26 41.15 -67.92 30.22
N ASN A 27 41.23 -69.22 29.89
CA ASN A 27 42.30 -70.13 30.34
C ASN A 27 43.38 -70.30 29.25
N GLY A 28 43.33 -69.41 28.24
CA GLY A 28 44.26 -69.39 27.10
C GLY A 28 44.01 -70.50 26.09
N MET A 29 42.73 -70.86 25.94
CA MET A 29 42.32 -71.94 25.05
C MET A 29 41.60 -71.42 23.83
N ILE A 30 41.72 -72.12 22.69
CA ILE A 30 41.05 -71.75 21.46
C ILE A 30 40.05 -72.85 21.07
N VAL A 31 38.78 -72.44 20.90
CA VAL A 31 37.71 -73.38 20.57
C VAL A 31 36.94 -72.88 19.35
N THR A 32 36.88 -73.69 18.29
CA THR A 32 36.09 -73.29 17.14
C THR A 32 34.67 -73.81 17.41
N LEU A 33 33.69 -72.91 17.28
CA LEU A 33 32.27 -73.14 17.55
C LEU A 33 31.47 -72.80 16.30
N GLU A 34 30.50 -73.65 15.94
CA GLU A 34 29.65 -73.39 14.79
C GLU A 34 28.34 -72.79 15.27
N CYS A 35 28.06 -71.54 14.88
CA CYS A 35 26.88 -70.78 15.31
C CYS A 35 25.95 -70.41 14.18
N LEU A 36 24.65 -70.20 14.51
CA LEU A 36 23.66 -69.68 13.55
C LEU A 36 24.00 -68.19 13.49
N ARG A 37 23.88 -67.56 12.31
CA ARG A 37 24.26 -66.15 12.23
C ARG A 37 23.32 -65.23 13.04
N GLU A 38 22.07 -65.68 13.29
CA GLU A 38 21.02 -64.96 14.03
C GLU A 38 21.06 -65.27 15.54
N ALA A 39 22.05 -66.09 15.97
CA ALA A 39 22.25 -66.51 17.35
C ALA A 39 22.62 -65.35 18.24
N THR A 40 22.05 -65.31 19.45
CA THR A 40 22.37 -64.24 20.40
C THR A 40 23.65 -64.61 21.12
N LEU A 41 24.32 -63.61 21.73
CA LEU A 41 25.53 -63.86 22.50
C LEU A 41 25.25 -64.75 23.74
N ILE A 42 24.02 -64.69 24.29
CA ILE A 42 23.58 -65.54 25.42
C ILE A 42 23.68 -67.00 25.01
N THR A 43 23.12 -67.33 23.82
CA THR A 43 23.10 -68.68 23.24
C THR A 43 24.52 -69.14 22.94
N ILE A 44 25.30 -68.32 22.18
CA ILE A 44 26.69 -68.63 21.81
C ILE A 44 27.54 -68.92 23.05
N LYS A 45 27.44 -68.09 24.12
CA LYS A 45 28.17 -68.26 25.39
C LYS A 45 27.83 -69.59 26.04
N HIS A 46 26.53 -69.93 26.12
CA HIS A 46 26.03 -71.17 26.71
C HIS A 46 26.59 -72.36 25.93
N GLU A 47 26.37 -72.36 24.59
CA GLU A 47 26.84 -73.34 23.60
C GLU A 47 28.33 -73.57 23.83
N LEU A 48 29.13 -72.46 23.90
CA LEU A 48 30.58 -72.45 24.11
C LEU A 48 31.04 -73.08 25.44
N PHE A 49 30.53 -72.59 26.57
CA PHE A 49 30.91 -73.07 27.90
C PHE A 49 30.58 -74.54 28.11
N LYS A 50 29.61 -75.07 27.35
CA LYS A 50 29.21 -76.48 27.34
C LYS A 50 30.34 -77.23 26.64
N GLU A 51 30.72 -76.77 25.42
CA GLU A 51 31.78 -77.32 24.54
C GLU A 51 33.16 -77.26 25.20
N ALA A 52 33.44 -76.16 25.90
CA ALA A 52 34.67 -75.89 26.65
C ALA A 52 35.01 -77.00 27.68
N ARG A 53 33.97 -77.67 28.23
CA ARG A 53 34.10 -78.76 29.18
C ARG A 53 34.98 -79.91 28.58
N LYS A 54 34.98 -80.05 27.23
CA LYS A 54 35.71 -81.09 26.50
C LYS A 54 37.23 -80.82 26.36
N TYR A 55 37.63 -79.55 26.50
CA TYR A 55 39.00 -79.08 26.29
C TYR A 55 39.81 -78.97 27.57
N PRO A 56 41.17 -78.96 27.52
CA PRO A 56 41.96 -78.82 28.76
C PRO A 56 41.69 -77.54 29.55
N LEU A 57 42.03 -77.53 30.86
CA LEU A 57 41.90 -76.36 31.74
C LEU A 57 40.45 -75.93 32.00
N HIS A 58 39.45 -76.76 31.59
CA HIS A 58 38.01 -76.51 31.75
C HIS A 58 37.61 -76.25 33.19
N GLN A 59 38.33 -76.86 34.14
CA GLN A 59 38.14 -76.75 35.59
C GLN A 59 38.43 -75.35 36.13
N LEU A 60 39.23 -74.56 35.38
CA LEU A 60 39.59 -73.18 35.71
C LEU A 60 38.43 -72.23 35.49
N LEU A 61 37.62 -72.49 34.44
CA LEU A 61 36.48 -71.64 34.04
C LEU A 61 35.39 -71.55 35.10
N GLN A 62 34.97 -70.31 35.43
CA GLN A 62 33.85 -70.10 36.36
C GLN A 62 32.56 -69.96 35.54
N ASP A 63 31.39 -69.78 36.19
CA ASP A 63 30.11 -69.71 35.48
C ASP A 63 30.09 -68.74 34.30
N GLU A 64 29.30 -69.05 33.24
CA GLU A 64 29.10 -68.23 32.04
C GLU A 64 28.82 -66.76 32.43
N SER A 65 28.01 -66.56 33.50
CA SER A 65 27.62 -65.28 34.08
C SER A 65 28.80 -64.40 34.47
N SER A 66 29.91 -64.99 34.92
CA SER A 66 31.11 -64.27 35.37
C SER A 66 31.93 -63.62 34.24
N TYR A 67 31.53 -63.85 32.98
CA TYR A 67 32.25 -63.36 31.81
C TYR A 67 31.45 -62.50 30.83
N ILE A 68 32.19 -61.89 29.87
CA ILE A 68 31.71 -61.02 28.79
C ILE A 68 32.48 -61.38 27.52
N PHE A 69 31.88 -61.14 26.35
CA PHE A 69 32.54 -61.34 25.08
C PHE A 69 33.17 -60.02 24.58
N VAL A 70 34.34 -60.12 23.95
CA VAL A 70 35.07 -58.99 23.40
C VAL A 70 35.55 -59.37 22.02
N SER A 71 35.50 -58.43 21.07
CA SER A 71 36.01 -58.65 19.71
C SER A 71 36.40 -57.34 19.06
N VAL A 72 36.96 -57.42 17.86
CA VAL A 72 37.35 -56.25 17.08
C VAL A 72 36.25 -56.01 16.07
N THR A 73 35.73 -54.76 16.02
CA THR A 73 34.69 -54.35 15.07
C THR A 73 35.30 -53.87 13.73
N GLN A 74 34.43 -53.65 12.71
CA GLN A 74 34.83 -53.15 11.40
C GLN A 74 35.35 -51.71 11.48
N GLU A 75 35.07 -51.04 12.63
CA GLU A 75 35.52 -49.71 13.01
C GLU A 75 36.97 -49.77 13.58
N ALA A 76 37.62 -50.98 13.51
CA ALA A 76 38.96 -51.30 13.99
C ALA A 76 39.17 -51.08 15.50
N GLU A 77 38.09 -51.21 16.29
CA GLU A 77 38.20 -51.05 17.73
C GLU A 77 37.64 -52.22 18.51
N ARG A 78 38.26 -52.48 19.66
CA ARG A 78 37.94 -53.56 20.59
C ARG A 78 36.64 -53.23 21.35
N GLU A 79 35.52 -53.91 21.00
CA GLU A 79 34.20 -53.72 21.61
C GLU A 79 33.93 -54.77 22.70
N GLU A 80 33.37 -54.35 23.86
CA GLU A 80 32.97 -55.28 24.95
C GLU A 80 31.46 -55.44 24.79
N PHE A 81 30.96 -56.68 24.72
CA PHE A 81 29.51 -56.91 24.52
C PHE A 81 28.75 -57.18 25.81
N PHE A 82 28.22 -56.10 26.41
CA PHE A 82 27.44 -56.09 27.66
C PHE A 82 26.02 -56.58 27.46
N ASP A 83 25.40 -56.16 26.36
CA ASP A 83 24.05 -56.58 26.01
C ASP A 83 24.21 -57.86 25.19
N GLU A 84 24.06 -59.00 25.86
CA GLU A 84 24.22 -60.31 25.22
C GLU A 84 22.95 -60.78 24.54
N THR A 85 22.02 -59.84 24.38
CA THR A 85 20.75 -59.97 23.68
C THR A 85 20.99 -59.78 22.18
N ARG A 86 22.10 -59.05 21.83
CA ARG A 86 22.58 -58.74 20.49
C ARG A 86 22.92 -60.03 19.72
N ARG A 87 22.57 -60.08 18.42
CA ARG A 87 22.81 -61.27 17.58
C ARG A 87 24.16 -61.19 16.89
N LEU A 88 24.80 -62.35 16.66
CA LEU A 88 26.12 -62.47 16.03
C LEU A 88 26.19 -61.58 14.77
N CYS A 89 25.19 -61.71 13.88
CA CYS A 89 25.12 -60.90 12.66
C CYS A 89 25.07 -59.37 12.89
N ASP A 90 24.55 -58.89 14.04
CA ASP A 90 24.39 -57.47 14.37
C ASP A 90 25.58 -56.84 15.10
N LEU A 91 26.58 -57.63 15.54
CA LEU A 91 27.81 -57.11 16.13
C LEU A 91 28.59 -56.81 14.87
N ARG A 92 29.10 -55.58 14.71
CA ARG A 92 29.77 -55.23 13.45
C ARG A 92 31.17 -55.82 13.45
N LEU A 93 31.28 -57.16 13.53
CA LEU A 93 32.53 -57.89 13.65
C LEU A 93 33.42 -57.77 12.44
N PHE A 94 34.73 -57.53 12.66
CA PHE A 94 35.73 -57.46 11.59
C PHE A 94 36.00 -58.88 11.05
N GLN A 95 36.39 -59.80 11.97
CA GLN A 95 36.68 -61.20 11.67
C GLN A 95 35.85 -62.07 12.62
N PRO A 96 35.30 -63.26 12.17
CA PRO A 96 34.43 -64.08 13.05
C PRO A 96 35.12 -64.76 14.24
N PHE A 97 35.32 -63.97 15.29
CA PHE A 97 35.95 -64.42 16.51
C PHE A 97 35.42 -63.64 17.68
N LEU A 98 35.46 -64.28 18.86
CA LEU A 98 35.00 -63.69 20.09
C LEU A 98 35.94 -64.11 21.19
N LYS A 99 36.20 -63.22 22.14
CA LYS A 99 37.12 -63.48 23.24
C LYS A 99 36.34 -63.43 24.55
N VAL A 100 36.63 -64.35 25.47
CA VAL A 100 35.95 -64.39 26.76
C VAL A 100 36.84 -63.72 27.77
N ILE A 101 36.31 -62.69 28.41
CA ILE A 101 37.04 -61.90 29.40
C ILE A 101 36.17 -61.69 30.63
N GLU A 102 36.82 -61.34 31.77
CA GLU A 102 36.10 -60.97 32.98
C GLU A 102 35.86 -59.47 32.85
N PRO A 103 34.59 -58.97 32.95
CA PRO A 103 34.34 -57.51 32.81
C PRO A 103 35.21 -56.69 33.76
N VAL A 104 35.78 -55.61 33.23
CA VAL A 104 36.80 -54.83 33.93
C VAL A 104 36.31 -53.63 34.74
N GLY A 105 36.14 -52.48 34.10
CA GLY A 105 35.78 -51.22 34.75
C GLY A 105 34.38 -51.10 35.30
N ASN A 106 33.68 -49.99 34.97
CA ASN A 106 32.30 -49.81 35.43
C ASN A 106 31.34 -49.88 34.24
N ARG A 107 30.41 -50.88 34.30
CA ARG A 107 29.40 -51.22 33.29
C ARG A 107 28.73 -49.98 32.72
N GLU A 108 28.01 -49.23 33.59
CA GLU A 108 27.26 -48.00 33.30
C GLU A 108 27.97 -47.10 32.27
N GLU A 109 29.21 -46.67 32.60
CA GLU A 109 30.08 -45.80 31.81
C GLU A 109 30.41 -46.43 30.45
N LYS A 110 30.93 -47.68 30.44
CA LYS A 110 31.31 -48.39 29.22
C LYS A 110 30.09 -48.59 28.28
N ILE A 111 28.92 -48.93 28.86
CA ILE A 111 27.65 -49.11 28.17
C ILE A 111 27.23 -47.83 27.48
N LEU A 112 27.23 -46.69 28.21
CA LEU A 112 26.89 -45.41 27.60
C LEU A 112 27.83 -45.08 26.44
N ASN A 113 29.16 -45.24 26.64
CA ASN A 113 30.14 -44.94 25.59
C ASN A 113 29.99 -45.82 24.35
N ARG A 114 29.42 -47.04 24.54
CA ARG A 114 29.16 -47.97 23.45
C ARG A 114 27.96 -47.43 22.66
N GLU A 115 26.87 -47.07 23.39
CA GLU A 115 25.63 -46.51 22.87
C GLU A 115 25.84 -45.18 22.15
N ILE A 116 26.76 -44.31 22.66
CA ILE A 116 27.12 -43.00 22.07
C ILE A 116 27.86 -43.29 20.77
N GLY A 117 28.99 -44.00 20.88
CA GLY A 117 29.87 -44.35 19.76
C GLY A 117 29.18 -44.97 18.55
N PHE A 118 28.12 -45.76 18.82
CA PHE A 118 27.33 -46.41 17.78
C PHE A 118 26.47 -45.41 17.01
N ALA A 119 25.71 -44.55 17.77
CA ALA A 119 24.83 -43.53 17.24
C ALA A 119 25.61 -42.49 16.41
N ILE A 120 26.84 -42.07 16.89
CA ILE A 120 27.73 -41.11 16.22
C ILE A 120 28.25 -41.72 14.92
N GLY A 121 28.67 -42.97 15.00
CA GLY A 121 29.24 -43.68 13.86
C GLY A 121 30.74 -43.75 13.93
N MET A 122 31.29 -43.71 15.15
CA MET A 122 32.72 -43.79 15.47
C MET A 122 32.94 -43.88 16.99
N PRO A 123 33.89 -44.72 17.45
CA PRO A 123 34.10 -44.88 18.90
C PRO A 123 34.59 -43.64 19.66
N VAL A 124 34.05 -43.45 20.89
CA VAL A 124 34.36 -42.35 21.81
C VAL A 124 35.85 -42.40 22.18
N CYS A 125 36.43 -43.61 22.29
CA CYS A 125 37.86 -43.81 22.61
C CYS A 125 38.79 -43.08 21.63
N GLU A 126 38.31 -42.85 20.38
CA GLU A 126 39.03 -42.14 19.32
C GLU A 126 39.11 -40.63 19.63
N PHE A 127 38.11 -40.09 20.37
CA PHE A 127 38.14 -38.71 20.81
C PHE A 127 39.10 -38.58 21.96
N ASP A 128 39.16 -39.60 22.85
CA ASP A 128 40.07 -39.65 23.99
C ASP A 128 41.52 -39.65 23.49
N MET A 129 41.74 -40.28 22.32
CA MET A 129 43.00 -40.47 21.63
C MET A 129 43.59 -39.19 21.04
N VAL A 130 42.72 -38.21 20.65
CA VAL A 130 43.14 -36.92 20.06
C VAL A 130 43.94 -36.09 21.07
N LYS A 131 45.17 -35.71 20.70
CA LYS A 131 46.04 -34.97 21.61
C LYS A 131 45.86 -33.42 21.52
N ASP A 132 45.18 -32.93 20.46
CA ASP A 132 44.90 -31.50 20.23
C ASP A 132 44.16 -30.87 21.42
N PRO A 133 44.79 -29.86 22.09
CA PRO A 133 44.15 -29.20 23.24
C PRO A 133 42.79 -28.58 22.98
N GLU A 134 42.53 -28.06 21.74
CA GLU A 134 41.24 -27.46 21.38
C GLU A 134 40.10 -28.50 21.43
N VAL A 135 40.43 -29.74 21.05
CA VAL A 135 39.49 -30.85 21.01
C VAL A 135 39.11 -31.23 22.43
N GLN A 136 40.13 -31.47 23.29
CA GLN A 136 39.95 -31.84 24.68
C GLN A 136 39.26 -30.72 25.45
N ASP A 137 39.61 -29.44 25.17
CA ASP A 137 38.96 -28.30 25.83
C ASP A 137 37.49 -28.23 25.41
N PHE A 138 37.18 -28.50 24.12
CA PHE A 138 35.79 -28.53 23.66
C PHE A 138 35.00 -29.58 24.43
N ARG A 139 35.54 -30.81 24.49
CA ARG A 139 34.92 -31.92 25.19
C ARG A 139 34.56 -31.56 26.64
N ARG A 140 35.50 -30.94 27.42
CA ARG A 140 35.23 -30.57 28.81
C ARG A 140 34.29 -29.38 28.97
N ASN A 141 34.50 -28.34 28.16
CA ASN A 141 33.73 -27.11 28.31
C ASN A 141 32.31 -27.15 27.78
N ILE A 142 32.02 -28.00 26.78
CA ILE A 142 30.66 -28.09 26.25
C ILE A 142 29.68 -28.69 27.27
N LEU A 143 30.22 -29.42 28.27
CA LEU A 143 29.44 -30.07 29.33
C LEU A 143 28.67 -29.07 30.18
N ASN A 144 29.14 -27.81 30.16
CA ASN A 144 28.49 -26.71 30.85
C ASN A 144 27.11 -26.46 30.18
N VAL A 145 27.05 -26.58 28.85
CA VAL A 145 25.81 -26.43 28.07
C VAL A 145 24.87 -27.59 28.41
N CYS A 146 25.41 -28.83 28.49
CA CYS A 146 24.68 -30.07 28.80
C CYS A 146 24.07 -29.96 30.19
N LYS A 147 24.88 -29.64 31.21
CA LYS A 147 24.41 -29.50 32.58
C LYS A 147 23.33 -28.42 32.71
N GLU A 148 23.44 -27.30 31.97
CA GLU A 148 22.47 -26.22 31.97
C GLU A 148 21.14 -26.62 31.35
N ALA A 149 21.19 -27.40 30.26
CA ALA A 149 20.03 -27.89 29.52
C ALA A 149 19.25 -28.93 30.32
N VAL A 150 19.99 -29.86 30.96
CA VAL A 150 19.44 -30.92 31.80
C VAL A 150 18.77 -30.34 33.04
N ASP A 151 19.29 -29.22 33.54
CA ASP A 151 18.76 -28.51 34.70
C ASP A 151 17.42 -27.84 34.41
N LEU A 152 17.19 -27.31 33.19
CA LEU A 152 15.89 -26.69 32.86
C LEU A 152 14.81 -27.73 32.62
N ARG A 153 15.20 -28.92 32.12
CA ARG A 153 14.32 -30.07 31.89
C ARG A 153 13.80 -30.59 33.24
N ASP A 154 14.59 -30.46 34.32
CA ASP A 154 14.19 -30.92 35.64
C ASP A 154 13.59 -29.79 36.54
N LEU A 155 13.59 -28.52 36.07
CA LEU A 155 13.00 -27.40 36.80
C LEU A 155 11.52 -27.38 36.40
N ASN A 156 10.63 -27.79 37.33
CA ASN A 156 9.17 -28.05 37.21
C ASN A 156 9.06 -29.52 36.67
N SER A 157 9.87 -30.38 37.32
CA SER A 157 10.20 -31.78 37.07
C SER A 157 9.20 -32.60 36.23
N PRO A 158 7.87 -32.80 36.54
CA PRO A 158 7.07 -33.67 35.66
C PRO A 158 6.73 -33.06 34.30
N HIS A 159 6.10 -31.86 34.31
CA HIS A 159 5.71 -31.12 33.11
C HIS A 159 6.90 -30.76 32.19
N SER A 160 7.98 -30.22 32.78
CA SER A 160 9.19 -29.82 32.05
C SER A 160 9.85 -30.96 31.29
N ARG A 161 9.81 -32.19 31.84
CA ARG A 161 10.38 -33.37 31.22
C ARG A 161 9.49 -33.81 30.03
N ALA A 162 8.15 -33.73 30.22
CA ALA A 162 7.14 -34.08 29.22
C ALA A 162 7.19 -33.08 28.07
N MET A 163 7.48 -31.83 28.42
CA MET A 163 7.62 -30.70 27.51
C MET A 163 8.84 -30.90 26.57
N TYR A 164 9.94 -31.50 27.10
CA TYR A 164 11.16 -31.82 26.36
C TYR A 164 10.87 -32.94 25.35
N VAL A 165 10.21 -34.02 25.79
CA VAL A 165 9.88 -35.21 24.98
C VAL A 165 8.79 -34.93 23.96
N TYR A 166 7.71 -34.25 24.36
CA TYR A 166 6.57 -33.91 23.48
C TYR A 166 6.35 -32.39 23.37
N PRO A 167 7.32 -31.67 22.72
CA PRO A 167 7.17 -30.21 22.60
C PRO A 167 5.94 -29.83 21.77
N PRO A 168 5.12 -28.82 22.18
CA PRO A 168 3.93 -28.48 21.39
C PRO A 168 4.31 -28.18 19.94
N ASN A 169 3.77 -28.95 18.99
CA ASN A 169 4.05 -28.67 17.58
C ASN A 169 2.90 -27.77 17.13
N VAL A 170 3.17 -26.50 17.32
CA VAL A 170 2.29 -25.35 17.18
C VAL A 170 2.88 -24.39 16.10
N GLU A 171 1.99 -23.59 15.47
CA GLU A 171 2.33 -22.62 14.42
C GLU A 171 3.04 -21.40 15.03
N SER A 172 3.58 -20.53 14.17
CA SER A 172 4.34 -19.35 14.54
C SER A 172 3.54 -18.36 15.39
N SER A 173 2.49 -17.76 14.80
CA SER A 173 1.63 -16.78 15.48
C SER A 173 0.26 -17.33 15.86
N PRO A 174 -0.31 -16.93 17.03
CA PRO A 174 -1.67 -17.39 17.37
C PRO A 174 -2.74 -16.79 16.45
N GLU A 175 -2.44 -15.59 15.88
CA GLU A 175 -3.29 -14.87 14.94
C GLU A 175 -3.49 -15.68 13.66
N LEU A 176 -4.76 -15.98 13.38
CA LEU A 176 -5.27 -16.76 12.27
C LEU A 176 -5.57 -15.86 11.06
N PRO A 177 -5.22 -16.23 9.81
CA PRO A 177 -5.60 -15.38 8.67
C PRO A 177 -7.11 -15.51 8.43
N LYS A 178 -7.79 -14.38 8.14
CA LYS A 178 -9.25 -14.32 7.96
C LYS A 178 -9.83 -15.39 7.04
N HIS A 179 -9.12 -15.78 5.95
CA HIS A 179 -9.56 -16.82 5.01
C HIS A 179 -9.74 -18.19 5.70
N ILE A 180 -8.95 -18.42 6.77
CA ILE A 180 -8.99 -19.63 7.60
C ILE A 180 -10.05 -19.46 8.68
N TYR A 181 -10.19 -18.25 9.28
CA TYR A 181 -11.24 -17.97 10.26
C TYR A 181 -12.63 -18.19 9.67
N ASN A 182 -12.88 -17.68 8.44
CA ASN A 182 -14.14 -17.81 7.70
C ASN A 182 -14.55 -19.28 7.48
N LYS A 183 -13.57 -20.21 7.48
CA LYS A 183 -13.81 -21.65 7.33
C LYS A 183 -14.53 -22.23 8.55
N LEU A 184 -14.09 -21.84 9.78
CA LEU A 184 -14.74 -22.27 11.01
C LEU A 184 -15.95 -21.36 11.34
N ASP A 185 -17.16 -21.95 11.37
CA ASP A 185 -18.39 -21.17 11.60
C ASP A 185 -18.47 -20.55 12.99
N LYS A 186 -19.05 -19.33 13.08
CA LYS A 186 -19.25 -18.55 14.30
C LYS A 186 -17.94 -18.36 15.12
N GLY A 187 -16.79 -18.63 14.48
CA GLY A 187 -15.47 -18.59 15.10
C GLY A 187 -15.27 -19.73 16.09
N GLN A 188 -15.95 -20.86 15.82
CA GLN A 188 -16.02 -22.07 16.64
C GLN A 188 -15.65 -23.33 15.84
N ILE A 189 -15.14 -24.35 16.53
CA ILE A 189 -14.71 -25.65 15.99
C ILE A 189 -15.41 -26.82 16.67
N ILE A 190 -15.86 -27.80 15.86
CA ILE A 190 -16.44 -29.03 16.40
C ILE A 190 -15.27 -30.02 16.51
N VAL A 191 -14.93 -30.38 17.75
CA VAL A 191 -13.83 -31.26 18.14
C VAL A 191 -14.41 -32.55 18.75
N VAL A 192 -13.71 -33.67 18.63
CA VAL A 192 -14.16 -34.93 19.21
C VAL A 192 -13.12 -35.42 20.18
N ILE A 193 -13.48 -35.55 21.45
CA ILE A 193 -12.60 -36.06 22.49
C ILE A 193 -12.94 -37.51 22.79
N TRP A 194 -11.95 -38.40 22.62
CA TRP A 194 -12.05 -39.83 22.86
C TRP A 194 -11.42 -40.23 24.19
N VAL A 195 -11.95 -41.29 24.81
CA VAL A 195 -11.49 -41.83 26.08
C VAL A 195 -11.46 -43.35 25.99
N ILE A 196 -10.39 -43.98 26.50
CA ILE A 196 -10.29 -45.43 26.55
C ILE A 196 -10.69 -45.85 27.96
N VAL A 197 -11.98 -46.15 28.07
CA VAL A 197 -12.67 -46.46 29.31
C VAL A 197 -12.45 -47.90 29.74
N SER A 198 -12.06 -48.08 31.02
CA SER A 198 -11.88 -49.41 31.61
C SER A 198 -13.14 -49.78 32.46
N PRO A 199 -13.58 -51.06 32.51
CA PRO A 199 -12.98 -52.31 31.96
C PRO A 199 -12.98 -52.44 30.42
N ASN A 200 -12.40 -53.55 29.92
CA ASN A 200 -12.36 -54.00 28.52
C ASN A 200 -11.79 -52.99 27.47
N ASN A 201 -11.25 -51.83 27.92
CA ASN A 201 -10.55 -50.82 27.10
C ASN A 201 -11.33 -50.38 25.82
N ASP A 202 -12.63 -50.12 26.03
CA ASP A 202 -13.67 -49.62 25.14
C ASP A 202 -13.46 -48.13 24.88
N LYS A 203 -13.83 -47.66 23.70
CA LYS A 203 -13.68 -46.25 23.33
C LYS A 203 -14.98 -45.49 23.52
N GLN A 204 -14.89 -44.26 24.05
CA GLN A 204 -16.02 -43.40 24.30
C GLN A 204 -15.71 -42.00 23.78
N LYS A 205 -16.62 -41.41 22.97
CA LYS A 205 -16.43 -40.08 22.40
C LYS A 205 -17.38 -39.03 23.00
N TYR A 206 -16.94 -37.77 22.97
CA TYR A 206 -17.65 -36.61 23.48
C TYR A 206 -17.38 -35.49 22.48
N THR A 207 -18.40 -35.10 21.71
CA THR A 207 -18.27 -34.06 20.71
C THR A 207 -18.45 -32.69 21.38
N LEU A 208 -17.53 -31.75 21.13
CA LEU A 208 -17.57 -30.40 21.69
C LEU A 208 -17.50 -29.34 20.61
N LYS A 209 -18.37 -28.29 20.70
CA LYS A 209 -18.37 -27.15 19.78
C LYS A 209 -17.91 -25.96 20.61
N ILE A 210 -16.62 -25.62 20.47
CA ILE A 210 -16.04 -24.52 21.25
C ILE A 210 -15.15 -23.62 20.39
N ASN A 211 -14.82 -22.42 20.91
CA ASN A 211 -13.98 -21.43 20.25
C ASN A 211 -12.59 -21.99 19.95
N HIS A 212 -11.99 -21.54 18.86
CA HIS A 212 -10.68 -21.99 18.47
C HIS A 212 -9.57 -21.40 19.36
N ASP A 213 -9.81 -20.24 20.00
CA ASP A 213 -8.79 -19.60 20.86
C ASP A 213 -8.62 -20.32 22.21
N CYS A 214 -9.42 -21.38 22.45
CA CYS A 214 -9.42 -22.19 23.66
C CYS A 214 -8.09 -22.81 23.99
N VAL A 215 -7.64 -22.63 25.22
CA VAL A 215 -6.43 -23.26 25.74
C VAL A 215 -6.78 -24.75 25.90
N PRO A 216 -5.84 -25.73 25.75
CA PRO A 216 -6.24 -27.15 25.90
C PRO A 216 -6.95 -27.47 27.24
N GLU A 217 -6.62 -26.72 28.33
CA GLU A 217 -7.20 -26.87 29.67
C GLU A 217 -8.68 -26.52 29.67
N GLN A 218 -9.07 -25.51 28.87
CA GLN A 218 -10.46 -25.08 28.70
C GLN A 218 -11.22 -26.16 27.93
N VAL A 219 -10.53 -26.84 26.97
CA VAL A 219 -11.08 -27.94 26.15
C VAL A 219 -11.42 -29.14 27.06
N ILE A 220 -10.51 -29.46 28.01
CA ILE A 220 -10.68 -30.49 29.03
C ILE A 220 -11.85 -30.06 29.94
N ALA A 221 -11.84 -28.79 30.41
CA ALA A 221 -12.91 -28.23 31.25
C ALA A 221 -14.29 -28.44 30.63
N GLU A 222 -14.49 -28.08 29.35
CA GLU A 222 -15.76 -28.28 28.65
C GLU A 222 -16.12 -29.78 28.50
N ALA A 223 -15.11 -30.66 28.40
CA ALA A 223 -15.34 -32.10 28.29
C ALA A 223 -15.81 -32.62 29.62
N ILE A 224 -15.21 -32.12 30.71
CA ILE A 224 -15.58 -32.58 32.04
C ILE A 224 -16.96 -32.04 32.38
N ARG A 225 -17.38 -30.90 31.77
CA ARG A 225 -18.74 -30.34 31.92
C ARG A 225 -19.74 -31.26 31.22
N LYS A 226 -19.47 -31.66 29.95
CA LYS A 226 -20.33 -32.56 29.20
C LYS A 226 -20.59 -33.87 29.97
N LYS A 227 -19.53 -34.45 30.57
CA LYS A 227 -19.62 -35.70 31.36
C LYS A 227 -20.43 -35.54 32.66
N THR A 228 -20.24 -34.43 33.41
CA THR A 228 -20.90 -34.16 34.72
C THR A 228 -22.38 -33.67 34.63
N ARG A 229 -22.86 -33.25 33.45
CA ARG A 229 -24.22 -32.74 33.22
C ARG A 229 -25.36 -33.70 33.71
N SER A 230 -25.12 -35.02 33.62
CA SER A 230 -26.11 -36.03 34.03
C SER A 230 -26.04 -36.49 35.51
N MET A 231 -25.02 -36.03 36.27
CA MET A 231 -24.67 -36.47 37.64
C MET A 231 -25.50 -35.94 38.82
N LEU A 232 -26.41 -34.97 38.58
CA LEU A 232 -27.26 -34.35 39.64
C LEU A 232 -26.43 -33.55 40.67
N LEU A 233 -25.20 -33.17 40.30
CA LEU A 233 -24.27 -32.42 41.13
C LEU A 233 -24.73 -30.96 41.20
N SER A 234 -24.53 -30.29 42.34
CA SER A 234 -24.91 -28.88 42.49
C SER A 234 -23.89 -27.97 41.77
N SER A 235 -24.31 -26.72 41.40
CA SER A 235 -23.47 -25.72 40.71
C SER A 235 -22.11 -25.52 41.35
N GLU A 236 -22.06 -25.52 42.71
CA GLU A 236 -20.84 -25.36 43.51
C GLU A 236 -19.91 -26.59 43.43
N GLN A 237 -20.48 -27.81 43.45
CA GLN A 237 -19.72 -29.07 43.35
C GLN A 237 -19.24 -29.30 41.92
N LEU A 238 -20.07 -28.88 40.92
CA LEU A 238 -19.78 -28.95 39.48
C LEU A 238 -18.57 -28.08 39.14
N LYS A 239 -18.54 -26.85 39.70
CA LYS A 239 -17.47 -25.87 39.50
C LYS A 239 -16.19 -26.35 40.15
N LEU A 240 -16.32 -27.00 41.33
CA LEU A 240 -15.22 -27.58 42.08
C LEU A 240 -14.52 -28.72 41.31
N CYS A 241 -15.27 -29.49 40.46
CA CYS A 241 -14.78 -30.57 39.56
C CYS A 241 -13.79 -30.00 38.59
N VAL A 242 -14.21 -28.92 37.90
CA VAL A 242 -13.41 -28.16 36.94
C VAL A 242 -12.22 -27.57 37.70
N LEU A 243 -12.47 -26.87 38.82
CA LEU A 243 -11.43 -26.28 39.66
C LEU A 243 -10.32 -27.29 40.05
N GLU A 244 -10.67 -28.52 40.51
CA GLU A 244 -9.72 -29.56 40.96
C GLU A 244 -9.15 -30.49 39.85
N TYR A 245 -9.91 -30.71 38.73
CA TYR A 245 -9.52 -31.67 37.68
C TYR A 245 -9.28 -31.07 36.28
N GLN A 246 -9.58 -29.77 36.08
CA GLN A 246 -9.38 -29.02 34.83
C GLN A 246 -8.04 -29.37 34.19
N GLY A 247 -7.01 -29.54 35.02
CA GLY A 247 -5.66 -29.89 34.60
C GLY A 247 -5.08 -31.14 35.24
N LYS A 248 -5.91 -32.18 35.47
CA LYS A 248 -5.43 -33.45 35.98
C LYS A 248 -5.34 -34.40 34.78
N TYR A 249 -5.73 -33.85 33.61
CA TYR A 249 -5.82 -34.52 32.32
C TYR A 249 -5.04 -33.81 31.20
N ILE A 250 -4.62 -34.59 30.17
CA ILE A 250 -3.84 -34.19 29.00
C ILE A 250 -4.51 -34.57 27.69
N LEU A 251 -4.30 -33.75 26.64
CA LEU A 251 -4.81 -34.01 25.30
C LEU A 251 -3.71 -34.47 24.32
N LYS A 252 -4.03 -35.48 23.51
CA LYS A 252 -3.14 -36.09 22.51
C LYS A 252 -3.89 -36.19 21.18
N VAL A 253 -3.18 -36.09 20.06
CA VAL A 253 -3.77 -36.26 18.73
C VAL A 253 -3.94 -37.78 18.58
N CYS A 254 -5.07 -38.22 18.00
CA CYS A 254 -5.33 -39.66 17.81
C CYS A 254 -4.40 -40.23 16.72
N GLY A 255 -3.79 -41.39 16.98
CA GLY A 255 -2.91 -42.10 16.05
C GLY A 255 -1.54 -41.49 15.82
N CYS A 256 -1.09 -40.68 16.79
CA CYS A 256 0.08 -39.80 16.79
C CYS A 256 0.68 -39.65 18.14
N ASP A 257 1.98 -39.32 18.19
CA ASP A 257 2.60 -38.98 19.47
C ASP A 257 2.75 -37.45 19.59
N GLU A 258 1.62 -36.73 19.33
CA GLU A 258 1.53 -35.26 19.41
C GLU A 258 0.65 -34.85 20.59
N TYR A 259 1.23 -34.17 21.59
CA TYR A 259 0.51 -33.74 22.80
C TYR A 259 0.37 -32.24 22.90
N PHE A 260 -0.79 -31.83 23.45
CA PHE A 260 -1.21 -30.45 23.68
C PHE A 260 -0.85 -30.04 25.12
N LEU A 261 0.45 -30.01 25.43
CA LEU A 261 0.99 -29.74 26.75
C LEU A 261 1.15 -28.24 27.13
N GLU A 262 0.92 -27.29 26.21
CA GLU A 262 1.12 -25.88 26.55
C GLU A 262 -0.10 -25.00 26.30
N LYS A 263 -0.17 -23.89 27.06
CA LYS A 263 -1.19 -22.86 27.10
C LYS A 263 -1.56 -22.19 25.74
N TYR A 264 -0.98 -22.61 24.60
CA TYR A 264 -1.30 -22.04 23.27
C TYR A 264 -2.78 -22.24 22.88
N PRO A 265 -3.38 -21.34 22.06
CA PRO A 265 -4.77 -21.55 21.62
C PRO A 265 -4.83 -22.80 20.78
N LEU A 266 -5.98 -23.51 20.82
CA LEU A 266 -6.15 -24.75 20.07
C LEU A 266 -5.88 -24.59 18.59
N SER A 267 -6.31 -23.47 17.98
CA SER A 267 -6.10 -23.20 16.57
C SER A 267 -4.62 -23.08 16.19
N GLN A 268 -3.77 -22.59 17.15
CA GLN A 268 -2.34 -22.43 16.92
C GLN A 268 -1.65 -23.78 16.72
N TYR A 269 -2.19 -24.87 17.30
CA TYR A 269 -1.65 -26.22 17.16
C TYR A 269 -1.69 -26.68 15.70
N LYS A 270 -0.53 -27.02 15.13
CA LYS A 270 -0.40 -27.39 13.72
C LYS A 270 -1.41 -28.45 13.25
N TYR A 271 -1.77 -29.45 14.12
CA TYR A 271 -2.78 -30.49 13.77
C TYR A 271 -4.15 -29.87 13.59
N ILE A 272 -4.54 -28.98 14.51
CA ILE A 272 -5.84 -28.32 14.52
C ILE A 272 -5.98 -27.39 13.32
N ARG A 273 -4.96 -26.55 13.04
CA ARG A 273 -4.98 -25.58 11.93
C ARG A 273 -5.12 -26.29 10.58
N SER A 274 -4.50 -27.47 10.41
CA SER A 274 -4.65 -28.23 9.18
C SER A 274 -6.09 -28.80 9.05
N CYS A 275 -6.72 -29.13 10.20
CA CYS A 275 -8.08 -29.65 10.23
C CYS A 275 -9.10 -28.59 9.86
N ILE A 276 -8.92 -27.37 10.40
CA ILE A 276 -9.74 -26.19 10.11
C ILE A 276 -9.68 -25.97 8.59
N MET A 277 -8.45 -25.96 8.02
CA MET A 277 -8.16 -25.81 6.60
C MET A 277 -8.85 -26.88 5.75
N LEU A 278 -8.63 -28.16 6.09
CA LEU A 278 -9.13 -29.32 5.36
C LEU A 278 -10.61 -29.65 5.58
N GLY A 279 -11.25 -28.97 6.51
CA GLY A 279 -12.65 -29.22 6.84
C GLY A 279 -12.86 -30.58 7.47
N ARG A 280 -11.83 -31.08 8.17
CA ARG A 280 -11.81 -32.37 8.84
C ARG A 280 -12.12 -32.15 10.33
N MET A 281 -12.67 -33.19 10.98
CA MET A 281 -13.00 -33.17 12.39
C MET A 281 -11.76 -33.52 13.21
N PRO A 282 -11.29 -32.62 14.10
CA PRO A 282 -10.13 -32.95 14.93
C PRO A 282 -10.49 -33.96 16.01
N ASN A 283 -9.85 -35.13 15.95
CA ASN A 283 -10.01 -36.22 16.90
C ASN A 283 -8.89 -36.12 17.91
N LEU A 284 -9.24 -35.93 19.18
CA LEU A 284 -8.28 -35.84 20.26
C LEU A 284 -8.55 -36.93 21.26
N MET A 285 -7.55 -37.32 22.03
CA MET A 285 -7.69 -38.36 23.03
C MET A 285 -7.34 -37.82 24.40
N LEU A 286 -8.28 -37.98 25.35
CA LEU A 286 -8.09 -37.55 26.74
C LEU A 286 -7.38 -38.63 27.52
N MET A 287 -6.52 -38.21 28.45
CA MET A 287 -5.63 -39.06 29.21
C MET A 287 -5.34 -38.45 30.56
N ALA A 288 -4.93 -39.28 31.51
CA ALA A 288 -4.55 -38.76 32.83
C ALA A 288 -3.11 -38.26 32.72
N LYS A 289 -2.83 -37.07 33.29
CA LYS A 289 -1.50 -36.45 33.37
C LYS A 289 -0.52 -37.53 33.85
N GLU A 290 -0.92 -38.33 34.86
CA GLU A 290 -0.11 -39.40 35.43
C GLU A 290 0.15 -40.55 34.46
N SER A 291 -0.79 -40.82 33.53
CA SER A 291 -0.64 -41.86 32.51
C SER A 291 0.56 -41.53 31.60
N LEU A 292 0.69 -40.24 31.19
CA LEU A 292 1.81 -39.75 30.38
C LEU A 292 3.07 -39.72 31.21
N TYR A 293 3.01 -39.14 32.42
CA TYR A 293 4.16 -38.98 33.30
C TYR A 293 4.81 -40.31 33.74
N SER A 294 4.04 -41.42 33.71
CA SER A 294 4.54 -42.77 34.02
C SER A 294 5.44 -43.30 32.89
N GLN A 295 5.21 -42.82 31.63
CA GLN A 295 5.99 -43.19 30.44
C GLN A 295 7.39 -42.54 30.49
N LEU A 296 7.49 -41.26 30.94
CA LEU A 296 8.73 -40.50 31.00
C LEU A 296 9.77 -41.09 31.97
N PRO A 297 10.99 -41.37 31.49
CA PRO A 297 12.01 -42.01 32.35
C PRO A 297 13.18 -41.05 32.68
N MET A 298 14.35 -41.27 32.02
CA MET A 298 15.63 -40.54 31.96
C MET A 298 15.97 -39.53 33.10
N ASP A 299 16.61 -38.39 32.68
CA ASP A 299 17.14 -37.29 33.47
C ASP A 299 18.19 -37.82 34.49
N CYS A 300 18.89 -38.90 34.05
CA CYS A 300 19.99 -39.58 34.74
C CYS A 300 21.30 -39.17 34.02
N PHE A 301 21.54 -37.84 33.94
CA PHE A 301 22.73 -37.29 33.30
C PHE A 301 23.91 -37.40 34.24
N THR A 302 25.01 -37.99 33.74
CA THR A 302 26.24 -38.17 34.50
C THR A 302 27.41 -37.56 33.74
N MET A 303 28.27 -36.83 34.47
CA MET A 303 29.46 -36.19 33.93
C MET A 303 30.53 -37.23 33.55
N PRO A 304 31.11 -37.19 32.33
CA PRO A 304 32.16 -38.17 31.96
C PRO A 304 33.57 -37.79 32.48
N SER A 305 34.64 -38.47 31.95
CA SER A 305 36.08 -38.30 32.27
C SER A 305 36.40 -38.72 33.69
N SER A 322 55.04 -15.24 29.54
CA SER A 322 54.45 -13.92 29.78
C SER A 322 53.62 -13.45 28.57
N THR A 323 52.46 -12.78 28.81
CA THR A 323 51.59 -12.28 27.74
C THR A 323 51.79 -10.78 27.44
N LYS A 324 52.14 -10.52 26.17
CA LYS A 324 52.34 -9.22 25.54
C LYS A 324 51.14 -9.08 24.59
N SER A 325 50.75 -7.85 24.24
CA SER A 325 49.60 -7.64 23.35
C SER A 325 49.96 -7.51 21.87
N LEU A 326 49.04 -7.96 21.00
CA LEU A 326 49.06 -7.82 19.55
C LEU A 326 48.92 -6.31 19.40
N TRP A 327 49.55 -5.74 18.38
CA TRP A 327 49.53 -4.30 18.10
C TRP A 327 50.18 -3.45 19.24
N VAL A 328 51.29 -3.97 19.71
CA VAL A 328 52.29 -3.46 20.62
C VAL A 328 53.51 -3.98 19.85
N ILE A 329 53.18 -4.78 18.81
CA ILE A 329 54.08 -5.44 17.86
C ILE A 329 54.19 -4.55 16.62
N ASN A 330 55.19 -3.65 16.65
CA ASN A 330 55.52 -2.71 15.58
C ASN A 330 56.31 -3.45 14.50
N SER A 331 55.62 -4.32 13.75
CA SER A 331 56.25 -5.12 12.72
C SER A 331 55.29 -5.49 11.58
N ALA A 332 55.82 -5.70 10.37
CA ALA A 332 55.04 -6.15 9.22
C ALA A 332 55.00 -7.69 9.28
N LEU A 333 53.92 -8.29 8.75
CA LEU A 333 53.74 -9.73 8.82
C LEU A 333 54.80 -10.49 8.04
N ARG A 334 55.46 -11.43 8.74
CA ARG A 334 56.48 -12.33 8.22
C ARG A 334 56.06 -13.79 8.47
N ILE A 335 56.13 -14.62 7.41
CA ILE A 335 55.84 -16.07 7.46
C ILE A 335 56.93 -16.81 6.67
N LYS A 336 57.66 -17.72 7.33
CA LYS A 336 58.73 -18.49 6.71
C LYS A 336 58.22 -19.81 6.17
N ILE A 337 58.28 -19.97 4.83
CA ILE A 337 57.98 -21.24 4.16
C ILE A 337 59.32 -22.02 4.23
N LEU A 338 59.28 -23.23 4.77
CA LEU A 338 60.49 -24.03 4.92
C LEU A 338 60.57 -25.09 3.83
N CYS A 339 60.23 -26.32 4.19
CA CYS A 339 60.27 -27.50 3.35
C CYS A 339 58.85 -28.08 3.12
N ALA A 340 58.67 -28.79 2.00
CA ALA A 340 57.44 -29.50 1.67
C ALA A 340 57.86 -30.93 1.39
N THR A 341 57.48 -31.84 2.27
CA THR A 341 57.86 -33.24 2.14
C THR A 341 57.05 -33.94 1.04
N TYR A 342 57.63 -34.04 -0.19
CA TYR A 342 57.07 -34.70 -1.39
C TYR A 342 55.90 -34.00 -2.05
N VAL A 343 55.77 -34.23 -3.37
CA VAL A 343 54.69 -33.80 -4.27
C VAL A 343 54.69 -34.78 -5.44
N ASN A 344 53.51 -35.26 -5.86
CA ASN A 344 53.40 -36.21 -6.96
C ASN A 344 53.25 -35.53 -8.32
N VAL A 345 54.41 -35.10 -8.86
CA VAL A 345 54.53 -34.38 -10.12
C VAL A 345 55.30 -35.19 -11.14
N ASN A 346 54.85 -35.15 -12.40
CA ASN A 346 55.50 -35.77 -13.55
C ASN A 346 56.64 -34.81 -13.97
N ILE A 347 57.87 -35.09 -13.49
CA ILE A 347 59.11 -34.31 -13.70
C ILE A 347 59.38 -34.03 -15.20
N ARG A 348 58.93 -34.92 -16.09
CA ARG A 348 59.04 -34.73 -17.53
C ARG A 348 58.18 -33.53 -18.01
N ASP A 349 57.02 -33.28 -17.35
CA ASP A 349 56.07 -32.21 -17.68
C ASP A 349 56.21 -30.95 -16.80
N ILE A 350 56.42 -31.12 -15.48
CA ILE A 350 56.54 -30.02 -14.50
C ILE A 350 57.90 -30.07 -13.80
N ASP A 351 58.71 -29.04 -14.04
CA ASP A 351 60.06 -28.89 -13.52
C ASP A 351 60.08 -28.16 -12.18
N LYS A 352 59.59 -26.92 -12.19
CA LYS A 352 59.58 -26.09 -10.99
C LYS A 352 58.21 -26.03 -10.26
N ILE A 353 58.29 -25.83 -8.94
CA ILE A 353 57.15 -25.71 -8.02
C ILE A 353 57.43 -24.57 -7.05
N TYR A 354 56.39 -23.95 -6.56
CA TYR A 354 56.43 -22.84 -5.61
C TYR A 354 55.22 -22.86 -4.66
N VAL A 355 55.37 -22.26 -3.49
CA VAL A 355 54.31 -22.14 -2.50
C VAL A 355 53.68 -20.76 -2.70
N ARG A 356 52.41 -20.72 -3.13
CA ARG A 356 51.65 -19.47 -3.29
C ARG A 356 50.94 -19.20 -1.95
N THR A 357 51.03 -17.97 -1.44
CA THR A 357 50.37 -17.65 -0.16
C THR A 357 49.46 -16.43 -0.29
N GLY A 358 48.67 -16.18 0.76
CA GLY A 358 47.75 -15.06 0.85
C GLY A 358 47.17 -14.93 2.25
N ILE A 359 47.01 -13.69 2.73
CA ILE A 359 46.40 -13.45 4.03
C ILE A 359 44.97 -13.00 3.78
N TYR A 360 44.01 -13.83 4.22
CA TYR A 360 42.56 -13.68 3.96
C TYR A 360 41.66 -13.50 5.19
N HIS A 361 40.56 -12.73 5.00
CA HIS A 361 39.47 -12.49 5.95
C HIS A 361 38.23 -13.06 5.27
N GLY A 362 37.96 -14.33 5.52
CA GLY A 362 36.91 -15.02 4.81
C GLY A 362 37.46 -15.41 3.44
N GLY A 363 36.83 -14.89 2.39
CA GLY A 363 37.23 -15.17 1.01
C GLY A 363 37.88 -13.98 0.33
N GLU A 364 38.02 -12.89 1.08
CA GLU A 364 38.60 -11.64 0.60
C GLU A 364 40.03 -11.46 1.16
N PRO A 365 41.03 -11.07 0.30
CA PRO A 365 42.39 -10.91 0.82
C PRO A 365 42.59 -9.61 1.58
N LEU A 366 43.43 -9.64 2.62
CA LEU A 366 43.78 -8.46 3.42
C LEU A 366 44.94 -7.65 2.79
N CYS A 367 45.73 -8.30 1.90
CA CYS A 367 46.86 -7.74 1.14
C CYS A 367 47.12 -8.53 -0.15
N ASP A 368 48.06 -8.07 -0.99
CA ASP A 368 48.42 -8.74 -2.25
C ASP A 368 49.10 -10.06 -1.92
N ASN A 369 48.82 -11.12 -2.71
CA ASN A 369 49.36 -12.47 -2.52
C ASN A 369 50.88 -12.54 -2.75
N VAL A 370 51.58 -13.32 -1.91
CA VAL A 370 53.03 -13.49 -1.94
C VAL A 370 53.42 -14.93 -2.27
N ASN A 371 54.31 -15.09 -3.27
CA ASN A 371 54.83 -16.39 -3.71
C ASN A 371 56.27 -16.60 -3.21
N THR A 372 56.69 -17.87 -3.10
CA THR A 372 58.08 -18.24 -2.78
C THR A 372 58.82 -18.30 -4.12
N GLN A 373 60.12 -18.53 -4.10
CA GLN A 373 60.87 -18.64 -5.34
C GLN A 373 60.57 -20.01 -6.00
N ARG A 374 60.60 -20.07 -7.35
CA ARG A 374 60.39 -21.32 -8.10
C ARG A 374 61.58 -22.24 -7.80
N VAL A 375 61.29 -23.47 -7.37
CA VAL A 375 62.24 -24.49 -6.93
C VAL A 375 62.10 -25.80 -7.74
N PRO A 376 63.16 -26.62 -7.94
CA PRO A 376 62.98 -27.88 -8.68
C PRO A 376 62.21 -28.88 -7.81
N CYS A 377 61.12 -29.45 -8.35
CA CYS A 377 60.22 -30.38 -7.65
C CYS A 377 60.95 -31.56 -6.98
N SER A 378 62.20 -31.82 -7.41
CA SER A 378 63.12 -32.84 -6.90
C SER A 378 63.66 -32.46 -5.49
N ASN A 379 63.60 -31.16 -5.14
CA ASN A 379 64.03 -30.61 -3.86
C ASN A 379 63.04 -29.50 -3.40
N PRO A 380 61.90 -29.89 -2.76
CA PRO A 380 60.92 -28.88 -2.34
C PRO A 380 61.30 -28.16 -1.03
N ARG A 381 62.44 -27.46 -1.07
CA ARG A 381 62.99 -26.71 0.06
C ARG A 381 63.08 -25.23 -0.33
N TRP A 382 62.49 -24.35 0.48
CA TRP A 382 62.49 -22.92 0.20
C TRP A 382 63.25 -22.07 1.22
N ASN A 383 63.16 -22.46 2.53
CA ASN A 383 63.75 -21.80 3.70
C ASN A 383 63.78 -20.25 3.58
N GLU A 384 62.68 -19.69 3.03
CA GLU A 384 62.47 -18.28 2.71
C GLU A 384 61.43 -17.63 3.61
N TRP A 385 61.68 -16.37 4.04
CA TRP A 385 60.74 -15.56 4.80
C TRP A 385 59.91 -14.76 3.80
N LEU A 386 58.57 -14.81 3.92
CA LEU A 386 57.65 -14.08 3.06
C LEU A 386 57.15 -12.82 3.76
N ASN A 387 57.21 -11.69 3.04
CA ASN A 387 56.86 -10.38 3.55
C ASN A 387 55.54 -9.88 2.98
N TYR A 388 54.54 -9.71 3.86
CA TYR A 388 53.20 -9.28 3.49
C TYR A 388 53.02 -7.81 3.78
N ASP A 389 52.43 -7.05 2.82
CA ASP A 389 52.21 -5.62 3.06
C ASP A 389 50.99 -5.38 3.97
N ILE A 390 51.18 -5.68 5.26
CA ILE A 390 50.19 -5.54 6.33
C ILE A 390 50.96 -5.47 7.65
N TYR A 391 50.55 -4.54 8.51
CA TYR A 391 51.18 -4.43 9.81
C TYR A 391 50.55 -5.51 10.70
N ILE A 392 51.33 -6.09 11.65
CA ILE A 392 50.86 -7.07 12.66
C ILE A 392 49.62 -6.47 13.39
N PRO A 393 49.65 -5.17 13.82
CA PRO A 393 48.48 -4.55 14.44
C PRO A 393 47.16 -4.53 13.65
N ASP A 394 47.23 -4.49 12.31
CA ASP A 394 46.07 -4.43 11.42
C ASP A 394 45.37 -5.80 11.20
N LEU A 395 46.04 -6.93 11.55
CA LEU A 395 45.50 -8.28 11.41
C LEU A 395 44.16 -8.42 12.17
N PRO A 396 43.03 -8.67 11.45
CA PRO A 396 41.76 -8.82 12.18
C PRO A 396 41.70 -10.16 12.90
N ARG A 397 40.87 -10.25 13.95
CA ARG A 397 40.63 -11.53 14.61
C ARG A 397 39.74 -12.24 13.58
N ALA A 398 40.25 -13.32 12.96
CA ALA A 398 39.65 -14.14 11.91
C ALA A 398 40.48 -14.17 10.65
N ALA A 399 41.66 -13.48 10.71
CA ALA A 399 42.68 -13.46 9.66
C ALA A 399 43.25 -14.87 9.54
N ARG A 400 43.54 -15.29 8.31
CA ARG A 400 44.04 -16.62 8.00
C ARG A 400 45.08 -16.61 6.90
N LEU A 401 46.08 -17.50 6.99
CA LEU A 401 47.07 -17.70 5.95
C LEU A 401 46.48 -18.80 5.08
N CYS A 402 46.33 -18.51 3.77
CA CYS A 402 45.81 -19.45 2.76
C CYS A 402 46.95 -19.71 1.80
N LEU A 403 47.42 -20.96 1.76
CA LEU A 403 48.53 -21.35 0.92
C LEU A 403 48.23 -22.53 0.04
N SER A 404 49.09 -22.78 -0.98
CA SER A 404 49.03 -23.90 -1.94
C SER A 404 50.36 -24.11 -2.68
N ILE A 405 50.73 -25.38 -2.90
CA ILE A 405 51.92 -25.76 -3.65
C ILE A 405 51.44 -25.81 -5.10
N CYS A 406 51.97 -24.88 -5.91
CA CYS A 406 51.62 -24.72 -7.32
C CYS A 406 52.71 -25.26 -8.23
N SER A 407 52.31 -25.70 -9.44
CA SER A 407 53.16 -26.25 -10.49
C SER A 407 53.40 -25.22 -11.58
N VAL A 408 54.51 -25.39 -12.35
CA VAL A 408 54.85 -24.51 -13.47
C VAL A 408 55.09 -25.38 -14.72
N LYS A 409 54.03 -25.53 -15.53
CA LYS A 409 53.99 -26.34 -16.76
C LYS A 409 54.18 -25.43 -17.98
N GLU A 417 52.10 -21.14 -17.41
CA GLU A 417 51.07 -22.13 -17.10
C GLU A 417 51.16 -22.63 -15.65
N HIS A 418 50.32 -22.07 -14.77
CA HIS A 418 50.30 -22.42 -13.34
C HIS A 418 49.08 -23.28 -12.99
N CYS A 419 49.15 -24.02 -11.85
CA CYS A 419 48.10 -24.90 -11.35
C CYS A 419 48.39 -25.36 -9.90
N PRO A 420 47.40 -25.37 -8.95
CA PRO A 420 47.71 -25.89 -7.60
C PRO A 420 47.74 -27.42 -7.60
N LEU A 421 48.58 -28.00 -6.75
CA LEU A 421 48.74 -29.46 -6.61
C LEU A 421 48.08 -29.96 -5.31
N ALA A 422 48.23 -29.15 -4.25
CA ALA A 422 47.72 -29.37 -2.91
C ALA A 422 47.47 -28.01 -2.28
N TRP A 423 46.46 -27.90 -1.40
CA TRP A 423 46.14 -26.63 -0.74
C TRP A 423 45.98 -26.80 0.77
N GLY A 424 45.95 -25.69 1.49
CA GLY A 424 45.79 -25.68 2.94
C GLY A 424 45.65 -24.30 3.51
N ASN A 425 44.80 -24.12 4.53
CA ASN A 425 44.61 -22.83 5.20
C ASN A 425 44.78 -22.98 6.72
N ILE A 426 45.23 -21.92 7.39
CA ILE A 426 45.51 -21.88 8.84
C ILE A 426 44.97 -20.60 9.41
N ASN A 427 44.42 -20.63 10.62
CA ASN A 427 43.98 -19.41 11.29
C ASN A 427 45.24 -18.80 11.92
N LEU A 428 45.52 -17.51 11.65
CA LEU A 428 46.69 -16.82 12.21
C LEU A 428 46.62 -16.63 13.73
N PHE A 429 45.42 -16.85 14.32
CA PHE A 429 45.21 -16.80 15.76
C PHE A 429 44.57 -18.13 16.16
N ASP A 430 44.83 -18.60 17.38
CA ASP A 430 44.23 -19.85 17.87
C ASP A 430 43.02 -19.52 18.75
N TYR A 431 42.21 -20.54 19.11
CA TYR A 431 41.01 -20.42 19.96
C TYR A 431 41.21 -19.65 21.29
N THR A 432 42.46 -19.62 21.85
CA THR A 432 42.76 -18.88 23.08
C THR A 432 43.25 -17.45 22.79
N ASP A 433 42.87 -16.90 21.59
CA ASP A 433 43.17 -15.55 21.09
C ASP A 433 44.66 -15.29 20.92
N THR A 434 45.47 -16.37 20.90
CA THR A 434 46.93 -16.31 20.81
C THR A 434 47.38 -16.29 19.37
N LEU A 435 48.17 -15.28 19.00
CA LEU A 435 48.75 -15.14 17.66
C LEU A 435 49.69 -16.32 17.48
N VAL A 436 49.51 -17.05 16.38
CA VAL A 436 50.28 -18.26 16.07
C VAL A 436 51.76 -17.94 15.81
N SER A 437 52.64 -18.54 16.63
CA SER A 437 54.10 -18.39 16.61
C SER A 437 54.81 -19.75 16.67
N GLY A 438 55.93 -19.84 15.95
CA GLY A 438 56.76 -21.03 15.93
C GLY A 438 56.68 -21.87 14.68
N LYS A 439 57.24 -23.08 14.74
CA LYS A 439 57.25 -24.03 13.64
C LYS A 439 55.91 -24.78 13.55
N MET A 440 55.43 -25.04 12.30
CA MET A 440 54.14 -25.70 12.07
C MET A 440 54.12 -26.61 10.82
N ALA A 441 53.81 -27.90 11.01
CA ALA A 441 53.66 -28.85 9.92
C ALA A 441 52.19 -28.83 9.50
N LEU A 442 51.90 -28.61 8.20
CA LEU A 442 50.53 -28.54 7.68
C LEU A 442 50.31 -29.58 6.58
N ASN A 443 49.53 -30.64 6.89
CA ASN A 443 49.21 -31.67 5.89
C ASN A 443 48.18 -31.10 4.96
N LEU A 444 48.52 -31.10 3.69
CA LEU A 444 47.71 -30.47 2.70
C LEU A 444 46.55 -31.33 2.18
N TRP A 445 45.53 -30.63 1.63
CA TRP A 445 44.31 -31.19 1.06
C TRP A 445 44.43 -31.27 -0.45
N PRO A 446 43.86 -32.34 -1.09
CA PRO A 446 43.86 -32.41 -2.55
C PRO A 446 42.98 -31.32 -3.18
N VAL A 447 43.34 -30.84 -4.40
CA VAL A 447 42.57 -29.79 -5.08
C VAL A 447 41.21 -30.33 -5.53
N PRO A 448 40.11 -29.58 -5.23
CA PRO A 448 38.77 -30.04 -5.65
C PRO A 448 38.62 -30.16 -7.16
N HIS A 449 37.63 -30.95 -7.63
CA HIS A 449 37.41 -31.07 -9.07
C HIS A 449 36.76 -29.78 -9.55
N GLY A 450 37.46 -29.08 -10.43
CA GLY A 450 36.97 -27.82 -10.99
C GLY A 450 37.47 -26.56 -10.34
N LEU A 451 38.35 -26.68 -9.32
CA LEU A 451 38.93 -25.51 -8.68
C LEU A 451 40.03 -24.98 -9.60
N GLU A 452 39.69 -23.96 -10.39
CA GLU A 452 40.57 -23.33 -11.36
C GLU A 452 41.55 -22.36 -10.72
N ASP A 453 41.18 -21.77 -9.58
CA ASP A 453 41.99 -20.80 -8.83
C ASP A 453 43.22 -21.43 -8.19
N LEU A 454 44.30 -20.65 -8.04
CA LEU A 454 45.54 -21.11 -7.42
C LEU A 454 45.41 -21.35 -5.93
N LEU A 455 44.54 -20.61 -5.25
CA LEU A 455 44.29 -20.79 -3.83
C LEU A 455 42.81 -21.13 -3.59
N ASN A 456 42.51 -21.72 -2.42
CA ASN A 456 41.14 -22.08 -2.03
C ASN A 456 40.82 -21.48 -0.63
N PRO A 457 40.44 -20.18 -0.55
CA PRO A 457 40.21 -19.58 0.78
C PRO A 457 38.89 -20.01 1.40
N ILE A 458 37.81 -20.27 0.57
CA ILE A 458 36.51 -20.71 1.11
C ILE A 458 36.55 -22.25 1.24
N GLY A 459 37.71 -22.74 1.67
CA GLY A 459 38.02 -24.13 1.92
C GLY A 459 38.13 -24.38 3.40
N VAL A 460 38.42 -25.62 3.75
CA VAL A 460 38.56 -26.09 5.12
C VAL A 460 39.84 -25.57 5.71
N THR A 461 39.69 -24.73 6.73
CA THR A 461 40.84 -24.18 7.42
C THR A 461 41.27 -25.21 8.51
N GLY A 462 42.38 -25.89 8.22
CA GLY A 462 42.98 -26.90 9.08
C GLY A 462 43.81 -27.89 8.30
N SER A 463 44.71 -28.63 8.99
CA SER A 463 45.56 -29.61 8.31
C SER A 463 44.86 -30.95 8.13
N ASN A 464 45.02 -31.56 6.94
CA ASN A 464 44.40 -32.84 6.59
C ASN A 464 44.60 -33.92 7.67
N PRO A 465 43.48 -34.50 8.23
CA PRO A 465 43.62 -35.59 9.20
C PRO A 465 44.35 -36.80 8.62
N ASN A 466 44.55 -36.82 7.28
CA ASN A 466 45.30 -37.87 6.57
C ASN A 466 46.76 -37.42 6.56
N LYS A 467 47.58 -38.04 7.39
CA LYS A 467 49.01 -37.74 7.47
C LYS A 467 49.80 -38.30 6.21
N GLU A 468 49.17 -39.19 5.42
CA GLU A 468 49.76 -39.80 4.22
C GLU A 468 49.52 -38.90 3.00
N THR A 469 49.91 -37.62 3.16
CA THR A 469 49.71 -36.53 2.19
C THR A 469 50.92 -35.55 2.18
N PRO A 470 51.11 -34.71 1.12
CA PRO A 470 52.19 -33.70 1.16
C PRO A 470 52.05 -32.79 2.37
N CYS A 471 53.08 -32.73 3.21
CA CYS A 471 53.07 -31.89 4.40
C CYS A 471 54.09 -30.76 4.24
N LEU A 472 53.65 -29.53 4.50
CA LEU A 472 54.55 -28.39 4.39
C LEU A 472 54.90 -27.77 5.78
N GLU A 473 56.20 -27.73 6.10
CA GLU A 473 56.68 -27.14 7.34
C GLU A 473 56.61 -25.61 7.20
N LEU A 474 56.31 -24.92 8.29
CA LEU A 474 56.16 -23.46 8.35
C LEU A 474 56.82 -22.92 9.59
N GLU A 475 57.15 -21.61 9.59
CA GLU A 475 57.72 -20.91 10.73
C GLU A 475 57.16 -19.51 10.82
N PHE A 476 56.61 -19.20 11.99
CA PHE A 476 56.01 -17.89 12.26
C PHE A 476 56.97 -17.08 13.14
N ASP A 477 56.95 -15.75 13.05
CA ASP A 477 57.84 -14.89 13.88
C ASP A 477 57.66 -15.15 15.38
N TRP A 478 58.75 -15.09 16.16
CA TRP A 478 58.62 -15.19 17.60
C TRP A 478 59.03 -13.86 18.20
N PHE A 479 58.02 -13.07 18.59
CA PHE A 479 58.25 -11.77 19.23
C PHE A 479 58.63 -11.99 20.71
N SER A 480 59.09 -10.94 21.40
CA SER A 480 59.57 -10.95 22.80
C SER A 480 58.99 -12.07 23.72
N SER A 481 57.65 -12.28 23.72
CA SER A 481 56.97 -13.33 24.50
C SER A 481 55.69 -13.86 23.79
N VAL A 482 54.57 -14.07 24.54
CA VAL A 482 53.31 -14.59 23.95
C VAL A 482 52.44 -13.42 23.46
N VAL A 483 52.03 -13.48 22.19
CA VAL A 483 51.23 -12.42 21.56
C VAL A 483 49.73 -12.78 21.58
N LYS A 484 48.89 -11.99 22.29
CA LYS A 484 47.45 -12.23 22.38
C LYS A 484 46.62 -11.06 21.83
N PHE A 485 45.52 -11.36 21.11
CA PHE A 485 44.61 -10.36 20.53
C PHE A 485 44.01 -9.49 21.64
N PRO A 486 43.93 -8.15 21.45
CA PRO A 486 43.45 -7.27 22.52
C PRO A 486 42.06 -7.54 23.08
N ASP A 487 41.85 -7.03 24.31
CA ASP A 487 40.58 -7.11 25.04
C ASP A 487 39.64 -6.06 24.47
N MET A 488 38.34 -6.15 24.79
CA MET A 488 37.36 -5.19 24.31
C MET A 488 37.57 -3.79 24.90
N SER A 489 38.11 -3.72 26.13
CA SER A 489 38.44 -2.49 26.83
C SER A 489 39.46 -1.69 25.99
N VAL A 490 40.48 -2.41 25.49
CA VAL A 490 41.58 -1.91 24.66
C VAL A 490 41.06 -1.45 23.29
N ILE A 491 40.20 -2.28 22.64
CA ILE A 491 39.60 -2.00 21.34
C ILE A 491 38.69 -0.77 21.41
N GLU A 492 37.83 -0.67 22.45
CA GLU A 492 36.91 0.46 22.66
C GLU A 492 37.66 1.75 22.86
N GLU A 493 38.77 1.69 23.61
CA GLU A 493 39.62 2.85 23.89
C GLU A 493 40.34 3.37 22.66
N HIS A 494 40.67 2.48 21.70
CA HIS A 494 41.32 2.84 20.46
C HIS A 494 40.31 3.42 19.47
N ALA A 495 39.10 2.87 19.47
CA ALA A 495 38.00 3.29 18.60
C ALA A 495 37.51 4.67 19.01
N ASN A 496 37.32 4.89 20.32
CA ASN A 496 36.84 6.18 20.85
C ASN A 496 37.91 7.28 20.69
N TRP A 497 39.14 6.90 20.27
CA TRP A 497 40.27 7.80 19.98
C TRP A 497 40.21 8.21 18.50
N SER A 498 40.29 7.19 17.60
CA SER A 498 40.25 7.30 16.14
C SER A 498 38.80 7.47 15.66
N LEU A 522 24.17 15.66 7.88
CA LEU A 522 23.29 14.71 7.18
C LEU A 522 22.26 15.44 6.30
N ARG A 523 22.28 15.14 4.98
CA ARG A 523 21.41 15.76 3.97
C ARG A 523 20.09 14.99 3.72
N GLU A 524 19.25 15.48 2.78
CA GLU A 524 17.94 14.89 2.44
C GLU A 524 18.04 13.70 1.49
N ASN A 525 18.78 13.85 0.38
CA ASN A 525 19.00 12.80 -0.64
C ASN A 525 19.83 11.63 -0.07
N ASP A 526 20.71 11.93 0.91
CA ASP A 526 21.62 11.00 1.59
C ASP A 526 20.84 9.92 2.35
N LYS A 527 19.73 10.32 3.03
CA LYS A 527 18.82 9.43 3.75
C LYS A 527 18.10 8.53 2.75
N GLU A 528 17.67 9.08 1.61
CA GLU A 528 17.00 8.34 0.52
C GLU A 528 17.96 7.31 -0.08
N GLN A 529 19.24 7.70 -0.24
CA GLN A 529 20.33 6.88 -0.78
C GLN A 529 20.64 5.68 0.11
N LEU A 530 20.60 5.87 1.45
CA LEU A 530 20.81 4.80 2.43
C LEU A 530 19.61 3.84 2.43
N LYS A 531 18.38 4.37 2.31
CA LYS A 531 17.14 3.59 2.23
C LYS A 531 17.13 2.72 0.96
N ALA A 532 17.79 3.19 -0.13
CA ALA A 532 17.89 2.50 -1.42
C ALA A 532 18.81 1.28 -1.34
N ILE A 533 19.98 1.44 -0.67
CA ILE A 533 21.00 0.41 -0.44
C ILE A 533 20.41 -0.68 0.50
N SER A 534 19.63 -0.23 1.52
CA SER A 534 18.97 -1.07 2.51
C SER A 534 18.07 -2.15 1.91
N THR A 535 17.17 -1.74 0.96
CA THR A 535 16.14 -2.54 0.25
C THR A 535 16.73 -3.60 -0.68
N ARG A 536 17.91 -3.29 -1.27
CA ARG A 536 18.65 -4.15 -2.20
C ARG A 536 18.94 -5.54 -1.62
N ASP A 537 18.73 -6.57 -2.44
CA ASP A 537 18.98 -7.97 -2.06
C ASP A 537 20.46 -8.22 -1.70
N PRO A 538 20.77 -9.27 -0.92
CA PRO A 538 22.19 -9.47 -0.52
C PRO A 538 23.15 -9.80 -1.66
N LEU A 539 22.61 -10.10 -2.85
CA LEU A 539 23.42 -10.44 -4.01
C LEU A 539 23.65 -9.25 -4.93
N SER A 540 22.94 -8.14 -4.67
CA SER A 540 23.08 -6.87 -5.41
C SER A 540 24.41 -6.25 -5.01
N GLU A 541 25.30 -6.06 -5.98
CA GLU A 541 26.64 -5.53 -5.77
C GLU A 541 26.63 -4.06 -5.33
N ILE A 542 27.37 -3.74 -4.25
CA ILE A 542 27.49 -2.38 -3.76
C ILE A 542 28.89 -1.84 -4.13
N THR A 543 28.90 -0.90 -5.08
CA THR A 543 30.07 -0.23 -5.64
C THR A 543 30.97 0.37 -4.55
N GLU A 544 32.28 0.48 -4.82
CA GLU A 544 33.26 1.06 -3.89
C GLU A 544 32.88 2.48 -3.49
N GLN A 545 32.10 3.19 -4.34
CA GLN A 545 31.58 4.55 -4.08
C GLN A 545 30.47 4.49 -3.04
N GLU A 546 29.61 3.45 -3.12
CA GLU A 546 28.52 3.21 -2.18
C GLU A 546 29.12 2.74 -0.87
N LYS A 547 30.18 1.88 -0.93
CA LYS A 547 30.92 1.34 0.21
C LYS A 547 31.50 2.48 1.05
N ASP A 548 32.13 3.49 0.39
CA ASP A 548 32.68 4.70 1.02
C ASP A 548 31.57 5.54 1.64
N PHE A 549 30.41 5.60 0.95
CA PHE A 549 29.22 6.34 1.40
C PHE A 549 28.64 5.72 2.68
N LEU A 550 28.50 4.38 2.73
CA LEU A 550 27.99 3.70 3.92
C LEU A 550 28.91 3.93 5.11
N TRP A 551 30.22 3.66 4.94
CA TRP A 551 31.20 3.85 6.01
C TRP A 551 31.20 5.30 6.56
N SER A 552 31.16 6.31 5.66
CA SER A 552 31.13 7.73 6.03
C SER A 552 29.85 8.13 6.76
N HIS A 553 28.80 7.31 6.63
CA HIS A 553 27.51 7.54 7.28
C HIS A 553 27.19 6.43 8.28
N ARG A 554 28.22 5.71 8.78
CA ARG A 554 28.07 4.59 9.71
C ARG A 554 27.29 4.90 11.01
N HIS A 555 27.41 6.13 11.53
CA HIS A 555 26.70 6.52 12.76
C HIS A 555 25.21 6.65 12.53
N TYR A 556 24.80 7.17 11.35
CA TYR A 556 23.39 7.27 10.98
C TYR A 556 22.82 5.86 10.75
N CYS A 557 23.62 4.94 10.17
CA CYS A 557 23.23 3.57 9.85
C CYS A 557 22.57 2.83 11.00
N VAL A 558 22.85 3.22 12.25
CA VAL A 558 22.27 2.61 13.45
C VAL A 558 20.74 2.83 13.48
N THR A 559 20.26 3.97 12.91
CA THR A 559 18.83 4.36 12.84
C THR A 559 18.06 3.51 11.83
N ILE A 560 18.78 2.92 10.87
CA ILE A 560 18.29 1.96 9.87
C ILE A 560 19.10 0.63 10.09
N PRO A 561 18.77 -0.16 11.18
CA PRO A 561 19.61 -1.32 11.57
C PRO A 561 19.74 -2.48 10.60
N GLU A 562 18.73 -2.69 9.76
CA GLU A 562 18.70 -3.75 8.76
C GLU A 562 19.74 -3.52 7.62
N ILE A 563 20.62 -2.50 7.78
CA ILE A 563 21.66 -2.26 6.79
C ILE A 563 23.02 -2.73 7.31
N LEU A 564 23.06 -3.31 8.54
CA LEU A 564 24.27 -3.85 9.14
C LEU A 564 25.06 -4.77 8.17
N PRO A 565 24.44 -5.73 7.44
CA PRO A 565 25.27 -6.56 6.53
C PRO A 565 25.92 -5.78 5.39
N LYS A 566 25.23 -4.72 4.87
CA LYS A 566 25.77 -3.88 3.79
C LYS A 566 26.89 -3.00 4.34
N LEU A 567 26.76 -2.54 5.61
CA LEU A 567 27.76 -1.68 6.27
C LEU A 567 29.00 -2.48 6.61
N LEU A 568 28.81 -3.74 7.03
CA LEU A 568 29.93 -4.62 7.40
C LEU A 568 30.81 -4.98 6.24
N LEU A 569 30.24 -4.93 5.02
CA LEU A 569 30.97 -5.23 3.80
C LEU A 569 31.72 -4.02 3.28
N SER A 570 31.40 -2.83 3.82
CA SER A 570 32.03 -1.55 3.48
C SER A 570 33.26 -1.23 4.36
N VAL A 571 33.49 -2.03 5.43
CA VAL A 571 34.62 -1.86 6.35
C VAL A 571 35.90 -2.39 5.69
N LYS A 572 37.03 -1.71 5.95
CA LYS A 572 38.35 -2.16 5.54
C LYS A 572 38.78 -3.07 6.70
N TRP A 573 38.63 -4.39 6.53
CA TRP A 573 38.97 -5.35 7.58
C TRP A 573 40.49 -5.44 7.81
N ASN A 574 41.26 -4.94 6.83
CA ASN A 574 42.71 -4.84 6.90
C ASN A 574 43.17 -3.61 7.70
N SER A 575 42.23 -2.87 8.33
CA SER A 575 42.54 -1.69 9.12
C SER A 575 41.92 -1.75 10.49
N ARG A 576 42.79 -1.79 11.52
CA ARG A 576 42.38 -1.79 12.94
C ARG A 576 41.64 -0.48 13.27
N ASP A 577 41.99 0.63 12.58
CA ASP A 577 41.39 1.97 12.73
C ASP A 577 39.88 1.92 12.42
N GLU A 578 39.51 1.15 11.37
CA GLU A 578 38.13 0.98 10.92
C GLU A 578 37.44 -0.10 11.76
N VAL A 579 38.06 -1.29 11.89
CA VAL A 579 37.53 -2.47 12.62
C VAL A 579 37.18 -2.16 14.08
N ALA A 580 38.04 -1.46 14.83
CA ALA A 580 37.77 -1.09 16.22
C ALA A 580 36.48 -0.27 16.33
N GLN A 581 36.27 0.69 15.40
CA GLN A 581 35.08 1.54 15.33
C GLN A 581 33.83 0.71 15.02
N MET A 582 33.98 -0.26 14.10
CA MET A 582 32.93 -1.18 13.71
C MET A 582 32.53 -2.07 14.88
N TYR A 583 33.52 -2.56 15.65
CA TYR A 583 33.33 -3.40 16.82
C TYR A 583 32.41 -2.71 17.83
N CYS A 584 32.67 -1.40 18.11
CA CYS A 584 31.89 -0.55 19.02
C CYS A 584 30.47 -0.39 18.56
N LEU A 585 30.26 -0.17 17.23
CA LEU A 585 28.95 0.00 16.61
C LEU A 585 28.14 -1.27 16.77
N VAL A 586 28.78 -2.45 16.55
CA VAL A 586 28.15 -3.77 16.68
C VAL A 586 27.73 -4.01 18.13
N LYS A 587 28.62 -3.71 19.11
CA LYS A 587 28.38 -3.86 20.55
C LYS A 587 27.02 -3.31 20.96
N ASP A 588 26.73 -2.05 20.55
CA ASP A 588 25.49 -1.34 20.87
C ASP A 588 24.48 -1.29 19.70
N TRP A 589 24.63 -2.19 18.71
CA TRP A 589 23.73 -2.26 17.56
C TRP A 589 22.40 -2.86 17.97
N PRO A 590 21.27 -2.21 17.58
CA PRO A 590 19.94 -2.74 17.92
C PRO A 590 19.72 -4.13 17.31
N PRO A 591 18.93 -5.03 17.94
CA PRO A 591 18.75 -6.34 17.31
C PRO A 591 17.86 -6.29 16.07
N ILE A 592 18.14 -7.22 15.17
CA ILE A 592 17.46 -7.37 13.90
C ILE A 592 16.73 -8.74 13.85
N LYS A 593 15.71 -8.86 12.97
CA LYS A 593 14.91 -10.06 12.78
C LYS A 593 15.81 -11.28 12.61
N PRO A 594 15.45 -12.48 13.13
CA PRO A 594 16.32 -13.66 12.96
C PRO A 594 16.69 -13.93 11.50
N GLU A 595 15.69 -13.85 10.59
CA GLU A 595 15.82 -14.03 9.13
C GLU A 595 16.86 -13.09 8.52
N GLN A 596 17.09 -11.92 9.15
CA GLN A 596 18.07 -10.91 8.73
C GLN A 596 19.44 -11.27 9.36
N ALA A 597 19.44 -11.60 10.66
CA ALA A 597 20.60 -11.97 11.48
C ALA A 597 21.27 -13.28 11.01
N MET A 598 20.54 -14.16 10.32
CA MET A 598 21.05 -15.44 9.80
C MET A 598 22.11 -15.22 8.74
N GLU A 599 21.94 -14.19 7.89
CA GLU A 599 22.87 -13.81 6.82
C GLU A 599 24.26 -13.51 7.41
N LEU A 600 24.31 -12.87 8.61
CA LEU A 600 25.56 -12.58 9.34
C LEU A 600 26.33 -13.85 9.78
N LEU A 601 25.75 -15.04 9.53
CA LEU A 601 26.37 -16.33 9.85
C LEU A 601 26.89 -17.09 8.59
N ASP A 602 26.71 -16.53 7.35
CA ASP A 602 27.22 -17.17 6.13
C ASP A 602 28.74 -16.89 5.92
N CYS A 603 29.29 -17.21 4.74
CA CYS A 603 30.73 -17.10 4.40
C CYS A 603 31.28 -15.65 4.36
N ASN A 604 30.41 -14.66 4.01
CA ASN A 604 30.80 -13.25 3.92
C ASN A 604 31.11 -12.61 5.28
N TYR A 605 30.66 -13.22 6.40
CA TYR A 605 30.83 -12.61 7.72
C TYR A 605 31.65 -13.50 8.70
N PRO A 606 33.02 -13.51 8.55
CA PRO A 606 33.85 -14.40 9.40
C PRO A 606 34.22 -13.86 10.79
N ASP A 607 34.05 -12.56 10.99
CA ASP A 607 34.40 -11.89 12.23
C ASP A 607 33.59 -12.41 13.44
N PRO A 608 34.26 -12.73 14.57
CA PRO A 608 33.54 -13.27 15.74
C PRO A 608 32.52 -12.33 16.41
N MET A 609 32.76 -11.00 16.36
CA MET A 609 31.87 -9.99 16.94
C MET A 609 30.56 -9.91 16.18
N VAL A 610 30.66 -9.99 14.83
CA VAL A 610 29.53 -9.97 13.89
C VAL A 610 28.67 -11.20 14.15
N ARG A 611 29.31 -12.37 14.15
CA ARG A 611 28.69 -13.66 14.40
C ARG A 611 28.06 -13.72 15.79
N GLY A 612 28.71 -13.12 16.79
CA GLY A 612 28.21 -13.08 18.16
C GLY A 612 26.90 -12.34 18.23
N PHE A 613 26.82 -11.18 17.55
CA PHE A 613 25.63 -10.34 17.42
C PHE A 613 24.54 -11.21 16.80
N ALA A 614 24.84 -11.85 15.64
CA ALA A 614 23.90 -12.72 14.94
C ALA A 614 23.27 -13.75 15.89
N VAL A 615 24.11 -14.50 16.63
CA VAL A 615 23.67 -15.51 17.59
C VAL A 615 22.78 -14.90 18.67
N ARG A 616 23.18 -13.73 19.24
CA ARG A 616 22.39 -13.03 20.26
C ARG A 616 20.97 -12.66 19.79
N CYS A 617 20.79 -12.33 18.49
CA CYS A 617 19.50 -12.02 17.88
C CYS A 617 18.63 -13.27 17.85
N LEU A 618 19.25 -14.43 17.52
CA LEU A 618 18.56 -15.70 17.45
C LEU A 618 18.18 -16.15 18.85
N GLU A 619 19.07 -15.94 19.84
CA GLU A 619 18.82 -16.26 21.25
C GLU A 619 17.62 -15.47 21.78
N LYS A 620 17.45 -14.23 21.29
CA LYS A 620 16.38 -13.33 21.72
C LYS A 620 15.06 -13.44 20.91
N TYR A 621 15.14 -13.70 19.58
CA TYR A 621 13.98 -13.66 18.68
C TYR A 621 13.58 -14.96 17.97
N LEU A 622 14.50 -15.93 17.85
CA LEU A 622 14.18 -17.16 17.10
C LEU A 622 13.30 -18.15 17.89
N THR A 623 12.05 -18.36 17.41
CA THR A 623 11.09 -19.33 17.98
C THR A 623 11.55 -20.76 17.67
N ASP A 624 11.10 -21.73 18.48
CA ASP A 624 11.44 -23.14 18.23
C ASP A 624 10.85 -23.56 16.90
N ASP A 625 9.64 -23.04 16.56
CA ASP A 625 8.98 -23.31 15.27
C ASP A 625 9.92 -22.94 14.11
N LYS A 626 10.39 -21.69 14.10
CA LYS A 626 11.28 -21.16 13.08
C LYS A 626 12.70 -21.76 13.14
N LEU A 627 13.23 -22.11 14.34
CA LEU A 627 14.54 -22.76 14.44
C LEU A 627 14.45 -24.14 13.74
N SER A 628 13.32 -24.84 13.91
CA SER A 628 13.09 -26.11 13.24
C SER A 628 13.00 -25.89 11.73
N GLN A 629 12.38 -24.77 11.30
CA GLN A 629 12.19 -24.34 9.90
C GLN A 629 13.55 -24.01 9.16
N TYR A 630 14.56 -23.45 9.88
CA TYR A 630 15.89 -23.10 9.35
C TYR A 630 17.05 -23.94 9.93
N LEU A 631 16.77 -25.16 10.50
CA LEU A 631 17.83 -25.97 11.12
C LEU A 631 18.86 -26.50 10.12
N ILE A 632 18.45 -26.83 8.88
CA ILE A 632 19.34 -27.32 7.81
C ILE A 632 20.51 -26.33 7.60
N GLN A 633 20.19 -25.03 7.38
CA GLN A 633 21.14 -23.94 7.15
C GLN A 633 21.97 -23.68 8.38
N LEU A 634 21.31 -23.62 9.57
CA LEU A 634 21.99 -23.39 10.84
C LEU A 634 23.06 -24.44 11.15
N VAL A 635 22.86 -25.71 10.70
CA VAL A 635 23.84 -26.78 10.85
C VAL A 635 25.05 -26.52 9.90
N GLN A 636 24.78 -26.15 8.61
CA GLN A 636 25.83 -25.92 7.60
C GLN A 636 26.73 -24.78 7.97
N VAL A 637 26.16 -23.76 8.52
CA VAL A 637 26.82 -22.52 8.88
C VAL A 637 27.83 -22.73 10.03
N LEU A 638 27.74 -23.88 10.78
CA LEU A 638 28.70 -24.26 11.86
C LEU A 638 30.06 -24.53 11.21
N LYS A 639 30.03 -25.05 9.96
CA LYS A 639 31.22 -25.37 9.17
C LYS A 639 32.10 -24.14 8.97
N TYR A 640 31.49 -22.92 8.87
CA TYR A 640 32.18 -21.63 8.68
C TYR A 640 32.77 -21.09 9.98
N GLU A 641 32.60 -21.78 11.12
CA GLU A 641 33.11 -21.26 12.38
C GLU A 641 34.60 -21.60 12.52
N GLN A 642 35.41 -20.65 12.99
CA GLN A 642 36.86 -20.83 13.06
C GLN A 642 37.28 -21.91 14.04
N TYR A 643 36.56 -21.97 15.18
CA TYR A 643 36.87 -22.86 16.29
C TYR A 643 35.68 -23.73 16.71
N LEU A 644 35.98 -24.83 17.41
CA LEU A 644 35.02 -25.85 17.84
C LEU A 644 34.01 -25.32 18.84
N ASP A 645 34.53 -24.61 19.88
CA ASP A 645 33.74 -24.04 20.96
C ASP A 645 33.44 -22.60 20.59
N ASN A 646 32.16 -22.34 20.29
CA ASN A 646 31.67 -21.03 19.85
C ASN A 646 30.22 -20.83 20.28
N LEU A 647 29.74 -19.58 20.22
CA LEU A 647 28.39 -19.20 20.63
C LEU A 647 27.29 -19.81 19.77
N LEU A 648 27.57 -20.12 18.48
CA LEU A 648 26.55 -20.75 17.63
C LEU A 648 26.29 -22.21 18.04
N VAL A 649 27.36 -23.02 18.20
CA VAL A 649 27.31 -24.44 18.61
C VAL A 649 26.63 -24.51 19.96
N ARG A 650 27.09 -23.68 20.91
CA ARG A 650 26.55 -23.61 22.27
C ARG A 650 25.04 -23.34 22.29
N PHE A 651 24.57 -22.46 21.36
CA PHE A 651 23.15 -22.09 21.20
C PHE A 651 22.38 -23.27 20.63
N LEU A 652 22.81 -23.79 19.45
CA LEU A 652 22.16 -24.91 18.79
C LEU A 652 22.08 -26.15 19.66
N LEU A 653 23.17 -26.46 20.39
CA LEU A 653 23.20 -27.61 21.30
C LEU A 653 22.16 -27.47 22.42
N LYS A 654 22.11 -26.32 23.12
CA LYS A 654 21.15 -26.06 24.19
C LYS A 654 19.70 -26.22 23.71
N LYS A 655 19.38 -25.72 22.51
CA LYS A 655 18.03 -25.81 21.93
C LYS A 655 17.63 -27.28 21.61
N ALA A 656 18.61 -28.08 21.12
CA ALA A 656 18.45 -29.51 20.79
C ALA A 656 18.25 -30.37 22.05
N LEU A 657 18.93 -29.98 23.16
CA LEU A 657 18.86 -30.69 24.45
C LEU A 657 17.71 -30.19 25.30
N THR A 658 16.92 -29.28 24.71
CA THR A 658 15.81 -28.58 25.34
C THR A 658 14.46 -28.96 24.69
N ASN A 659 14.49 -29.39 23.41
CA ASN A 659 13.34 -29.77 22.60
C ASN A 659 13.76 -30.98 21.76
N GLN A 660 13.13 -32.16 22.02
CA GLN A 660 13.48 -33.40 21.33
C GLN A 660 13.17 -33.38 19.83
N ARG A 661 12.18 -32.54 19.36
CA ARG A 661 11.86 -32.41 17.91
C ARG A 661 13.12 -31.83 17.26
N ILE A 662 13.67 -30.70 17.79
CA ILE A 662 14.90 -30.07 17.33
C ILE A 662 16.08 -31.08 17.51
N GLY A 663 16.21 -31.68 18.70
CA GLY A 663 17.25 -32.65 18.99
C GLY A 663 17.37 -33.79 17.97
N HIS A 664 16.22 -34.34 17.54
CA HIS A 664 16.10 -35.43 16.59
C HIS A 664 16.68 -35.06 15.25
N PHE A 665 16.23 -33.94 14.67
CA PHE A 665 16.73 -33.54 13.37
C PHE A 665 18.16 -32.98 13.46
N PHE A 666 18.54 -32.36 14.61
CA PHE A 666 19.92 -31.89 14.86
C PHE A 666 20.83 -33.11 14.80
N PHE A 667 20.38 -34.25 15.39
CA PHE A 667 21.12 -35.52 15.37
C PHE A 667 21.31 -35.98 13.91
N TRP A 668 20.19 -36.21 13.19
CA TRP A 668 20.22 -36.74 11.83
C TRP A 668 20.94 -35.87 10.84
N HIS A 669 20.83 -34.55 10.96
CA HIS A 669 21.53 -33.64 10.06
C HIS A 669 23.04 -33.74 10.24
N LEU A 670 23.50 -33.83 11.50
CA LEU A 670 24.90 -33.96 11.80
C LEU A 670 25.40 -35.33 11.46
N LYS A 671 24.64 -36.39 11.83
CA LYS A 671 24.98 -37.81 11.57
C LYS A 671 25.18 -38.14 10.12
N SER A 672 24.36 -37.58 9.24
CA SER A 672 24.39 -37.79 7.80
C SER A 672 25.68 -37.34 7.15
N GLU A 673 26.40 -36.37 7.77
CA GLU A 673 27.66 -35.84 7.24
C GLU A 673 28.91 -36.46 7.87
N MET A 674 28.77 -37.54 8.66
CA MET A 674 29.89 -38.18 9.34
C MET A 674 30.86 -38.89 8.40
N HIS A 675 30.57 -38.89 7.09
CA HIS A 675 31.45 -39.49 6.07
C HIS A 675 32.47 -38.44 5.59
N ASN A 676 32.06 -37.17 5.48
CA ASN A 676 32.84 -36.03 5.04
C ASN A 676 33.87 -35.72 6.13
N LYS A 677 35.15 -36.07 5.88
CA LYS A 677 36.28 -35.92 6.79
C LYS A 677 36.62 -34.45 7.08
N THR A 678 36.17 -33.52 6.22
CA THR A 678 36.37 -32.09 6.43
C THR A 678 35.49 -31.57 7.59
N VAL A 679 34.52 -32.41 8.10
CA VAL A 679 33.59 -32.06 9.19
C VAL A 679 33.41 -33.17 10.25
N SER A 680 33.91 -34.39 9.95
CA SER A 680 33.90 -35.59 10.80
C SER A 680 34.19 -35.32 12.29
N GLN A 681 35.27 -34.59 12.61
CA GLN A 681 35.66 -34.34 14.00
C GLN A 681 34.74 -33.36 14.70
N ARG A 682 34.47 -32.19 14.09
CA ARG A 682 33.60 -31.15 14.66
C ARG A 682 32.20 -31.72 14.92
N PHE A 683 31.62 -32.42 13.93
CA PHE A 683 30.29 -33.03 14.03
C PHE A 683 30.28 -34.21 15.00
N GLY A 684 31.35 -35.01 15.00
CA GLY A 684 31.53 -36.15 15.89
C GLY A 684 31.55 -35.75 17.36
N LEU A 685 32.36 -34.72 17.67
CA LEU A 685 32.48 -34.15 19.00
C LEU A 685 31.14 -33.54 19.46
N LEU A 686 30.40 -32.94 18.52
CA LEU A 686 29.11 -32.31 18.77
C LEU A 686 28.08 -33.39 19.06
N LEU A 687 28.07 -34.48 18.26
CA LEU A 687 27.15 -35.60 18.43
C LEU A 687 27.41 -36.30 19.76
N GLU A 688 28.69 -36.39 20.19
CA GLU A 688 29.05 -37.00 21.49
C GLU A 688 28.38 -36.23 22.64
N SER A 689 28.52 -34.89 22.62
CA SER A 689 27.94 -33.99 23.64
C SER A 689 26.42 -34.02 23.65
N TYR A 690 25.78 -34.17 22.44
CA TYR A 690 24.34 -34.25 22.34
C TYR A 690 23.89 -35.57 22.94
N CYS A 691 24.52 -36.70 22.50
CA CYS A 691 24.17 -38.05 22.93
C CYS A 691 24.36 -38.29 24.41
N ARG A 692 25.34 -37.62 25.00
CA ARG A 692 25.63 -37.70 26.42
C ARG A 692 24.54 -37.08 27.26
N ALA A 693 23.88 -36.01 26.76
CA ALA A 693 22.87 -35.29 27.54
C ALA A 693 21.42 -35.39 27.04
N CYS A 694 21.12 -36.10 25.93
CA CYS A 694 19.75 -36.17 25.41
C CYS A 694 18.78 -37.05 26.23
N GLY A 695 19.30 -37.90 27.11
CA GLY A 695 18.47 -38.77 27.90
C GLY A 695 18.15 -40.07 27.21
N MET A 696 16.94 -40.59 27.42
CA MET A 696 16.51 -41.87 26.84
C MET A 696 16.38 -41.86 25.34
N TYR A 697 16.27 -40.68 24.71
CA TYR A 697 16.18 -40.60 23.26
C TYR A 697 17.34 -41.27 22.53
N LEU A 698 18.51 -41.38 23.19
CA LEU A 698 19.67 -42.01 22.58
C LEU A 698 19.37 -43.49 22.26
N LYS A 699 18.52 -44.15 23.08
CA LYS A 699 18.14 -45.54 22.87
C LYS A 699 17.25 -45.69 21.63
N HIS A 700 16.35 -44.72 21.40
CA HIS A 700 15.47 -44.69 20.22
C HIS A 700 16.28 -44.38 18.98
N LEU A 701 17.24 -43.44 19.09
CA LEU A 701 18.16 -43.07 18.02
C LEU A 701 19.02 -44.28 17.61
N ASN A 702 19.44 -45.11 18.59
CA ASN A 702 20.23 -46.30 18.31
C ASN A 702 19.39 -47.29 17.52
N ARG A 703 18.08 -47.41 17.88
CA ARG A 703 17.16 -48.31 17.17
C ARG A 703 16.93 -47.92 15.72
N GLN A 704 16.91 -46.60 15.44
CA GLN A 704 16.73 -46.02 14.11
C GLN A 704 18.01 -46.25 13.31
N VAL A 705 19.18 -46.02 13.94
CA VAL A 705 20.49 -46.26 13.32
C VAL A 705 20.65 -47.74 12.93
N GLU A 706 20.30 -48.67 13.84
CA GLU A 706 20.29 -50.12 13.63
C GLU A 706 19.42 -50.46 12.40
N ALA A 707 18.15 -49.97 12.39
CA ALA A 707 17.20 -50.19 11.28
C ALA A 707 17.78 -49.74 9.95
N MET A 708 18.32 -48.50 9.88
CA MET A 708 18.93 -47.92 8.66
C MET A 708 20.11 -48.74 8.14
N GLU A 709 20.94 -49.25 9.07
CA GLU A 709 22.11 -50.08 8.78
C GLU A 709 21.73 -51.36 8.08
N LYS A 710 20.64 -52.01 8.52
CA LYS A 710 20.10 -53.23 7.88
C LYS A 710 19.64 -52.86 6.46
N LEU A 711 18.85 -51.78 6.33
CA LEU A 711 18.32 -51.29 5.06
C LEU A 711 19.43 -50.95 4.04
N ILE A 712 20.47 -50.23 4.48
CA ILE A 712 21.63 -49.88 3.66
C ILE A 712 22.27 -51.19 3.18
N ASN A 713 22.46 -52.20 4.07
CA ASN A 713 23.07 -53.49 3.74
C ASN A 713 22.25 -54.32 2.74
N LEU A 714 20.92 -54.42 2.94
CA LEU A 714 20.02 -55.15 2.06
C LEU A 714 19.98 -54.51 0.66
N THR A 715 19.98 -53.17 0.58
CA THR A 715 19.98 -52.47 -0.71
C THR A 715 21.33 -52.57 -1.41
N ASP A 716 22.46 -52.57 -0.64
CA ASP A 716 23.81 -52.68 -1.21
C ASP A 716 23.90 -54.03 -1.93
N ILE A 717 23.40 -55.12 -1.28
CA ILE A 717 23.35 -56.48 -1.82
C ILE A 717 22.59 -56.52 -3.15
N LEU A 718 21.40 -55.84 -3.20
CA LEU A 718 20.55 -55.75 -4.38
C LEU A 718 21.20 -54.93 -5.51
N LYS A 719 21.96 -53.91 -5.14
CA LYS A 719 22.65 -53.05 -6.10
C LYS A 719 23.98 -53.64 -6.60
N GLN A 720 24.62 -54.54 -5.81
CA GLN A 720 25.91 -55.12 -6.13
C GLN A 720 25.82 -56.59 -6.55
N GLU A 721 25.93 -57.57 -5.63
CA GLU A 721 25.90 -59.00 -5.97
C GLU A 721 24.72 -59.39 -6.87
N LYS A 722 23.50 -59.09 -6.41
CA LYS A 722 22.26 -59.43 -7.08
C LYS A 722 21.92 -58.49 -8.28
N LYS A 723 22.69 -57.39 -8.47
CA LYS A 723 22.59 -56.40 -9.56
C LYS A 723 21.93 -56.90 -10.87
N ASP A 724 22.43 -58.02 -11.42
CA ASP A 724 21.99 -58.59 -12.70
C ASP A 724 20.81 -59.59 -12.63
N GLU A 725 20.09 -59.61 -11.52
CA GLU A 725 18.96 -60.51 -11.32
C GLU A 725 17.59 -59.88 -11.65
N THR A 726 16.67 -60.67 -12.26
CA THR A 726 15.32 -60.24 -12.61
C THR A 726 14.55 -59.85 -11.35
N GLN A 727 13.67 -58.83 -11.44
CA GLN A 727 12.84 -58.33 -10.32
C GLN A 727 12.21 -59.48 -9.52
N LYS A 728 11.65 -60.49 -10.23
CA LYS A 728 11.02 -61.68 -9.67
C LYS A 728 11.98 -62.32 -8.66
N VAL A 729 13.21 -62.64 -9.11
CA VAL A 729 14.29 -63.24 -8.32
C VAL A 729 14.68 -62.38 -7.09
N GLN A 730 14.96 -61.10 -7.32
CA GLN A 730 15.34 -60.11 -6.33
C GLN A 730 14.26 -59.99 -5.23
N MET A 731 12.97 -60.06 -5.63
CA MET A 731 11.86 -60.00 -4.69
C MET A 731 11.84 -61.24 -3.80
N LYS A 732 12.05 -62.43 -4.37
CA LYS A 732 12.10 -63.69 -3.61
C LYS A 732 13.15 -63.62 -2.52
N PHE A 733 14.31 -63.03 -2.85
CA PHE A 733 15.42 -62.79 -1.93
C PHE A 733 15.01 -61.80 -0.83
N LEU A 734 14.37 -60.66 -1.22
CA LEU A 734 13.92 -59.60 -0.29
C LEU A 734 13.01 -60.23 0.75
N VAL A 735 12.00 -60.98 0.30
CA VAL A 735 11.03 -61.70 1.12
C VAL A 735 11.74 -62.66 2.09
N GLU A 736 12.70 -63.46 1.60
CA GLU A 736 13.49 -64.37 2.41
C GLU A 736 14.22 -63.60 3.50
N GLN A 737 14.88 -62.50 3.11
CA GLN A 737 15.66 -61.67 4.01
C GLN A 737 14.84 -60.98 5.09
N MET A 738 13.73 -60.31 4.71
CA MET A 738 12.91 -59.58 5.66
C MET A 738 12.24 -60.46 6.73
N ARG A 739 11.99 -61.73 6.39
CA ARG A 739 11.40 -62.80 7.21
C ARG A 739 12.34 -63.21 8.36
N ARG A 740 13.69 -63.13 8.14
CA ARG A 740 14.75 -63.51 9.11
C ARG A 740 14.55 -62.78 10.47
N PRO A 741 14.82 -63.45 11.62
CA PRO A 741 14.55 -62.83 12.93
C PRO A 741 15.14 -61.45 13.16
N ASP A 742 16.46 -61.30 12.94
CA ASP A 742 17.25 -60.10 13.12
C ASP A 742 16.63 -58.87 12.46
N PHE A 743 16.08 -59.05 11.24
CA PHE A 743 15.44 -58.00 10.44
C PHE A 743 14.09 -57.63 11.06
N MET A 744 13.26 -58.65 11.35
CA MET A 744 11.94 -58.54 11.98
C MET A 744 12.05 -57.83 13.32
N ASP A 745 13.18 -58.04 14.02
CA ASP A 745 13.49 -57.40 15.28
C ASP A 745 13.87 -55.96 15.05
N ALA A 746 14.84 -55.71 14.14
CA ALA A 746 15.42 -54.40 13.79
C ALA A 746 14.46 -53.40 13.22
N LEU A 747 13.66 -53.83 12.22
CA LEU A 747 12.72 -53.04 11.41
C LEU A 747 11.29 -52.96 11.94
N GLN A 748 10.97 -53.59 13.06
CA GLN A 748 9.63 -53.50 13.61
C GLN A 748 9.67 -52.88 14.99
N GLY A 749 8.78 -51.93 15.22
CA GLY A 749 8.65 -51.28 16.52
C GLY A 749 9.72 -50.26 16.86
N PHE A 750 9.81 -49.18 16.03
CA PHE A 750 10.73 -48.04 16.17
C PHE A 750 10.08 -46.72 15.70
N LEU A 751 10.78 -45.58 15.87
CA LEU A 751 10.19 -44.29 15.52
C LEU A 751 10.64 -43.82 14.17
N SER A 752 9.69 -43.33 13.34
CA SER A 752 10.03 -42.87 12.00
C SER A 752 11.10 -41.74 12.02
N PRO A 753 12.31 -41.94 11.44
CA PRO A 753 13.29 -40.83 11.42
C PRO A 753 12.72 -39.60 10.71
N LEU A 754 11.78 -39.79 9.76
CA LEU A 754 11.18 -38.67 9.02
C LEU A 754 10.31 -37.82 9.93
N ASN A 755 9.68 -38.44 10.95
CA ASN A 755 8.84 -37.82 11.96
C ASN A 755 8.72 -38.75 13.18
N PRO A 756 9.47 -38.48 14.28
CA PRO A 756 9.41 -39.39 15.45
C PRO A 756 8.04 -39.55 16.13
N ALA A 757 7.07 -38.66 15.82
CA ALA A 757 5.71 -38.74 16.37
C ALA A 757 4.95 -39.92 15.76
N HIS A 758 5.54 -40.55 14.72
CA HIS A 758 5.01 -41.69 14.02
C HIS A 758 5.75 -42.95 14.41
N GLN A 759 5.08 -43.81 15.18
CA GLN A 759 5.62 -45.09 15.61
C GLN A 759 5.43 -46.11 14.48
N LEU A 760 6.51 -46.78 14.08
CA LEU A 760 6.50 -47.80 13.04
C LEU A 760 6.42 -49.13 13.79
N GLY A 761 5.25 -49.77 13.68
CA GLY A 761 4.96 -51.04 14.34
C GLY A 761 5.44 -52.23 13.53
N ASN A 762 4.55 -53.21 13.36
CA ASN A 762 4.85 -54.42 12.60
C ASN A 762 4.83 -54.16 11.11
N LEU A 763 5.81 -54.72 10.40
CA LEU A 763 5.98 -54.62 8.96
C LEU A 763 4.84 -55.36 8.26
N ARG A 764 4.22 -54.71 7.25
CA ARG A 764 3.18 -55.27 6.38
C ARG A 764 3.96 -55.84 5.16
N LEU A 765 4.64 -56.97 5.37
CA LEU A 765 5.50 -57.64 4.39
C LEU A 765 4.87 -57.81 3.00
N GLU A 766 3.55 -58.06 2.92
CA GLU A 766 2.80 -58.18 1.66
C GLU A 766 2.84 -56.89 0.82
N GLU A 767 2.89 -55.73 1.51
CA GLU A 767 2.92 -54.40 0.92
C GLU A 767 4.34 -53.86 0.68
N CYS A 768 5.36 -54.60 1.17
CA CYS A 768 6.77 -54.24 1.00
C CYS A 768 7.31 -54.79 -0.31
N ARG A 769 8.06 -53.95 -1.04
CA ARG A 769 8.59 -54.29 -2.38
C ARG A 769 9.83 -53.49 -2.76
N ILE A 770 10.55 -53.97 -3.80
CA ILE A 770 11.69 -53.27 -4.40
C ILE A 770 11.04 -52.52 -5.56
N MET A 771 11.16 -51.19 -5.56
CA MET A 771 10.56 -50.37 -6.61
C MET A 771 11.27 -50.67 -7.94
N SER A 772 10.52 -50.72 -9.06
CA SER A 772 11.01 -51.07 -10.41
C SER A 772 12.12 -50.17 -10.95
N SER A 773 12.14 -48.92 -10.49
CA SER A 773 13.13 -47.92 -10.89
C SER A 773 14.57 -48.33 -10.56
N ALA A 774 15.52 -47.71 -11.26
CA ALA A 774 16.95 -47.91 -11.08
C ALA A 774 17.35 -47.29 -9.72
N LYS A 775 18.42 -47.84 -9.11
CA LYS A 775 18.98 -47.51 -7.77
C LYS A 775 18.35 -48.40 -6.69
N ARG A 776 17.28 -49.13 -7.06
CA ARG A 776 16.52 -50.09 -6.23
C ARG A 776 16.00 -49.45 -4.90
N PRO A 777 14.94 -48.60 -4.98
CA PRO A 777 14.39 -48.03 -3.77
C PRO A 777 13.49 -49.08 -3.10
N LEU A 778 13.34 -49.01 -1.78
CA LEU A 778 12.51 -49.96 -1.08
C LEU A 778 11.26 -49.29 -0.60
N TRP A 779 10.12 -49.81 -1.02
CA TRP A 779 8.84 -49.34 -0.58
C TRP A 779 8.52 -50.15 0.65
N LEU A 780 8.53 -49.51 1.82
CA LEU A 780 8.25 -50.20 3.07
C LEU A 780 6.98 -49.71 3.69
N ASN A 781 6.19 -50.66 4.22
CA ASN A 781 4.91 -50.40 4.85
C ASN A 781 4.90 -50.98 6.26
N TRP A 782 4.48 -50.17 7.25
CA TRP A 782 4.36 -50.56 8.65
C TRP A 782 2.95 -50.25 9.18
N GLU A 783 2.53 -51.04 10.15
CA GLU A 783 1.27 -50.83 10.84
C GLU A 783 1.45 -49.64 11.81
N ASN A 784 0.32 -49.05 12.24
CA ASN A 784 0.37 -47.97 13.22
C ASN A 784 -0.02 -48.59 14.57
N PRO A 785 0.98 -48.69 15.49
CA PRO A 785 0.71 -49.34 16.78
C PRO A 785 -0.20 -48.58 17.72
N ASP A 786 -0.54 -47.32 17.38
CA ASP A 786 -1.45 -46.50 18.18
C ASP A 786 -2.84 -47.15 18.37
N ILE A 787 -3.45 -46.87 19.51
CA ILE A 787 -4.78 -47.40 19.89
C ILE A 787 -5.85 -46.78 18.97
N MET A 788 -5.62 -45.52 18.55
CA MET A 788 -6.52 -44.77 17.70
C MET A 788 -5.96 -44.64 16.28
N SER A 789 -5.11 -45.63 15.86
CA SER A 789 -4.46 -45.67 14.53
C SER A 789 -5.46 -45.53 13.38
N GLU A 790 -6.71 -46.00 13.61
CA GLU A 790 -7.81 -45.95 12.67
C GLU A 790 -8.26 -44.54 12.33
N LEU A 791 -8.17 -43.60 13.31
CA LEU A 791 -8.64 -42.22 13.18
C LEU A 791 -7.63 -41.27 12.49
N LEU A 792 -6.39 -41.71 12.31
CA LEU A 792 -5.41 -40.90 11.59
C LEU A 792 -4.91 -41.63 10.40
N PHE A 793 -3.98 -42.60 10.58
CA PHE A 793 -3.49 -43.39 9.46
C PHE A 793 -3.10 -44.75 9.93
N GLN A 794 -3.64 -45.77 9.27
CA GLN A 794 -3.37 -47.14 9.63
C GLN A 794 -2.08 -47.66 9.01
N ASN A 795 -1.58 -46.97 7.98
CA ASN A 795 -0.38 -47.34 7.25
C ASN A 795 0.67 -46.30 7.43
N ASN A 796 1.92 -46.73 7.37
CA ASN A 796 3.06 -45.81 7.42
C ASN A 796 3.96 -46.25 6.29
N GLU A 797 3.92 -45.51 5.18
CA GLU A 797 4.71 -45.83 3.99
C GLU A 797 5.91 -44.90 3.78
N ILE A 798 7.10 -45.52 3.60
CA ILE A 798 8.36 -44.84 3.39
C ILE A 798 9.12 -45.51 2.26
N ILE A 799 9.74 -44.72 1.39
CA ILE A 799 10.61 -45.18 0.33
C ILE A 799 11.98 -44.95 0.95
N PHE A 800 12.81 -45.99 0.95
CA PHE A 800 14.18 -45.92 1.42
C PHE A 800 14.97 -45.98 0.11
N LYS A 801 15.81 -44.97 -0.15
CA LYS A 801 16.59 -44.89 -1.38
C LYS A 801 18.10 -44.75 -1.13
N ASN A 802 18.86 -45.77 -1.58
CA ASN A 802 20.31 -45.86 -1.49
C ASN A 802 20.83 -45.60 -2.90
N GLY A 803 21.75 -44.63 -3.04
CA GLY A 803 22.35 -44.30 -4.32
C GLY A 803 22.29 -42.85 -4.74
N ASP A 804 21.13 -42.21 -4.57
CA ASP A 804 20.94 -40.81 -4.97
C ASP A 804 21.13 -39.86 -3.81
N ASP A 805 21.71 -38.65 -4.07
CA ASP A 805 21.90 -37.60 -3.07
C ASP A 805 20.55 -36.90 -2.86
N LEU A 806 20.01 -36.96 -1.61
CA LEU A 806 18.67 -36.39 -1.34
C LEU A 806 18.64 -34.94 -0.77
N ARG A 807 19.79 -34.26 -0.76
CA ARG A 807 19.93 -32.93 -0.19
C ARG A 807 19.22 -31.85 -0.99
N GLN A 808 19.17 -32.02 -2.33
CA GLN A 808 18.50 -31.12 -3.27
C GLN A 808 17.00 -31.15 -2.96
N ASP A 809 16.44 -32.39 -2.95
CA ASP A 809 15.05 -32.69 -2.65
C ASP A 809 14.70 -32.11 -1.28
N MET A 810 15.54 -32.39 -0.28
CA MET A 810 15.42 -31.91 1.09
C MET A 810 15.35 -30.38 1.15
N LEU A 811 16.26 -29.67 0.46
CA LEU A 811 16.27 -28.20 0.40
C LEU A 811 15.03 -27.66 -0.32
N THR A 812 14.66 -28.22 -1.49
CA THR A 812 13.51 -27.74 -2.27
C THR A 812 12.24 -27.85 -1.45
N LEU A 813 12.07 -28.99 -0.75
CA LEU A 813 10.90 -29.27 0.09
C LEU A 813 10.83 -28.30 1.24
N GLN A 814 12.02 -27.86 1.78
CA GLN A 814 12.10 -26.87 2.84
C GLN A 814 11.66 -25.53 2.27
N ILE A 815 12.19 -25.13 1.07
CA ILE A 815 11.83 -23.87 0.39
C ILE A 815 10.29 -23.79 0.14
N ILE A 816 9.69 -24.87 -0.42
CA ILE A 816 8.25 -25.04 -0.65
C ILE A 816 7.47 -24.77 0.67
N ARG A 817 7.90 -25.41 1.80
CA ARG A 817 7.28 -25.22 3.12
C ARG A 817 7.29 -23.75 3.52
N ILE A 818 8.44 -23.05 3.26
CA ILE A 818 8.60 -21.63 3.59
C ILE A 818 7.68 -20.79 2.72
N MET A 819 7.68 -21.04 1.40
CA MET A 819 6.82 -20.34 0.46
C MET A 819 5.34 -20.44 0.90
N GLU A 820 4.87 -21.67 1.28
CA GLU A 820 3.49 -21.92 1.74
C GLU A 820 3.21 -21.09 2.98
N ASN A 821 4.16 -21.06 3.94
CA ASN A 821 4.05 -20.27 5.18
C ASN A 821 4.00 -18.77 4.91
N ILE A 822 4.69 -18.28 3.85
CA ILE A 822 4.65 -16.85 3.48
C ILE A 822 3.26 -16.54 2.99
N TRP A 823 2.75 -17.33 2.03
CA TRP A 823 1.44 -17.21 1.40
C TRP A 823 0.31 -17.33 2.40
N GLN A 824 0.34 -18.39 3.23
CA GLN A 824 -0.66 -18.67 4.25
C GLN A 824 -0.69 -17.56 5.29
N ASN A 825 0.49 -17.07 5.69
CA ASN A 825 0.57 -15.96 6.63
C ASN A 825 -0.05 -14.71 6.02
N GLN A 826 0.33 -14.33 4.78
CA GLN A 826 -0.22 -13.14 4.09
C GLN A 826 -1.72 -13.23 3.85
N GLY A 827 -2.30 -14.40 4.03
CA GLY A 827 -3.73 -14.63 3.82
C GLY A 827 -4.04 -15.03 2.40
N LEU A 828 -3.26 -15.95 1.87
CA LEU A 828 -3.41 -16.45 0.52
C LEU A 828 -3.47 -17.96 0.64
N ASP A 829 -4.64 -18.56 0.48
CA ASP A 829 -4.76 -20.00 0.58
C ASP A 829 -4.21 -20.68 -0.68
N LEU A 830 -2.90 -20.91 -0.66
CA LEU A 830 -2.22 -21.64 -1.71
C LEU A 830 -1.69 -22.83 -0.95
N ARG A 831 -2.10 -24.02 -1.39
CA ARG A 831 -1.79 -25.27 -0.71
C ARG A 831 -0.67 -26.07 -1.37
N MET A 832 0.40 -26.31 -0.58
CA MET A 832 1.57 -27.03 -1.01
C MET A 832 1.70 -28.33 -0.20
N LEU A 833 2.42 -29.33 -0.74
CA LEU A 833 2.68 -30.59 -0.06
C LEU A 833 4.20 -30.78 0.10
N PRO A 834 4.81 -30.10 1.12
CA PRO A 834 6.24 -30.30 1.35
C PRO A 834 6.34 -31.62 2.12
N TYR A 835 6.33 -32.75 1.36
CA TYR A 835 6.39 -34.09 1.93
C TYR A 835 7.72 -34.35 2.64
N GLY A 836 7.72 -35.34 3.54
CA GLY A 836 8.89 -35.67 4.32
C GLY A 836 10.01 -36.26 3.48
N CYS A 837 11.23 -35.75 3.69
CA CYS A 837 12.45 -36.24 3.02
C CYS A 837 13.68 -36.02 3.90
N LEU A 838 14.43 -37.08 4.21
CA LEU A 838 15.58 -36.97 5.11
C LEU A 838 16.77 -37.72 4.56
N SER A 839 17.95 -37.07 4.50
CA SER A 839 19.20 -37.65 4.08
C SER A 839 19.82 -38.20 5.36
N ILE A 840 20.10 -39.52 5.40
CA ILE A 840 20.62 -40.19 6.61
C ILE A 840 22.15 -40.52 6.52
N GLY A 841 22.76 -40.21 5.39
CA GLY A 841 24.17 -40.48 5.17
C GLY A 841 24.59 -40.19 3.74
N ASP A 842 25.68 -40.80 3.30
CA ASP A 842 26.18 -40.58 1.96
C ASP A 842 25.25 -41.21 0.90
N CYS A 843 24.43 -40.36 0.27
CA CYS A 843 23.43 -40.69 -0.74
C CYS A 843 22.51 -41.86 -0.30
N VAL A 844 21.98 -41.76 0.93
CA VAL A 844 20.98 -42.63 1.55
C VAL A 844 19.99 -41.74 2.24
N GLY A 845 18.72 -42.09 2.10
CA GLY A 845 17.69 -41.26 2.67
C GLY A 845 16.30 -41.87 2.62
N LEU A 846 15.36 -41.12 3.16
CA LEU A 846 13.98 -41.54 3.26
C LEU A 846 13.05 -40.56 2.62
N ILE A 847 11.97 -41.07 2.01
CA ILE A 847 10.95 -40.24 1.38
C ILE A 847 9.58 -40.67 1.93
N GLU A 848 8.78 -39.72 2.41
CA GLU A 848 7.45 -39.98 2.93
C GLU A 848 6.53 -40.27 1.77
N VAL A 849 5.78 -41.38 1.84
CA VAL A 849 4.83 -41.75 0.79
C VAL A 849 3.52 -41.06 1.12
N VAL A 850 3.09 -40.18 0.21
CA VAL A 850 1.84 -39.44 0.36
C VAL A 850 0.69 -40.38 -0.03
N ARG A 851 -0.15 -40.71 0.98
CA ARG A 851 -1.30 -41.60 0.88
C ARG A 851 -2.31 -41.02 -0.11
N ASN A 852 -2.94 -41.89 -0.92
CA ASN A 852 -3.96 -41.54 -1.90
C ASN A 852 -3.51 -40.57 -2.98
N SER A 853 -2.31 -40.79 -3.54
CA SER A 853 -1.75 -39.94 -4.61
C SER A 853 -1.52 -40.74 -5.85
N HIS A 854 -1.52 -40.06 -6.99
CA HIS A 854 -1.23 -40.66 -8.29
C HIS A 854 -0.61 -39.62 -9.16
N THR A 855 0.38 -40.04 -9.96
CA THR A 855 1.03 -39.17 -10.92
C THR A 855 0.01 -38.91 -12.03
N ILE A 856 0.14 -37.79 -12.75
CA ILE A 856 -0.78 -37.48 -13.86
C ILE A 856 -0.74 -38.63 -14.89
N MET A 857 0.42 -39.30 -15.01
CA MET A 857 0.61 -40.44 -15.90
C MET A 857 -0.26 -41.63 -15.48
N GLN A 858 -0.27 -41.98 -14.17
CA GLN A 858 -1.04 -43.08 -13.60
C GLN A 858 -2.53 -42.87 -13.87
N ILE A 859 -3.02 -41.64 -13.69
CA ILE A 859 -4.44 -41.39 -13.89
C ILE A 859 -4.78 -41.40 -15.36
N GLN A 860 -3.85 -40.98 -16.21
CA GLN A 860 -4.05 -41.02 -17.65
C GLN A 860 -4.18 -42.46 -18.14
N CYS A 861 -3.48 -43.40 -17.48
CA CYS A 861 -3.54 -44.81 -17.81
C CYS A 861 -4.73 -45.53 -17.17
N LYS A 862 -5.62 -44.81 -16.48
CA LYS A 862 -6.80 -45.42 -15.86
C LYS A 862 -7.97 -45.32 -16.83
N ALA A 868 -9.56 -48.21 -21.56
CA ALA A 868 -8.40 -49.03 -21.22
C ALA A 868 -7.12 -48.19 -20.95
N LEU A 869 -6.53 -47.61 -22.03
CA LEU A 869 -5.35 -46.72 -22.01
C LEU A 869 -5.51 -45.65 -23.12
N GLN A 870 -6.56 -44.82 -22.99
CA GLN A 870 -6.92 -43.78 -23.95
C GLN A 870 -7.04 -42.46 -23.20
N PHE A 871 -6.07 -41.54 -23.41
CA PHE A 871 -6.14 -40.25 -22.75
C PHE A 871 -6.12 -39.04 -23.70
N ASN A 872 -7.04 -38.13 -23.38
CA ASN A 872 -7.32 -36.82 -23.96
C ASN A 872 -6.99 -35.85 -22.85
N SER A 873 -6.77 -34.58 -23.18
CA SER A 873 -6.42 -33.58 -22.17
C SER A 873 -7.49 -33.41 -21.09
N HIS A 874 -8.66 -34.08 -21.26
CA HIS A 874 -9.82 -34.08 -20.36
C HIS A 874 -9.81 -35.23 -19.32
N THR A 875 -8.94 -36.27 -19.53
CA THR A 875 -8.79 -37.49 -18.70
C THR A 875 -8.62 -37.16 -17.21
N LEU A 876 -7.72 -36.20 -16.88
CA LEU A 876 -7.48 -35.78 -15.50
C LEU A 876 -8.75 -35.18 -14.86
N HIS A 877 -9.47 -34.32 -15.59
CA HIS A 877 -10.69 -33.71 -15.09
C HIS A 877 -11.76 -34.77 -14.86
N GLN A 878 -11.89 -35.71 -15.81
CA GLN A 878 -12.87 -36.78 -15.71
C GLN A 878 -12.60 -37.65 -14.48
N TRP A 879 -11.32 -37.86 -14.15
CA TRP A 879 -10.86 -38.61 -12.99
C TRP A 879 -11.36 -37.94 -11.72
N LEU A 880 -11.10 -36.62 -11.58
CA LEU A 880 -11.51 -35.82 -10.42
C LEU A 880 -13.02 -35.78 -10.27
N LYS A 881 -13.73 -35.58 -11.40
CA LYS A 881 -15.19 -35.54 -11.44
C LYS A 881 -15.77 -36.81 -10.79
N ASP A 882 -15.22 -37.98 -11.15
CA ASP A 882 -15.59 -39.30 -10.65
C ASP A 882 -15.20 -39.55 -9.17
N LYS A 883 -14.00 -39.12 -8.77
CA LYS A 883 -13.54 -39.31 -7.38
C LYS A 883 -14.20 -38.31 -6.41
N ASN A 884 -14.76 -37.19 -6.95
CA ASN A 884 -15.41 -36.16 -6.14
C ASN A 884 -16.78 -35.73 -6.72
N LYS A 885 -17.77 -36.64 -6.67
CA LYS A 885 -19.12 -36.36 -7.17
C LYS A 885 -19.91 -35.50 -6.16
N GLY A 886 -20.94 -34.81 -6.64
CA GLY A 886 -21.85 -33.99 -5.83
C GLY A 886 -21.36 -32.59 -5.50
N GLU A 887 -21.68 -32.12 -4.29
CA GLU A 887 -21.30 -30.81 -3.77
C GLU A 887 -19.80 -30.76 -3.44
N ILE A 888 -19.16 -31.95 -3.39
CA ILE A 888 -17.74 -32.18 -3.15
C ILE A 888 -16.92 -31.69 -4.35
N TYR A 889 -17.50 -31.77 -5.57
CA TYR A 889 -16.84 -31.35 -6.82
C TYR A 889 -16.22 -29.95 -6.73
N ASP A 890 -17.04 -28.95 -6.38
CA ASP A 890 -16.63 -27.55 -6.28
C ASP A 890 -15.38 -27.39 -5.39
N ALA A 891 -15.41 -28.04 -4.20
CA ALA A 891 -14.31 -28.02 -3.23
C ALA A 891 -13.02 -28.59 -3.82
N ALA A 892 -13.12 -29.75 -4.51
CA ALA A 892 -12.01 -30.43 -5.15
C ALA A 892 -11.34 -29.58 -6.24
N ILE A 893 -12.15 -28.99 -7.15
CA ILE A 893 -11.66 -28.11 -8.22
C ILE A 893 -10.98 -26.89 -7.60
N ASP A 894 -11.54 -26.36 -6.47
CA ASP A 894 -10.95 -25.22 -5.76
C ASP A 894 -9.56 -25.60 -5.21
N LEU A 895 -9.46 -26.78 -4.55
CA LEU A 895 -8.20 -27.27 -4.00
C LEU A 895 -7.20 -27.46 -5.12
N PHE A 896 -7.65 -27.98 -6.28
CA PHE A 896 -6.78 -28.14 -7.43
C PHE A 896 -6.17 -26.80 -7.86
N THR A 897 -7.03 -25.78 -8.14
CA THR A 897 -6.58 -24.45 -8.57
C THR A 897 -5.64 -23.78 -7.56
N ARG A 898 -5.89 -23.95 -6.23
CA ARG A 898 -5.11 -23.30 -5.16
C ARG A 898 -3.75 -23.90 -5.04
N SER A 899 -3.66 -25.25 -5.21
CA SER A 899 -2.43 -26.04 -5.14
C SER A 899 -1.59 -25.92 -6.41
N CYS A 900 -2.27 -26.00 -7.57
CA CYS A 900 -1.65 -25.87 -8.89
C CYS A 900 -1.05 -24.49 -9.03
N ALA A 901 -1.75 -23.44 -8.55
CA ALA A 901 -1.26 -22.07 -8.60
C ALA A 901 0.05 -21.92 -7.82
N GLY A 902 0.10 -22.51 -6.63
CA GLY A 902 1.26 -22.49 -5.75
C GLY A 902 2.46 -23.16 -6.39
N TYR A 903 2.24 -24.32 -7.00
CA TYR A 903 3.28 -25.07 -7.65
C TYR A 903 3.76 -24.44 -8.95
N CYS A 904 2.87 -23.80 -9.73
CA CYS A 904 3.21 -23.11 -10.98
C CYS A 904 4.22 -21.99 -10.74
N VAL A 905 4.02 -21.26 -9.63
CA VAL A 905 4.81 -20.12 -9.18
C VAL A 905 6.13 -20.57 -8.56
N ALA A 906 6.08 -21.54 -7.60
CA ALA A 906 7.26 -22.07 -6.90
C ALA A 906 8.28 -22.67 -7.86
N THR A 907 7.82 -23.52 -8.79
CA THR A 907 8.67 -24.18 -9.78
C THR A 907 9.25 -23.14 -10.75
N PHE A 908 8.47 -22.10 -11.08
CA PHE A 908 8.97 -21.04 -11.96
C PHE A 908 10.12 -20.29 -11.27
N ILE A 909 9.85 -19.74 -10.06
CA ILE A 909 10.79 -18.98 -9.23
C ILE A 909 12.08 -19.76 -9.02
N LEU A 910 11.97 -20.99 -8.55
CA LEU A 910 13.14 -21.81 -8.26
C LEU A 910 13.88 -22.26 -9.51
N GLY A 911 13.13 -22.53 -10.58
CA GLY A 911 13.67 -23.01 -11.84
C GLY A 911 13.72 -24.51 -11.89
N ILE A 912 12.67 -25.17 -11.36
CA ILE A 912 12.56 -26.61 -11.38
C ILE A 912 12.03 -26.99 -12.76
N GLY A 913 12.87 -27.70 -13.51
CA GLY A 913 12.57 -28.14 -14.86
C GLY A 913 12.34 -29.63 -14.94
N ASP A 914 12.33 -30.17 -16.17
CA ASP A 914 12.08 -31.59 -16.45
C ASP A 914 10.82 -32.07 -15.74
N ARG A 915 9.71 -31.31 -15.90
CA ARG A 915 8.42 -31.65 -15.29
C ARG A 915 7.56 -32.45 -16.25
N HIS A 916 7.34 -33.71 -15.92
CA HIS A 916 6.49 -34.59 -16.71
C HIS A 916 5.26 -34.96 -15.89
N ASN A 917 4.35 -35.72 -16.53
CA ASN A 917 3.14 -36.25 -15.93
C ASN A 917 3.49 -37.38 -14.95
N SER A 918 4.75 -37.86 -14.98
CA SER A 918 5.23 -38.90 -14.08
C SER A 918 6.04 -38.33 -12.89
N ASN A 919 6.09 -36.98 -12.73
CA ASN A 919 6.70 -36.34 -11.56
C ASN A 919 5.85 -35.16 -11.00
N ILE A 920 4.56 -35.13 -11.37
CA ILE A 920 3.51 -34.23 -10.88
C ILE A 920 2.38 -35.20 -10.45
N MET A 921 2.00 -35.14 -9.17
CA MET A 921 1.00 -36.01 -8.56
C MET A 921 -0.23 -35.24 -8.10
N VAL A 922 -1.37 -35.95 -8.02
CA VAL A 922 -2.64 -35.40 -7.57
C VAL A 922 -3.32 -36.34 -6.57
N LYS A 923 -3.64 -35.81 -5.37
CA LYS A 923 -4.35 -36.52 -4.32
C LYS A 923 -5.79 -36.72 -4.77
N ASP A 924 -6.53 -37.66 -4.13
CA ASP A 924 -7.92 -37.91 -4.49
C ASP A 924 -8.82 -36.68 -4.27
N ASP A 925 -8.56 -35.94 -3.16
CA ASP A 925 -9.27 -34.71 -2.77
C ASP A 925 -9.13 -33.55 -3.77
N GLY A 926 -8.21 -33.67 -4.73
CA GLY A 926 -7.97 -32.65 -5.75
C GLY A 926 -6.66 -31.89 -5.63
N GLN A 927 -5.93 -32.07 -4.51
CA GLN A 927 -4.63 -31.42 -4.28
C GLN A 927 -3.55 -31.86 -5.25
N LEU A 928 -2.90 -30.90 -5.90
CA LEU A 928 -1.77 -31.15 -6.81
C LEU A 928 -0.47 -30.86 -6.04
N PHE A 929 0.59 -31.59 -6.39
CA PHE A 929 1.95 -31.45 -5.84
C PHE A 929 3.00 -32.11 -6.76
N HIS A 930 4.23 -31.62 -6.70
CA HIS A 930 5.33 -32.10 -7.50
C HIS A 930 6.23 -32.94 -6.66
N ILE A 931 7.01 -33.83 -7.33
CA ILE A 931 7.97 -34.79 -6.78
C ILE A 931 9.27 -34.79 -7.62
N ASP A 932 10.35 -35.41 -7.11
CA ASP A 932 11.67 -35.52 -7.74
C ASP A 932 12.34 -34.16 -7.93
N PHE A 933 13.01 -33.67 -6.91
CA PHE A 933 13.62 -32.37 -6.97
C PHE A 933 15.15 -32.37 -7.03
N GLY A 934 15.74 -33.41 -7.63
CA GLY A 934 17.19 -33.52 -7.75
C GLY A 934 17.90 -32.38 -8.47
N HIS A 935 17.12 -31.37 -9.04
CA HIS A 935 17.57 -30.21 -9.84
C HIS A 935 16.77 -28.90 -9.64
N ARG A 950 17.14 -21.77 -18.37
CA ARG A 950 16.17 -20.71 -18.71
C ARG A 950 14.70 -21.22 -18.60
N VAL A 951 14.37 -21.91 -17.47
CA VAL A 951 13.07 -22.58 -17.18
C VAL A 951 11.87 -21.60 -17.21
N PRO A 952 10.92 -21.80 -18.16
CA PRO A 952 9.78 -20.88 -18.28
C PRO A 952 8.60 -21.25 -17.39
N PHE A 953 7.49 -20.50 -17.53
CA PHE A 953 6.26 -20.80 -16.84
C PHE A 953 5.64 -22.01 -17.55
N VAL A 954 5.04 -22.91 -16.75
CA VAL A 954 4.43 -24.15 -17.26
C VAL A 954 3.02 -24.35 -16.74
N LEU A 955 2.07 -24.46 -17.67
CA LEU A 955 0.66 -24.73 -17.37
C LEU A 955 0.02 -25.52 -18.53
N THR A 956 -0.10 -26.87 -18.34
CA THR A 956 -0.66 -27.83 -19.31
C THR A 956 -2.15 -27.56 -19.53
N GLN A 957 -2.68 -27.91 -20.73
CA GLN A 957 -4.12 -27.80 -21.04
C GLN A 957 -4.90 -28.76 -20.12
N ASP A 958 -4.24 -29.88 -19.67
CA ASP A 958 -4.77 -30.88 -18.74
C ASP A 958 -5.24 -30.17 -17.47
N PHE A 959 -4.35 -29.30 -16.91
CA PHE A 959 -4.59 -28.50 -15.70
C PHE A 959 -5.62 -27.43 -15.97
N LEU A 960 -5.42 -26.66 -17.06
CA LEU A 960 -6.32 -25.61 -17.53
C LEU A 960 -7.78 -26.08 -17.56
N ILE A 961 -8.01 -27.30 -18.16
CA ILE A 961 -9.31 -27.96 -18.28
C ILE A 961 -9.95 -28.14 -16.89
N VAL A 962 -9.15 -28.63 -15.92
CA VAL A 962 -9.59 -28.83 -14.53
C VAL A 962 -9.97 -27.49 -13.90
N ILE A 963 -9.01 -26.53 -13.87
CA ILE A 963 -9.18 -25.18 -13.31
C ILE A 963 -10.48 -24.57 -13.79
N SER A 964 -10.73 -24.66 -15.12
CA SER A 964 -11.91 -24.15 -15.82
C SER A 964 -13.14 -25.09 -15.78
N LYS A 965 -13.21 -25.97 -14.75
CA LYS A 965 -14.29 -26.92 -14.48
C LYS A 965 -14.87 -27.60 -15.74
N GLY A 966 -14.02 -27.81 -16.74
CA GLY A 966 -14.43 -28.39 -18.01
C GLY A 966 -15.08 -27.34 -18.88
N ALA A 967 -14.28 -26.71 -19.74
CA ALA A 967 -14.75 -25.67 -20.66
C ALA A 967 -13.91 -25.73 -21.92
N GLN A 968 -14.49 -25.39 -23.07
CA GLN A 968 -13.71 -25.46 -24.31
C GLN A 968 -12.72 -24.30 -24.46
N GLU A 969 -13.09 -23.08 -24.01
CA GLU A 969 -12.19 -21.91 -24.08
C GLU A 969 -11.71 -21.51 -22.65
N CYS A 970 -10.80 -22.34 -22.11
CA CYS A 970 -10.20 -22.32 -20.77
C CYS A 970 -9.42 -21.04 -20.40
N THR A 971 -9.20 -20.15 -21.37
CA THR A 971 -8.51 -18.89 -21.12
C THR A 971 -9.55 -17.77 -20.89
N LYS A 972 -10.75 -17.89 -21.51
CA LYS A 972 -11.82 -16.90 -21.39
C LYS A 972 -12.88 -17.30 -20.33
N THR A 973 -12.44 -17.70 -19.09
CA THR A 973 -13.32 -18.05 -17.97
C THR A 973 -12.95 -17.27 -16.71
N ARG A 974 -13.93 -17.03 -15.82
CA ARG A 974 -13.72 -16.33 -14.54
C ARG A 974 -12.89 -17.21 -13.58
N GLU A 975 -12.82 -18.53 -13.88
CA GLU A 975 -12.03 -19.51 -13.14
C GLU A 975 -10.53 -19.24 -13.37
N PHE A 976 -10.14 -19.14 -14.66
CA PHE A 976 -8.78 -18.84 -15.10
C PHE A 976 -8.35 -17.44 -14.68
N GLU A 977 -9.30 -16.47 -14.67
CA GLU A 977 -9.06 -15.09 -14.22
C GLU A 977 -8.64 -15.16 -12.74
N ARG A 978 -9.45 -15.84 -11.90
CA ARG A 978 -9.22 -16.06 -10.47
C ARG A 978 -7.87 -16.76 -10.23
N PHE A 979 -7.55 -17.78 -11.09
CA PHE A 979 -6.31 -18.55 -11.04
C PHE A 979 -5.10 -17.66 -11.31
N GLN A 980 -5.17 -16.84 -12.38
CA GLN A 980 -4.11 -15.90 -12.73
C GLN A 980 -3.88 -14.91 -11.58
N GLU A 981 -4.97 -14.45 -10.94
CA GLU A 981 -4.90 -13.55 -9.78
C GLU A 981 -4.16 -14.22 -8.61
N MET A 982 -4.34 -15.55 -8.38
CA MET A 982 -3.64 -16.30 -7.34
C MET A 982 -2.16 -16.35 -7.63
N CYS A 983 -1.79 -16.57 -8.90
CA CYS A 983 -0.40 -16.65 -9.34
C CYS A 983 0.33 -15.33 -9.20
N TYR A 984 -0.32 -14.20 -9.54
CA TYR A 984 0.32 -12.90 -9.43
C TYR A 984 0.61 -12.59 -7.98
N LYS A 985 -0.44 -12.66 -7.15
CA LYS A 985 -0.40 -12.40 -5.72
C LYS A 985 0.67 -13.23 -5.01
N ALA A 986 0.75 -14.54 -5.34
CA ALA A 986 1.73 -15.48 -4.79
C ALA A 986 3.16 -15.10 -5.17
N TYR A 987 3.39 -14.77 -6.46
CA TYR A 987 4.68 -14.37 -7.01
C TYR A 987 5.20 -13.13 -6.31
N LEU A 988 4.34 -12.07 -6.23
CA LEU A 988 4.72 -10.81 -5.58
C LEU A 988 4.99 -10.97 -4.10
N ALA A 989 4.34 -11.97 -3.45
CA ALA A 989 4.55 -12.26 -2.03
C ALA A 989 5.95 -12.80 -1.79
N ILE A 990 6.42 -13.70 -2.69
CA ILE A 990 7.76 -14.30 -2.65
C ILE A 990 8.84 -13.26 -2.96
N ARG A 991 8.58 -12.37 -3.94
CA ARG A 991 9.49 -11.30 -4.31
C ARG A 991 9.74 -10.35 -3.13
N GLN A 992 8.72 -10.13 -2.29
CA GLN A 992 8.82 -9.28 -1.10
C GLN A 992 9.69 -9.93 0.00
N HIS A 993 9.85 -11.26 -0.02
CA HIS A 993 10.65 -12.01 0.95
C HIS A 993 11.88 -12.63 0.27
N ALA A 994 12.34 -12.01 -0.85
CA ALA A 994 13.46 -12.51 -1.66
C ALA A 994 14.77 -12.68 -0.89
N ASN A 995 15.08 -11.73 0.01
CA ASN A 995 16.30 -11.78 0.81
C ASN A 995 16.36 -13.07 1.62
N LEU A 996 15.22 -13.55 2.17
CA LEU A 996 15.18 -14.80 2.94
C LEU A 996 15.63 -15.97 2.09
N PHE A 997 15.00 -16.17 0.92
CA PHE A 997 15.38 -17.22 -0.02
C PHE A 997 16.85 -17.11 -0.41
N ILE A 998 17.33 -15.90 -0.81
CA ILE A 998 18.73 -15.65 -1.15
C ILE A 998 19.65 -16.08 0.00
N ASN A 999 19.36 -15.61 1.25
CA ASN A 999 20.12 -15.92 2.46
C ASN A 999 20.12 -17.42 2.79
N LEU A 1000 18.99 -18.10 2.57
CA LEU A 1000 18.90 -19.53 2.86
C LEU A 1000 19.82 -20.32 1.94
N PHE A 1001 19.80 -20.02 0.63
CA PHE A 1001 20.67 -20.64 -0.37
C PHE A 1001 22.13 -20.28 -0.15
N SER A 1002 22.42 -19.05 0.31
CA SER A 1002 23.81 -18.60 0.55
C SER A 1002 24.47 -19.28 1.74
N MET A 1003 23.64 -19.76 2.70
CA MET A 1003 24.07 -20.44 3.93
C MET A 1003 24.40 -21.89 3.63
N MET A 1004 24.11 -22.28 2.38
CA MET A 1004 24.23 -23.60 1.77
C MET A 1004 25.46 -23.73 0.85
N LEU A 1005 26.29 -22.69 0.77
CA LEU A 1005 27.45 -22.74 -0.12
C LEU A 1005 28.58 -23.62 0.42
N GLY A 1006 28.71 -23.66 1.75
CA GLY A 1006 29.73 -24.40 2.50
C GLY A 1006 29.57 -25.91 2.42
N SER A 1007 28.29 -26.37 2.36
CA SER A 1007 27.91 -27.78 2.24
C SER A 1007 28.43 -28.32 0.90
N GLY A 1008 28.51 -29.63 0.78
CA GLY A 1008 29.03 -30.23 -0.44
C GLY A 1008 28.15 -30.19 -1.67
N MET A 1009 27.00 -29.52 -1.60
CA MET A 1009 26.04 -29.45 -2.71
C MET A 1009 26.63 -28.86 -3.99
N PRO A 1010 26.78 -29.70 -5.06
CA PRO A 1010 27.44 -29.20 -6.30
C PRO A 1010 26.62 -28.16 -7.07
N GLU A 1011 25.31 -28.17 -6.88
CA GLU A 1011 24.36 -27.25 -7.49
C GLU A 1011 24.47 -25.86 -6.82
N LEU A 1012 25.12 -25.79 -5.62
CA LEU A 1012 25.34 -24.56 -4.85
C LEU A 1012 26.80 -24.47 -4.40
N GLN A 1013 27.66 -24.03 -5.30
CA GLN A 1013 29.09 -23.90 -5.03
C GLN A 1013 29.52 -22.45 -5.00
N SER A 1014 28.75 -21.55 -5.65
CA SER A 1014 29.04 -20.12 -5.77
C SER A 1014 27.77 -19.28 -5.74
N PHE A 1015 27.93 -17.95 -5.61
CA PHE A 1015 26.82 -17.00 -5.63
C PHE A 1015 26.19 -16.91 -7.00
N ASP A 1016 26.98 -17.21 -8.07
CA ASP A 1016 26.53 -17.23 -9.46
C ASP A 1016 25.39 -18.22 -9.64
N ASP A 1017 25.41 -19.32 -8.88
CA ASP A 1017 24.37 -20.34 -8.90
C ASP A 1017 23.07 -19.74 -8.29
N ILE A 1018 23.20 -18.91 -7.22
CA ILE A 1018 22.07 -18.25 -6.55
C ILE A 1018 21.43 -17.16 -7.44
N ALA A 1019 22.21 -16.56 -8.35
CA ALA A 1019 21.77 -15.49 -9.28
C ALA A 1019 20.51 -15.81 -10.11
N TYR A 1020 20.08 -17.07 -10.17
CA TYR A 1020 18.87 -17.45 -10.90
C TYR A 1020 17.62 -16.82 -10.28
N ILE A 1021 17.49 -16.84 -8.92
CA ILE A 1021 16.32 -16.25 -8.24
C ILE A 1021 16.27 -14.73 -8.42
N ARG A 1022 17.43 -14.07 -8.64
CA ARG A 1022 17.54 -12.63 -8.90
C ARG A 1022 16.84 -12.29 -10.22
N LYS A 1023 16.92 -13.22 -11.20
CA LYS A 1023 16.32 -13.16 -12.52
C LYS A 1023 14.81 -13.43 -12.46
N THR A 1024 14.36 -14.65 -12.02
CA THR A 1024 12.93 -14.99 -11.96
C THR A 1024 12.06 -14.08 -11.12
N LEU A 1025 12.63 -13.50 -10.03
CA LEU A 1025 11.92 -12.57 -9.15
C LEU A 1025 12.07 -11.13 -9.61
N ALA A 1026 12.78 -10.87 -10.74
CA ALA A 1026 13.00 -9.52 -11.32
C ALA A 1026 13.38 -8.50 -10.23
N LEU A 1027 14.46 -8.79 -9.48
CA LEU A 1027 14.89 -8.01 -8.32
C LEU A 1027 15.48 -6.62 -8.65
N ASP A 1028 16.12 -6.49 -9.83
CA ASP A 1028 16.66 -5.22 -10.30
C ASP A 1028 15.53 -4.31 -10.84
N LYS A 1029 14.38 -4.93 -11.21
CA LYS A 1029 13.18 -4.27 -11.75
C LYS A 1029 12.31 -3.61 -10.65
N THR A 1030 11.27 -2.86 -11.09
CA THR A 1030 10.28 -2.20 -10.22
C THR A 1030 9.25 -3.27 -9.88
N GLU A 1031 8.37 -3.03 -8.89
CA GLU A 1031 7.34 -4.04 -8.60
C GLU A 1031 6.33 -4.16 -9.73
N GLN A 1032 5.95 -3.03 -10.39
CA GLN A 1032 5.03 -3.11 -11.53
C GLN A 1032 5.74 -3.64 -12.76
N GLU A 1033 7.05 -3.41 -12.86
CA GLU A 1033 7.83 -3.94 -13.97
C GLU A 1033 8.03 -5.45 -13.79
N ALA A 1034 8.14 -5.92 -12.52
CA ALA A 1034 8.26 -7.33 -12.13
C ALA A 1034 6.95 -8.09 -12.40
N LEU A 1035 5.80 -7.46 -12.06
CA LEU A 1035 4.44 -7.95 -12.29
C LEU A 1035 4.25 -8.16 -13.80
N GLU A 1036 4.54 -7.10 -14.61
CA GLU A 1036 4.48 -7.06 -16.08
C GLU A 1036 5.31 -8.21 -16.67
N TYR A 1037 6.57 -8.39 -16.19
CA TYR A 1037 7.48 -9.46 -16.59
C TYR A 1037 6.81 -10.81 -16.36
N PHE A 1038 6.36 -11.04 -15.12
CA PHE A 1038 5.72 -12.27 -14.73
C PHE A 1038 4.47 -12.56 -15.56
N MET A 1039 3.57 -11.55 -15.70
CA MET A 1039 2.34 -11.66 -16.49
C MET A 1039 2.65 -12.08 -17.92
N LYS A 1040 3.77 -11.57 -18.51
CA LYS A 1040 4.23 -11.90 -19.87
C LYS A 1040 4.65 -13.37 -19.95
N GLN A 1041 5.42 -13.86 -18.95
CA GLN A 1041 5.90 -15.24 -18.85
C GLN A 1041 4.73 -16.24 -18.82
N MET A 1042 3.67 -15.89 -18.06
CA MET A 1042 2.47 -16.70 -17.87
C MET A 1042 1.61 -16.81 -19.11
N ASN A 1043 1.36 -15.70 -19.82
CA ASN A 1043 0.54 -15.69 -21.03
C ASN A 1043 1.20 -16.44 -22.19
N ASP A 1044 2.55 -16.53 -22.18
CA ASP A 1044 3.34 -17.25 -23.17
C ASP A 1044 3.10 -18.79 -23.16
N ALA A 1045 2.75 -19.40 -21.98
CA ALA A 1045 2.39 -20.82 -21.79
C ALA A 1045 3.30 -21.84 -22.54
N LYS A 1053 -3.42 -37.16 -26.31
CA LYS A 1053 -1.99 -37.41 -26.41
C LYS A 1053 -1.64 -38.67 -27.26
N MET A 1054 -0.68 -38.51 -28.24
CA MET A 1054 -0.13 -39.49 -29.19
C MET A 1054 1.46 -39.47 -29.26
N ASP A 1055 2.12 -40.55 -28.75
CA ASP A 1055 3.57 -40.80 -28.53
C ASP A 1055 4.05 -40.10 -27.25
N TRP A 1056 3.49 -40.57 -26.14
CA TRP A 1056 3.72 -40.10 -24.78
C TRP A 1056 4.86 -40.86 -24.12
N ILE A 1057 5.32 -41.95 -24.78
CA ILE A 1057 6.41 -42.81 -24.29
C ILE A 1057 7.78 -42.20 -24.63
N PHE A 1058 7.97 -41.77 -25.89
CA PHE A 1058 9.27 -41.25 -26.33
C PHE A 1058 9.28 -39.77 -26.79
N HIS A 1059 8.12 -39.19 -27.20
CA HIS A 1059 7.95 -37.81 -27.70
C HIS A 1059 8.70 -37.54 -29.02
N THR A 1060 8.10 -37.91 -30.15
CA THR A 1060 8.66 -37.74 -31.49
C THR A 1060 7.57 -37.09 -32.35
N ILE A 1061 7.91 -36.67 -33.61
CA ILE A 1061 7.03 -36.12 -34.67
C ILE A 1061 7.88 -35.63 -35.86
N GLN B 27 38.25 -29.45 -24.31
CA GLN B 27 37.12 -30.37 -24.32
C GLN B 27 37.58 -31.83 -24.42
N GLU B 28 38.50 -32.14 -25.37
CA GLU B 28 39.05 -33.50 -25.60
C GLU B 28 39.67 -34.08 -24.31
N LYS B 29 40.52 -33.26 -23.66
CA LYS B 29 41.23 -33.54 -22.41
C LYS B 29 40.28 -33.51 -21.21
N SER B 30 39.14 -32.79 -21.33
CA SER B 30 38.15 -32.73 -20.25
C SER B 30 37.37 -34.03 -20.09
N ARG B 31 37.17 -34.79 -21.21
CA ARG B 31 36.49 -36.10 -21.22
C ARG B 31 37.33 -37.14 -20.43
N GLU B 32 38.67 -37.01 -20.50
CA GLU B 32 39.58 -37.92 -19.80
C GLU B 32 39.96 -37.42 -18.42
N TYR B 33 40.14 -36.09 -18.19
CA TYR B 33 40.45 -35.61 -16.84
C TYR B 33 39.31 -35.98 -15.89
N ASP B 34 38.04 -35.87 -16.37
CA ASP B 34 36.85 -36.23 -15.59
C ASP B 34 36.79 -37.74 -15.30
N ARG B 35 37.23 -38.57 -16.26
CA ARG B 35 37.30 -40.03 -16.09
C ARG B 35 38.42 -40.40 -15.12
N LEU B 36 39.55 -39.68 -15.21
CA LEU B 36 40.74 -39.85 -14.37
C LEU B 36 40.42 -39.54 -12.90
N TYR B 37 39.65 -38.45 -12.62
CA TYR B 37 39.22 -38.05 -11.28
C TYR B 37 38.35 -39.13 -10.65
N GLU B 38 37.55 -39.82 -11.49
CA GLU B 38 36.69 -40.93 -11.09
C GLU B 38 37.52 -42.11 -10.54
N ASP B 39 38.76 -42.28 -11.04
CA ASP B 39 39.66 -43.31 -10.55
C ASP B 39 40.42 -42.81 -9.32
N TYR B 40 40.70 -41.49 -9.25
CA TYR B 40 41.40 -40.83 -8.13
C TYR B 40 40.57 -40.95 -6.86
N THR B 41 39.24 -40.67 -6.98
CA THR B 41 38.29 -40.68 -5.87
C THR B 41 38.08 -42.12 -5.32
N ARG B 42 37.79 -43.12 -6.19
CA ARG B 42 37.58 -44.54 -5.81
C ARG B 42 38.81 -45.08 -5.08
N THR B 43 40.00 -44.93 -5.69
CA THR B 43 41.27 -45.41 -5.14
C THR B 43 41.48 -44.82 -3.75
N SER B 44 41.19 -43.51 -3.56
CA SER B 44 41.29 -42.81 -2.28
C SER B 44 40.39 -43.48 -1.24
N GLN B 45 39.12 -43.79 -1.61
CA GLN B 45 38.14 -44.43 -0.75
C GLN B 45 38.69 -45.79 -0.35
N GLU B 46 38.98 -46.63 -1.37
CA GLU B 46 39.53 -47.99 -1.24
C GLU B 46 40.77 -48.05 -0.37
N ILE B 47 41.67 -47.06 -0.48
CA ILE B 47 42.89 -46.97 0.33
C ILE B 47 42.52 -46.77 1.80
N GLN B 48 41.58 -45.84 2.08
CA GLN B 48 41.15 -45.57 3.47
C GLN B 48 40.54 -46.78 4.12
N MET B 49 39.93 -47.68 3.32
CA MET B 49 39.31 -48.91 3.81
C MET B 49 40.37 -49.89 4.22
N LYS B 50 41.36 -50.11 3.33
CA LYS B 50 42.49 -51.00 3.55
C LYS B 50 43.26 -50.60 4.80
N ARG B 51 43.46 -49.26 4.98
CA ARG B 51 44.16 -48.69 6.14
C ARG B 51 43.44 -49.05 7.44
N THR B 52 42.08 -48.98 7.47
CA THR B 52 41.34 -49.34 8.68
C THR B 52 41.30 -50.86 8.85
N ALA B 53 41.36 -51.64 7.74
CA ALA B 53 41.36 -53.11 7.82
C ALA B 53 42.66 -53.54 8.48
N ILE B 54 43.80 -52.95 8.06
CA ILE B 54 45.12 -53.20 8.64
C ILE B 54 45.08 -52.85 10.14
N GLU B 55 44.43 -51.72 10.49
CA GLU B 55 44.29 -51.26 11.86
C GLU B 55 43.56 -52.30 12.69
N ALA B 56 42.50 -52.91 12.12
CA ALA B 56 41.69 -53.95 12.73
C ALA B 56 42.48 -55.25 12.85
N PHE B 57 43.32 -55.56 11.86
CA PHE B 57 44.20 -56.74 11.87
C PHE B 57 45.21 -56.66 13.02
N ASN B 58 45.81 -55.48 13.25
CA ASN B 58 46.76 -55.23 14.34
C ASN B 58 46.08 -55.49 15.68
N GLU B 59 44.88 -54.91 15.85
CA GLU B 59 44.07 -55.01 17.06
C GLU B 59 43.63 -56.46 17.31
N THR B 60 43.43 -57.26 16.22
CA THR B 60 43.08 -58.69 16.27
C THR B 60 44.32 -59.46 16.73
N ILE B 61 45.47 -59.17 16.09
CA ILE B 61 46.76 -59.79 16.39
C ILE B 61 47.13 -59.53 17.87
N LYS B 62 46.97 -58.28 18.37
CA LYS B 62 47.25 -57.94 19.77
C LYS B 62 46.44 -58.82 20.73
N ILE B 63 45.15 -59.05 20.42
CA ILE B 63 44.22 -59.87 21.22
C ILE B 63 44.65 -61.33 21.27
N PHE B 64 45.08 -61.91 20.14
CA PHE B 64 45.55 -63.28 20.06
C PHE B 64 46.86 -63.48 20.80
N GLU B 65 47.77 -62.50 20.76
CA GLU B 65 49.05 -62.51 21.47
C GLU B 65 48.73 -62.51 22.97
N GLU B 66 47.82 -61.61 23.41
CA GLU B 66 47.32 -61.48 24.79
C GLU B 66 46.78 -62.81 25.32
N GLN B 67 46.19 -63.62 24.41
CA GLN B 67 45.64 -64.95 24.70
C GLN B 67 46.76 -65.91 25.07
N CYS B 68 47.89 -65.87 24.35
CA CYS B 68 49.03 -66.74 24.65
C CYS B 68 49.58 -66.47 26.05
N GLN B 69 49.72 -65.18 26.45
CA GLN B 69 50.16 -64.77 27.80
C GLN B 69 49.23 -65.38 28.84
N THR B 70 47.92 -65.46 28.51
CA THR B 70 46.88 -66.05 29.36
C THR B 70 47.07 -67.59 29.42
N GLN B 71 47.41 -68.23 28.27
CA GLN B 71 47.68 -69.65 28.26
C GLN B 71 48.88 -69.97 29.15
N GLU B 72 50.05 -69.27 28.97
CA GLU B 72 51.24 -69.57 29.78
C GLU B 72 50.96 -69.42 31.28
N ARG B 73 50.26 -68.35 31.68
CA ARG B 73 49.88 -68.01 33.06
C ARG B 73 49.13 -69.12 33.76
N TYR B 74 48.08 -69.66 33.10
CA TYR B 74 47.24 -70.71 33.68
C TYR B 74 47.81 -72.11 33.52
N SER B 75 48.22 -72.49 32.30
CA SER B 75 48.81 -73.81 32.04
C SER B 75 50.06 -74.12 32.95
N LYS B 76 50.81 -73.08 33.39
CA LYS B 76 52.01 -73.22 34.22
C LYS B 76 51.81 -74.19 35.38
N GLU B 77 50.73 -74.06 36.17
CA GLU B 77 50.48 -74.96 37.30
C GLU B 77 49.87 -76.32 36.92
N TYR B 78 49.43 -76.49 35.66
CA TYR B 78 48.87 -77.77 35.22
C TYR B 78 49.97 -78.59 34.61
N ILE B 79 50.83 -77.94 33.78
CA ILE B 79 51.98 -78.55 33.11
C ILE B 79 52.88 -79.11 34.21
N GLU B 80 53.12 -78.29 35.28
CA GLU B 80 53.91 -78.59 36.48
C GLU B 80 53.40 -79.83 37.20
N LYS B 81 52.07 -79.92 37.44
CA LYS B 81 51.46 -81.08 38.10
C LYS B 81 51.64 -82.35 37.26
N PHE B 82 51.26 -82.30 35.97
CA PHE B 82 51.36 -83.43 35.07
C PHE B 82 52.78 -83.90 34.82
N LYS B 83 53.77 -82.98 34.84
CA LYS B 83 55.18 -83.33 34.67
C LYS B 83 55.61 -84.17 35.88
N ARG B 84 55.18 -83.75 37.09
CA ARG B 84 55.37 -84.41 38.39
C ARG B 84 54.29 -85.54 38.50
N GLU B 85 54.05 -86.31 37.42
CA GLU B 85 52.98 -87.32 37.36
C GLU B 85 53.11 -88.22 36.15
N GLY B 86 54.06 -87.92 35.26
CA GLY B 86 54.30 -88.68 34.02
C GLY B 86 53.06 -88.82 33.15
N ASN B 87 52.22 -87.77 33.17
CA ASN B 87 50.98 -87.67 32.41
C ASN B 87 51.32 -86.92 31.13
N GLU B 88 52.13 -87.55 30.25
CA GLU B 88 52.59 -86.91 29.00
C GLU B 88 51.46 -86.57 28.04
N THR B 89 50.31 -87.30 28.10
CA THR B 89 49.16 -87.03 27.21
C THR B 89 48.51 -85.71 27.52
N GLU B 90 48.09 -85.50 28.80
CA GLU B 90 47.43 -84.28 29.28
C GLU B 90 48.25 -83.03 29.05
N ILE B 91 49.59 -83.18 28.97
CA ILE B 91 50.54 -82.12 28.66
C ILE B 91 50.46 -81.88 27.13
N GLN B 92 50.60 -82.96 26.32
CA GLN B 92 50.53 -82.91 24.84
C GLN B 92 49.15 -82.43 24.37
N ARG B 93 48.14 -82.51 25.25
CA ARG B 93 46.77 -82.09 24.98
C ARG B 93 46.68 -80.56 25.10
N ILE B 94 47.42 -79.98 26.09
CA ILE B 94 47.55 -78.53 26.34
C ILE B 94 48.43 -77.92 25.25
N MET B 95 49.33 -78.73 24.67
CA MET B 95 50.25 -78.34 23.60
C MET B 95 49.57 -78.25 22.27
N HIS B 96 48.74 -79.24 21.94
CA HIS B 96 47.98 -79.30 20.68
C HIS B 96 47.07 -78.07 20.50
N ASN B 97 46.45 -77.58 21.61
CA ASN B 97 45.60 -76.39 21.58
C ASN B 97 46.41 -75.10 21.47
N TYR B 98 47.61 -75.06 22.08
CA TYR B 98 48.50 -73.91 22.01
C TYR B 98 49.04 -73.79 20.59
N GLU B 99 49.34 -74.95 19.96
CA GLU B 99 49.83 -75.06 18.59
C GLU B 99 48.79 -74.51 17.60
N LYS B 100 47.50 -74.81 17.84
CA LYS B 100 46.34 -74.37 17.07
C LYS B 100 46.26 -72.86 17.13
N LEU B 101 46.33 -72.28 18.36
CA LEU B 101 46.32 -70.84 18.64
C LEU B 101 47.49 -70.16 17.96
N LYS B 102 48.71 -70.73 18.10
CA LYS B 102 49.93 -70.22 17.47
C LYS B 102 49.82 -70.23 15.94
N SER B 103 49.29 -71.33 15.34
CA SER B 103 49.11 -71.45 13.89
C SER B 103 48.12 -70.40 13.37
N ARG B 104 47.08 -70.09 14.17
CA ARG B 104 46.06 -69.10 13.80
C ARG B 104 46.66 -67.68 13.74
N ILE B 105 47.58 -67.32 14.66
CA ILE B 105 48.29 -66.03 14.67
C ILE B 105 49.11 -65.87 13.38
N SER B 106 49.73 -66.98 12.90
CA SER B 106 50.48 -66.95 11.64
C SER B 106 49.56 -66.66 10.46
N GLU B 107 48.34 -67.25 10.47
CA GLU B 107 47.30 -67.08 9.44
C GLU B 107 46.88 -65.62 9.38
N ILE B 108 46.67 -64.98 10.55
CA ILE B 108 46.24 -63.57 10.64
C ILE B 108 47.38 -62.62 10.19
N VAL B 109 48.63 -62.90 10.66
CA VAL B 109 49.79 -62.08 10.34
C VAL B 109 50.08 -62.11 8.83
N ASP B 110 49.87 -63.28 8.21
CA ASP B 110 50.07 -63.45 6.78
C ASP B 110 48.93 -62.85 5.97
N SER B 111 47.74 -62.74 6.56
CA SER B 111 46.57 -62.12 5.91
C SER B 111 46.75 -60.61 5.94
N ARG B 112 47.37 -60.08 7.03
CA ARG B 112 47.64 -58.65 7.20
C ARG B 112 48.70 -58.21 6.20
N ARG B 113 49.79 -59.00 6.06
CA ARG B 113 50.88 -58.74 5.11
C ARG B 113 50.38 -58.70 3.66
N ARG B 114 49.47 -59.63 3.28
CA ARG B 114 48.83 -59.70 1.94
C ARG B 114 48.10 -58.39 1.64
N LEU B 115 47.37 -57.85 2.63
CA LEU B 115 46.64 -56.58 2.55
C LEU B 115 47.62 -55.43 2.49
N GLU B 116 48.68 -55.44 3.34
CA GLU B 116 49.73 -54.42 3.39
C GLU B 116 50.34 -54.20 2.00
N GLU B 117 50.67 -55.30 1.29
CA GLU B 117 51.24 -55.22 -0.05
C GLU B 117 50.21 -54.81 -1.12
N ASP B 118 48.91 -55.08 -0.87
CA ASP B 118 47.82 -54.65 -1.76
C ASP B 118 47.63 -53.15 -1.63
N LEU B 119 47.69 -52.64 -0.37
CA LEU B 119 47.62 -51.21 -0.03
C LEU B 119 48.78 -50.47 -0.69
N LYS B 120 50.00 -51.05 -0.61
CA LYS B 120 51.21 -50.50 -1.17
C LYS B 120 51.08 -50.37 -2.69
N LYS B 121 50.46 -51.39 -3.34
CA LYS B 121 50.23 -51.43 -4.78
C LYS B 121 49.19 -50.36 -5.18
N GLN B 122 48.16 -50.17 -4.34
CA GLN B 122 47.11 -49.19 -4.62
C GLN B 122 47.57 -47.77 -4.40
N ALA B 123 48.36 -47.51 -3.33
CA ALA B 123 48.91 -46.20 -3.00
C ALA B 123 49.90 -45.79 -4.08
N ALA B 124 50.55 -46.77 -4.74
CA ALA B 124 51.46 -46.54 -5.86
C ALA B 124 50.60 -46.09 -7.05
N GLU B 125 49.39 -46.66 -7.20
CA GLU B 125 48.44 -46.31 -8.24
C GLU B 125 47.91 -44.87 -8.02
N TYR B 126 47.40 -44.53 -6.81
CA TYR B 126 46.96 -43.16 -6.45
C TYR B 126 48.28 -42.40 -6.19
N ARG B 127 48.91 -41.88 -7.23
CA ARG B 127 50.20 -41.19 -7.21
C ARG B 127 50.46 -41.06 -8.66
N GLU B 128 50.24 -42.18 -9.40
CA GLU B 128 50.33 -42.23 -10.84
C GLU B 128 49.04 -41.69 -11.43
N ILE B 129 47.92 -41.76 -10.68
CA ILE B 129 46.63 -41.17 -11.07
C ILE B 129 46.83 -39.64 -10.90
N ASP B 130 47.46 -39.23 -9.77
CA ASP B 130 47.78 -37.86 -9.40
C ASP B 130 48.75 -37.22 -10.40
N LYS B 131 49.93 -37.84 -10.67
CA LYS B 131 50.95 -37.39 -11.64
C LYS B 131 50.30 -37.08 -13.00
N ARG B 132 49.37 -37.97 -13.45
CA ARG B 132 48.60 -37.87 -14.69
C ARG B 132 47.70 -36.64 -14.67
N MET B 133 46.98 -36.43 -13.56
CA MET B 133 46.05 -35.31 -13.34
C MET B 133 46.77 -33.98 -13.33
N ASN B 134 47.90 -33.87 -12.58
CA ASN B 134 48.67 -32.62 -12.48
C ASN B 134 49.42 -32.23 -13.78
N SER B 135 49.28 -33.06 -14.85
CA SER B 135 49.82 -32.83 -16.19
C SER B 135 48.69 -32.29 -17.10
N ILE B 136 47.46 -32.82 -16.94
CA ILE B 136 46.25 -32.42 -17.69
C ILE B 136 45.67 -31.12 -17.14
N LYS B 137 45.61 -30.97 -15.79
CA LYS B 137 45.04 -29.81 -15.09
C LYS B 137 45.63 -28.45 -15.52
N PRO B 138 46.97 -28.22 -15.67
CA PRO B 138 47.44 -26.90 -16.14
C PRO B 138 47.10 -26.64 -17.62
N ASP B 139 46.96 -27.71 -18.44
CA ASP B 139 46.60 -27.65 -19.87
C ASP B 139 45.13 -27.25 -20.05
N LEU B 140 44.21 -27.90 -19.29
CA LEU B 140 42.76 -27.68 -19.28
C LEU B 140 42.46 -26.22 -18.90
N ILE B 141 43.18 -25.69 -17.88
CA ILE B 141 43.07 -24.32 -17.35
C ILE B 141 43.39 -23.29 -18.46
N GLN B 142 44.45 -23.53 -19.27
CA GLN B 142 44.86 -22.67 -20.37
C GLN B 142 43.80 -22.59 -21.49
N LEU B 143 43.13 -23.74 -21.77
CA LEU B 143 42.10 -23.85 -22.79
C LEU B 143 40.80 -23.13 -22.41
N ARG B 144 40.30 -23.33 -21.17
CA ARG B 144 39.09 -22.68 -20.62
C ARG B 144 39.19 -21.17 -20.72
N LYS B 145 40.42 -20.63 -20.59
CA LYS B 145 40.77 -19.22 -20.70
C LYS B 145 40.69 -18.76 -22.17
N THR B 146 41.29 -19.56 -23.10
CA THR B 146 41.33 -19.32 -24.55
C THR B 146 39.91 -19.37 -25.16
N ARG B 147 39.16 -20.46 -24.89
CA ARG B 147 37.77 -20.75 -25.33
C ARG B 147 36.84 -19.54 -25.10
N PRO C 1 -21.57 52.42 0.47
CA PRO C 1 -22.07 51.04 0.52
C PRO C 1 -22.91 50.68 -0.72
N PRO C 2 -23.17 49.39 -1.04
CA PRO C 2 -23.99 49.07 -2.24
C PRO C 2 -25.42 49.62 -2.20
N ARG C 3 -25.99 49.96 -3.39
CA ARG C 3 -27.36 50.46 -3.62
C ARG C 3 -28.40 49.54 -2.93
N PRO C 4 -29.46 50.09 -2.28
CA PRO C 4 -30.43 49.21 -1.59
C PRO C 4 -31.24 48.37 -2.52
N SER C 5 -31.80 49.00 -3.58
CA SER C 5 -32.63 48.35 -4.57
C SER C 5 -32.84 49.30 -5.75
N SER C 6 -31.98 49.19 -6.80
CA SER C 6 -32.04 49.92 -8.08
C SER C 6 -32.62 51.37 -7.97
N GLY C 7 -33.47 51.81 -8.92
CA GLY C 7 -34.09 53.14 -8.89
C GLY C 7 -33.27 54.25 -9.50
N GLU C 8 -33.93 55.23 -10.15
CA GLU C 8 -33.27 56.36 -10.83
C GLU C 8 -32.90 57.51 -9.91
N LEU C 9 -33.49 57.50 -8.71
CA LEU C 9 -33.36 58.44 -7.59
C LEU C 9 -33.61 57.66 -6.28
N TRP C 10 -33.19 58.20 -5.10
CA TRP C 10 -33.47 57.52 -3.84
C TRP C 10 -34.98 57.58 -3.57
N GLY C 11 -35.56 56.43 -3.29
CA GLY C 11 -36.99 56.33 -2.98
C GLY C 11 -37.94 56.35 -4.16
N ILE C 12 -37.48 56.79 -5.35
CA ILE C 12 -38.29 56.82 -6.57
C ILE C 12 -37.64 55.95 -7.63
N HIS C 13 -38.36 54.90 -8.03
CA HIS C 13 -38.01 53.92 -9.04
C HIS C 13 -37.80 54.55 -10.41
N LEU C 14 -38.66 55.51 -10.76
CA LEU C 14 -38.68 56.15 -12.07
C LEU C 14 -38.92 57.65 -11.96
N MET C 15 -37.93 58.48 -12.38
CA MET C 15 -38.12 59.92 -12.33
C MET C 15 -39.14 60.36 -13.40
N PRO C 16 -39.94 61.44 -13.14
CA PRO C 16 -40.93 61.89 -14.13
C PRO C 16 -40.34 62.23 -15.51
N PRO C 17 -41.16 62.49 -16.56
CA PRO C 17 -40.59 62.80 -17.88
C PRO C 17 -39.72 64.05 -17.91
N ARG C 18 -40.13 65.09 -17.17
CA ARG C 18 -39.40 66.34 -16.98
C ARG C 18 -39.19 66.49 -15.47
N ILE C 19 -37.96 66.79 -15.01
CA ILE C 19 -37.64 66.95 -13.59
C ILE C 19 -36.81 68.21 -13.31
N LEU C 20 -36.93 68.75 -12.09
CA LEU C 20 -36.16 69.92 -11.71
C LEU C 20 -34.89 69.48 -10.99
N VAL C 21 -33.75 69.92 -11.53
CA VAL C 21 -32.41 69.61 -11.02
C VAL C 21 -31.76 70.89 -10.45
N GLU C 22 -31.39 70.85 -9.16
CA GLU C 22 -30.72 71.98 -8.48
C GLU C 22 -29.27 71.99 -8.97
N CYS C 23 -28.84 73.11 -9.53
CA CYS C 23 -27.50 73.22 -10.06
C CYS C 23 -26.68 74.20 -9.29
N LEU C 24 -25.53 73.73 -8.80
CA LEU C 24 -24.62 74.47 -7.96
C LEU C 24 -23.40 74.91 -8.79
N LEU C 25 -23.45 76.17 -9.28
CA LEU C 25 -22.44 76.79 -10.14
C LEU C 25 -21.11 77.10 -9.44
N PRO C 26 -19.96 77.17 -10.18
CA PRO C 26 -18.67 77.44 -9.52
C PRO C 26 -18.50 78.85 -8.93
N ASN C 27 -19.45 79.77 -9.17
CA ASN C 27 -19.42 81.15 -8.65
C ASN C 27 -20.29 81.29 -7.39
N GLY C 28 -20.67 80.15 -6.80
CA GLY C 28 -21.49 80.07 -5.60
C GLY C 28 -22.95 80.40 -5.83
N MET C 29 -23.45 80.06 -7.02
CA MET C 29 -24.82 80.32 -7.43
C MET C 29 -25.64 79.06 -7.49
N ILE C 30 -26.94 79.16 -7.21
CA ILE C 30 -27.87 78.04 -7.29
C ILE C 30 -28.91 78.31 -8.38
N VAL C 31 -29.00 77.38 -9.35
CA VAL C 31 -29.91 77.51 -10.48
C VAL C 31 -30.76 76.28 -10.59
N THR C 32 -32.09 76.44 -10.52
CA THR C 32 -32.97 75.30 -10.72
C THR C 32 -33.21 75.22 -12.23
N LEU C 33 -32.96 74.03 -12.80
CA LEU C 33 -33.07 73.73 -14.22
C LEU C 33 -34.06 72.59 -14.41
N GLU C 34 -34.93 72.71 -15.41
CA GLU C 34 -35.89 71.67 -15.71
C GLU C 34 -35.35 70.83 -16.87
N CYS C 35 -35.08 69.55 -16.61
CA CYS C 35 -34.49 68.62 -17.60
C CYS C 35 -35.39 67.46 -17.95
N LEU C 36 -35.20 66.87 -19.15
CA LEU C 36 -35.87 65.64 -19.56
C LEU C 36 -35.11 64.57 -18.78
N ARG C 37 -35.79 63.53 -18.28
CA ARG C 37 -35.08 62.52 -17.50
C ARG C 37 -34.05 61.72 -18.34
N GLU C 38 -34.26 61.64 -19.67
CA GLU C 38 -33.42 60.90 -20.63
C GLU C 38 -32.29 61.78 -21.20
N ALA C 39 -32.22 63.05 -20.73
CA ALA C 39 -31.24 64.05 -21.18
C ALA C 39 -29.84 63.65 -20.81
N THR C 40 -28.87 63.91 -21.70
CA THR C 40 -27.47 63.61 -21.43
C THR C 40 -26.88 64.75 -20.64
N LEU C 41 -25.76 64.50 -19.93
CA LEU C 41 -25.07 65.55 -19.18
C LEU C 41 -24.53 66.66 -20.11
N ILE C 42 -24.21 66.32 -21.39
CA ILE C 42 -23.74 67.29 -22.39
C ILE C 42 -24.82 68.33 -22.60
N THR C 43 -26.08 67.86 -22.82
CA THR C 43 -27.27 68.68 -23.05
C THR C 43 -27.56 69.52 -21.81
N ILE C 44 -27.67 68.89 -20.61
CA ILE C 44 -27.94 69.55 -19.34
C ILE C 44 -26.93 70.67 -19.06
N LYS C 45 -25.61 70.42 -19.27
CA LYS C 45 -24.55 71.41 -19.08
C LYS C 45 -24.72 72.61 -20.02
N HIS C 46 -25.01 72.35 -21.31
CA HIS C 46 -25.23 73.38 -22.31
C HIS C 46 -26.45 74.23 -21.91
N GLU C 47 -27.60 73.56 -21.67
CA GLU C 47 -28.87 74.12 -21.23
C GLU C 47 -28.60 75.02 -20.01
N LEU C 48 -27.85 74.52 -18.99
CA LEU C 48 -27.46 75.23 -17.75
C LEU C 48 -26.62 76.49 -17.98
N PHE C 49 -25.48 76.37 -18.66
CA PHE C 49 -24.58 77.47 -18.92
C PHE C 49 -25.21 78.60 -19.72
N LYS C 50 -26.26 78.26 -20.51
CA LYS C 50 -27.07 79.21 -21.28
C LYS C 50 -27.91 79.99 -20.27
N GLU C 51 -28.64 79.25 -19.37
CA GLU C 51 -29.51 79.75 -18.30
C GLU C 51 -28.74 80.59 -17.27
N ALA C 52 -27.52 80.15 -16.93
CA ALA C 52 -26.59 80.80 -16.01
C ALA C 52 -26.29 82.26 -16.38
N ARG C 53 -26.32 82.58 -17.70
CA ARG C 53 -26.10 83.93 -18.22
C ARG C 53 -27.11 84.94 -17.63
N LYS C 54 -28.31 84.46 -17.21
CA LYS C 54 -29.39 85.27 -16.63
C LYS C 54 -29.17 85.66 -15.16
N TYR C 55 -28.32 84.91 -14.45
CA TYR C 55 -28.05 85.05 -13.02
C TYR C 55 -26.80 85.88 -12.71
N PRO C 56 -26.67 86.47 -11.48
CA PRO C 56 -25.45 87.22 -11.14
C PRO C 56 -24.15 86.43 -11.28
N LEU C 57 -23.06 87.15 -11.60
CA LEU C 57 -21.68 86.66 -11.77
C LEU C 57 -21.49 85.68 -12.96
N HIS C 58 -22.30 85.82 -14.04
CA HIS C 58 -22.19 85.01 -15.27
C HIS C 58 -20.85 85.27 -15.98
N GLN C 59 -20.24 86.43 -15.65
CA GLN C 59 -18.96 86.92 -16.18
C GLN C 59 -17.77 86.14 -15.63
N LEU C 60 -17.91 85.55 -14.42
CA LEU C 60 -16.87 84.75 -13.75
C LEU C 60 -16.71 83.38 -14.40
N LEU C 61 -17.83 82.78 -14.87
CA LEU C 61 -17.86 81.44 -15.47
C LEU C 61 -17.07 81.35 -16.77
N GLN C 62 -16.21 80.34 -16.90
CA GLN C 62 -15.49 80.10 -18.16
C GLN C 62 -16.29 79.09 -19.01
N ASP C 63 -15.85 78.74 -20.24
CA ASP C 63 -16.57 77.84 -21.14
C ASP C 63 -17.04 76.54 -20.47
N GLU C 64 -18.19 75.98 -20.94
CA GLU C 64 -18.80 74.72 -20.48
C GLU C 64 -17.74 73.61 -20.44
N SER C 65 -16.86 73.58 -21.46
CA SER C 65 -15.75 72.64 -21.64
C SER C 65 -14.79 72.59 -20.44
N SER C 66 -14.57 73.74 -19.77
CA SER C 66 -13.65 73.85 -18.63
C SER C 66 -14.16 73.17 -17.34
N TYR C 67 -15.41 72.65 -17.34
CA TYR C 67 -16.04 72.06 -16.17
C TYR C 67 -16.54 70.62 -16.31
N ILE C 68 -16.91 70.02 -15.15
CA ILE C 68 -17.44 68.67 -14.97
C ILE C 68 -18.57 68.74 -13.94
N PHE C 69 -19.50 67.77 -14.01
CA PHE C 69 -20.58 67.64 -13.03
C PHE C 69 -20.20 66.64 -11.93
N VAL C 70 -20.59 66.95 -10.70
CA VAL C 70 -20.34 66.10 -9.53
C VAL C 70 -21.62 66.02 -8.74
N SER C 71 -21.92 64.84 -8.18
CA SER C 71 -23.10 64.64 -7.34
C SER C 71 -22.89 63.45 -6.40
N VAL C 72 -23.85 63.24 -5.50
CA VAL C 72 -23.81 62.12 -4.57
C VAL C 72 -24.71 61.04 -5.15
N THR C 73 -24.19 59.80 -5.23
CA THR C 73 -24.94 58.63 -5.72
C THR C 73 -25.72 57.94 -4.59
N GLN C 74 -26.59 56.98 -4.93
CA GLN C 74 -27.39 56.22 -3.98
C GLN C 74 -26.49 55.30 -3.15
N GLU C 75 -25.24 55.12 -3.61
CA GLU C 75 -24.17 54.36 -2.96
C GLU C 75 -23.46 55.25 -1.90
N ALA C 76 -24.02 56.46 -1.64
CA ALA C 76 -23.57 57.47 -0.68
C ALA C 76 -22.15 58.02 -0.96
N GLU C 77 -21.73 57.99 -2.24
CA GLU C 77 -20.41 58.50 -2.60
C GLU C 77 -20.46 59.57 -3.67
N ARG C 78 -19.54 60.53 -3.56
CA ARG C 78 -19.38 61.68 -4.44
C ARG C 78 -18.77 61.22 -5.80
N GLU C 79 -19.59 61.16 -6.87
CA GLU C 79 -19.19 60.71 -8.20
C GLU C 79 -18.87 61.93 -9.09
N GLU C 80 -17.78 61.86 -9.87
CA GLU C 80 -17.41 62.90 -10.85
C GLU C 80 -17.85 62.32 -12.21
N PHE C 81 -18.62 63.09 -13.00
CA PHE C 81 -19.12 62.58 -14.27
C PHE C 81 -18.31 63.05 -15.46
N PHE C 82 -17.28 62.26 -15.82
CA PHE C 82 -16.41 62.54 -16.96
C PHE C 82 -17.11 62.20 -18.25
N ASP C 83 -17.77 61.03 -18.31
CA ASP C 83 -18.51 60.60 -19.48
C ASP C 83 -19.85 61.34 -19.45
N GLU C 84 -19.90 62.50 -20.14
CA GLU C 84 -21.10 63.33 -20.17
C GLU C 84 -22.10 62.85 -21.24
N THR C 85 -21.86 61.65 -21.74
CA THR C 85 -22.68 60.91 -22.69
C THR C 85 -23.81 60.23 -21.92
N ARG C 86 -23.57 59.96 -20.61
CA ARG C 86 -24.48 59.34 -19.65
C ARG C 86 -25.77 60.19 -19.46
N ARG C 87 -26.95 59.51 -19.37
CA ARG C 87 -28.24 60.19 -19.22
C ARG C 87 -28.57 60.43 -17.73
N LEU C 88 -29.27 61.54 -17.43
CA LEU C 88 -29.68 61.93 -16.08
C LEU C 88 -30.26 60.74 -15.32
N CYS C 89 -31.22 60.03 -15.94
CA CYS C 89 -31.86 58.85 -15.35
C CYS C 89 -30.88 57.68 -15.03
N ASP C 90 -29.74 57.57 -15.76
CA ASP C 90 -28.76 56.49 -15.59
C ASP C 90 -27.62 56.80 -14.59
N LEU C 91 -27.51 58.05 -14.10
CA LEU C 91 -26.53 58.39 -13.04
C LEU C 91 -27.32 57.95 -11.83
N ARG C 92 -26.74 57.12 -10.97
CA ARG C 92 -27.49 56.59 -9.82
C ARG C 92 -27.58 57.67 -8.74
N LEU C 93 -28.18 58.83 -9.07
CA LEU C 93 -28.28 59.99 -8.20
C LEU C 93 -29.10 59.75 -6.97
N PHE C 94 -28.60 60.23 -5.80
CA PHE C 94 -29.31 60.14 -4.53
C PHE C 94 -30.45 61.16 -4.53
N GLN C 95 -30.12 62.44 -4.75
CA GLN C 95 -31.09 63.55 -4.81
C GLN C 95 -30.87 64.30 -6.14
N PRO C 96 -31.95 64.79 -6.84
CA PRO C 96 -31.76 65.47 -8.15
C PRO C 96 -31.03 66.82 -8.10
N PHE C 97 -29.71 66.75 -8.05
CA PHE C 97 -28.84 67.90 -8.01
C PHE C 97 -27.52 67.55 -8.64
N LEU C 98 -26.90 68.56 -9.25
CA LEU C 98 -25.58 68.43 -9.85
C LEU C 98 -24.77 69.59 -9.33
N LYS C 99 -23.44 69.46 -9.34
CA LYS C 99 -22.53 70.52 -8.95
C LYS C 99 -21.53 70.71 -10.07
N VAL C 100 -21.20 71.96 -10.38
CA VAL C 100 -20.24 72.28 -11.43
C VAL C 100 -18.90 72.55 -10.77
N ILE C 101 -17.90 71.76 -11.16
CA ILE C 101 -16.54 71.84 -10.64
C ILE C 101 -15.53 71.81 -11.78
N GLU C 102 -14.30 72.24 -11.51
CA GLU C 102 -13.18 72.16 -12.46
C GLU C 102 -12.54 70.78 -12.21
N PRO C 103 -12.42 69.92 -13.26
CA PRO C 103 -11.84 68.57 -13.07
C PRO C 103 -10.47 68.60 -12.43
N VAL C 104 -10.24 67.69 -11.50
CA VAL C 104 -9.04 67.68 -10.68
C VAL C 104 -7.89 66.78 -11.18
N GLY C 105 -7.92 65.49 -10.83
CA GLY C 105 -6.83 64.56 -11.09
C GLY C 105 -6.61 64.10 -12.51
N ASN C 106 -6.39 62.78 -12.67
CA ASN C 106 -6.19 62.18 -13.99
C ASN C 106 -7.40 61.32 -14.37
N ARG C 107 -8.05 61.74 -15.50
CA ARG C 107 -9.27 61.19 -16.10
C ARG C 107 -9.24 59.68 -16.12
N GLU C 108 -8.28 59.10 -16.89
CA GLU C 108 -8.04 57.67 -17.08
C GLU C 108 -8.28 56.84 -15.81
N GLU C 109 -7.53 57.16 -14.74
CA GLU C 109 -7.57 56.52 -13.42
C GLU C 109 -8.97 56.62 -12.77
N LYS C 110 -9.51 57.85 -12.66
CA LYS C 110 -10.83 58.10 -12.07
C LYS C 110 -11.95 57.34 -12.83
N ILE C 111 -11.87 57.37 -14.18
CA ILE C 111 -12.79 56.68 -15.11
C ILE C 111 -12.76 55.17 -14.87
N LEU C 112 -11.55 54.55 -14.81
CA LEU C 112 -11.44 53.12 -14.55
C LEU C 112 -12.05 52.79 -13.20
N ASN C 113 -11.72 53.54 -12.15
CA ASN C 113 -12.26 53.27 -10.81
C ASN C 113 -13.79 53.40 -10.72
N ARG C 114 -14.43 54.13 -11.68
CA ARG C 114 -15.90 54.32 -11.83
C ARG C 114 -16.47 53.03 -12.44
N GLU C 115 -15.78 52.54 -13.50
CA GLU C 115 -16.12 51.38 -14.29
C GLU C 115 -15.94 50.11 -13.47
N ILE C 116 -14.90 50.07 -12.59
CA ILE C 116 -14.65 48.94 -11.70
C ILE C 116 -15.76 48.95 -10.64
N GLY C 117 -15.83 50.03 -9.87
CA GLY C 117 -16.81 50.23 -8.80
C GLY C 117 -18.25 49.95 -9.18
N PHE C 118 -18.62 50.25 -10.42
CA PHE C 118 -19.97 50.04 -10.95
C PHE C 118 -20.25 48.54 -11.16
N ALA C 119 -19.31 47.84 -11.84
CA ALA C 119 -19.36 46.41 -12.16
C ALA C 119 -19.39 45.57 -10.88
N ILE C 120 -18.56 45.94 -9.84
CA ILE C 120 -18.49 45.27 -8.53
C ILE C 120 -19.83 45.46 -7.77
N GLY C 121 -20.34 46.69 -7.78
CA GLY C 121 -21.55 47.05 -7.08
C GLY C 121 -21.25 47.79 -5.78
N MET C 122 -20.10 48.48 -5.74
CA MET C 122 -19.64 49.29 -4.60
C MET C 122 -18.35 50.05 -4.96
N PRO C 123 -18.21 51.32 -4.52
CA PRO C 123 -17.02 52.11 -4.89
C PRO C 123 -15.69 51.60 -4.36
N VAL C 124 -14.65 51.71 -5.21
CA VAL C 124 -13.26 51.33 -4.95
C VAL C 124 -12.71 52.13 -3.77
N CYS C 125 -13.12 53.42 -3.62
CA CYS C 125 -12.70 54.29 -2.52
C CYS C 125 -13.01 53.70 -1.14
N GLU C 126 -14.03 52.82 -1.07
CA GLU C 126 -14.44 52.11 0.14
C GLU C 126 -13.40 51.03 0.55
N PHE C 127 -12.68 50.48 -0.44
CA PHE C 127 -11.60 49.54 -0.21
C PHE C 127 -10.39 50.30 0.30
N ASP C 128 -10.16 51.50 -0.25
CA ASP C 128 -9.06 52.39 0.15
C ASP C 128 -9.23 52.78 1.62
N MET C 129 -10.50 52.91 2.05
CA MET C 129 -10.96 53.30 3.37
C MET C 129 -10.70 52.24 4.47
N VAL C 130 -10.68 50.93 4.10
CA VAL C 130 -10.45 49.80 5.03
C VAL C 130 -9.04 49.88 5.62
N LYS C 131 -8.96 49.91 6.96
CA LYS C 131 -7.68 50.03 7.65
C LYS C 131 -6.99 48.66 7.93
N ASP C 132 -7.75 47.54 7.84
CA ASP C 132 -7.26 46.17 8.05
C ASP C 132 -6.06 45.84 7.14
N PRO C 133 -4.88 45.53 7.76
CA PRO C 133 -3.67 45.22 6.97
C PRO C 133 -3.81 44.05 6.00
N GLU C 134 -4.62 43.02 6.36
CA GLU C 134 -4.84 41.85 5.49
C GLU C 134 -5.53 42.24 4.17
N VAL C 135 -6.44 43.22 4.24
CA VAL C 135 -7.19 43.73 3.11
C VAL C 135 -6.24 44.47 2.18
N GLN C 136 -5.48 45.43 2.73
CA GLN C 136 -4.52 46.24 1.97
C GLN C 136 -3.42 45.37 1.39
N ASP C 137 -2.93 44.37 2.15
CA ASP C 137 -1.91 43.45 1.66
C ASP C 137 -2.48 42.58 0.50
N PHE C 138 -3.75 42.15 0.60
CA PHE C 138 -4.40 41.39 -0.48
C PHE C 138 -4.43 42.25 -1.73
N ARG C 139 -4.91 43.50 -1.61
CA ARG C 139 -4.99 44.44 -2.73
C ARG C 139 -3.66 44.58 -3.46
N ARG C 140 -2.53 44.79 -2.74
CA ARG C 140 -1.22 44.94 -3.36
C ARG C 140 -0.64 43.64 -3.93
N ASN C 141 -0.75 42.54 -3.19
CA ASN C 141 -0.13 41.30 -3.56
C ASN C 141 -0.84 40.53 -4.65
N ILE C 142 -2.17 40.70 -4.80
CA ILE C 142 -2.90 39.97 -5.85
C ILE C 142 -2.52 40.49 -7.26
N LEU C 143 -1.96 41.71 -7.35
CA LEU C 143 -1.55 42.33 -8.60
C LEU C 143 -0.44 41.54 -9.28
N ASN C 144 0.26 40.72 -8.51
CA ASN C 144 1.30 39.83 -9.01
C ASN C 144 0.63 38.80 -9.94
N VAL C 145 -0.57 38.31 -9.57
CA VAL C 145 -1.36 37.35 -10.35
C VAL C 145 -1.82 38.03 -11.64
N CYS C 146 -2.28 39.30 -11.53
CA CYS C 146 -2.78 40.12 -12.65
C CYS C 146 -1.66 40.33 -13.66
N LYS C 147 -0.50 40.85 -13.20
CA LYS C 147 0.66 41.09 -14.06
C LYS C 147 1.13 39.81 -14.75
N GLU C 148 1.09 38.64 -14.06
CA GLU C 148 1.48 37.34 -14.63
C GLU C 148 0.54 36.86 -15.71
N ALA C 149 -0.78 37.09 -15.51
CA ALA C 149 -1.85 36.68 -16.43
C ALA C 149 -1.84 37.52 -17.69
N VAL C 150 -1.64 38.85 -17.53
CA VAL C 150 -1.58 39.82 -18.62
C VAL C 150 -0.33 39.56 -19.49
N ASP C 151 0.75 39.08 -18.88
CA ASP C 151 2.00 38.77 -19.56
C ASP C 151 1.87 37.55 -20.43
N LEU C 152 1.07 36.58 -19.98
CA LEU C 152 0.78 35.36 -20.71
C LEU C 152 0.01 35.66 -22.01
N ARG C 153 -0.99 36.56 -21.91
CA ARG C 153 -1.90 37.03 -22.97
C ARG C 153 -1.12 37.78 -24.05
N ASP C 154 -0.01 38.44 -23.68
CA ASP C 154 0.79 39.18 -24.63
C ASP C 154 2.04 38.40 -25.15
N LEU C 155 2.30 37.18 -24.63
CA LEU C 155 3.40 36.33 -25.10
C LEU C 155 2.81 35.51 -26.26
N ASN C 156 3.22 35.85 -27.49
CA ASN C 156 2.74 35.38 -28.81
C ASN C 156 1.54 36.28 -29.19
N SER C 157 1.88 37.60 -29.15
CA SER C 157 1.19 38.86 -29.36
C SER C 157 -0.22 38.78 -30.01
N PRO C 158 -0.47 38.29 -31.26
CA PRO C 158 -1.86 38.28 -31.75
C PRO C 158 -2.67 37.04 -31.33
N HIS C 159 -2.17 35.82 -31.62
CA HIS C 159 -2.84 34.56 -31.31
C HIS C 159 -3.22 34.45 -29.83
N SER C 160 -2.28 34.74 -28.92
CA SER C 160 -2.48 34.68 -27.48
C SER C 160 -3.59 35.59 -26.97
N ARG C 161 -3.73 36.78 -27.55
CA ARG C 161 -4.79 37.74 -27.20
C ARG C 161 -6.16 37.26 -27.72
N ALA C 162 -6.20 36.60 -28.91
CA ALA C 162 -7.39 36.03 -29.55
C ALA C 162 -7.84 34.81 -28.79
N MET C 163 -6.86 34.07 -28.27
CA MET C 163 -7.01 32.85 -27.46
C MET C 163 -7.70 33.18 -26.13
N TYR C 164 -7.38 34.36 -25.53
CA TYR C 164 -7.99 34.85 -24.30
C TYR C 164 -9.46 35.21 -24.53
N VAL C 165 -9.74 35.98 -25.59
CA VAL C 165 -11.08 36.47 -25.93
C VAL C 165 -11.98 35.36 -26.45
N TYR C 166 -11.47 34.48 -27.34
CA TYR C 166 -12.21 33.35 -27.94
C TYR C 166 -11.57 31.99 -27.63
N PRO C 167 -11.57 31.58 -26.35
CA PRO C 167 -10.98 30.29 -26.00
C PRO C 167 -11.67 29.09 -26.66
N PRO C 168 -10.94 28.08 -27.16
CA PRO C 168 -11.63 26.95 -27.81
C PRO C 168 -12.63 26.30 -26.89
N ASN C 169 -13.91 26.29 -27.27
CA ASN C 169 -14.93 25.64 -26.46
C ASN C 169 -15.05 24.24 -27.00
N VAL C 170 -14.22 23.40 -26.39
CA VAL C 170 -13.90 22.04 -26.74
C VAL C 170 -14.25 21.10 -25.59
N GLU C 171 -14.52 19.82 -25.89
CA GLU C 171 -14.87 18.77 -24.92
C GLU C 171 -13.64 18.35 -24.12
N SER C 172 -13.86 17.54 -23.09
CA SER C 172 -12.85 17.06 -22.16
C SER C 172 -11.73 16.25 -22.84
N SER C 173 -12.08 15.06 -23.39
CA SER C 173 -11.11 14.18 -24.04
C SER C 173 -11.30 14.14 -25.55
N PRO C 174 -10.20 14.03 -26.35
CA PRO C 174 -10.37 13.93 -27.81
C PRO C 174 -11.01 12.61 -28.22
N GLU C 175 -10.82 11.55 -27.39
CA GLU C 175 -11.39 10.22 -27.57
C GLU C 175 -12.92 10.28 -27.51
N LEU C 176 -13.54 9.83 -28.61
CA LEU C 176 -14.95 9.81 -28.88
C LEU C 176 -15.55 8.47 -28.43
N PRO C 177 -16.74 8.44 -27.77
CA PRO C 177 -17.34 7.12 -27.41
C PRO C 177 -17.85 6.45 -28.68
N LYS C 178 -17.64 5.13 -28.81
CA LYS C 178 -18.00 4.33 -30.00
C LYS C 178 -19.41 4.59 -30.53
N HIS C 179 -20.41 4.79 -29.64
CA HIS C 179 -21.81 5.06 -30.03
C HIS C 179 -21.96 6.34 -30.85
N ILE C 180 -21.05 7.30 -30.61
CA ILE C 180 -20.95 8.58 -31.32
C ILE C 180 -20.14 8.40 -32.60
N TYR C 181 -19.04 7.60 -32.56
CA TYR C 181 -18.22 7.31 -33.75
C TYR C 181 -19.07 6.64 -34.82
N ASN C 182 -19.87 5.62 -34.43
CA ASN C 182 -20.76 4.86 -35.32
C ASN C 182 -21.76 5.76 -36.07
N LYS C 183 -22.08 6.95 -35.50
CA LYS C 183 -22.98 7.94 -36.12
C LYS C 183 -22.35 8.56 -37.38
N LEU C 184 -21.02 8.88 -37.37
CA LEU C 184 -20.39 9.40 -38.59
C LEU C 184 -19.90 8.27 -39.46
N ASP C 185 -20.61 8.03 -40.58
CA ASP C 185 -20.30 6.96 -41.51
C ASP C 185 -18.88 7.07 -42.14
N LYS C 186 -18.07 6.00 -41.92
CA LYS C 186 -16.68 5.75 -42.35
C LYS C 186 -15.64 6.57 -41.53
N GLY C 187 -16.07 7.12 -40.40
CA GLY C 187 -15.21 7.92 -39.54
C GLY C 187 -14.92 9.30 -40.09
N GLN C 188 -15.82 9.78 -40.96
CA GLN C 188 -15.72 11.09 -41.61
C GLN C 188 -17.02 11.88 -41.42
N ILE C 189 -16.93 13.21 -41.49
CA ILE C 189 -18.08 14.13 -41.33
C ILE C 189 -18.16 15.12 -42.51
N ILE C 190 -19.38 15.47 -42.89
CA ILE C 190 -19.63 16.42 -43.96
C ILE C 190 -19.84 17.77 -43.29
N VAL C 191 -18.91 18.69 -43.55
CA VAL C 191 -18.84 20.06 -43.01
C VAL C 191 -19.10 21.07 -44.14
N VAL C 192 -19.65 22.24 -43.83
CA VAL C 192 -19.89 23.27 -44.83
C VAL C 192 -19.13 24.52 -44.42
N ILE C 193 -18.20 24.96 -45.26
CA ILE C 193 -17.43 26.17 -45.02
C ILE C 193 -17.97 27.31 -45.89
N TRP C 194 -18.39 28.41 -45.22
CA TRP C 194 -18.93 29.60 -45.85
C TRP C 194 -17.90 30.72 -45.89
N VAL C 195 -18.03 31.59 -46.91
CA VAL C 195 -17.15 32.74 -47.13
C VAL C 195 -18.00 33.93 -47.53
N ILE C 196 -17.70 35.11 -46.96
CA ILE C 196 -18.39 36.34 -47.30
C ILE C 196 -17.50 37.07 -48.31
N VAL C 197 -17.81 36.82 -49.58
CA VAL C 197 -17.06 37.30 -50.72
C VAL C 197 -17.42 38.76 -51.07
N SER C 198 -16.38 39.57 -51.28
CA SER C 198 -16.51 40.99 -51.62
C SER C 198 -16.46 41.19 -53.16
N PRO C 199 -17.22 42.12 -53.79
CA PRO C 199 -18.08 43.19 -53.21
C PRO C 199 -19.31 42.72 -52.42
N ASN C 200 -19.87 43.68 -51.62
CA ASN C 200 -21.02 43.52 -50.74
C ASN C 200 -20.75 42.39 -49.74
N ASN C 201 -21.78 41.58 -49.42
CA ASN C 201 -21.70 40.43 -48.52
C ASN C 201 -22.29 39.19 -49.21
N ASP C 202 -21.79 38.86 -50.42
CA ASP C 202 -22.33 37.65 -51.05
C ASP C 202 -21.73 36.44 -50.33
N LYS C 203 -22.54 35.42 -50.09
CA LYS C 203 -22.11 34.22 -49.38
C LYS C 203 -21.81 33.12 -50.37
N GLN C 204 -20.72 32.38 -50.12
CA GLN C 204 -20.25 31.27 -50.95
C GLN C 204 -19.93 30.08 -50.06
N LYS C 205 -20.47 28.89 -50.39
CA LYS C 205 -20.24 27.67 -49.60
C LYS C 205 -19.37 26.65 -50.32
N TYR C 206 -18.67 25.82 -49.52
CA TYR C 206 -17.76 24.77 -49.97
C TYR C 206 -17.99 23.59 -49.03
N THR C 207 -18.61 22.52 -49.50
CA THR C 207 -18.89 21.34 -48.68
C THR C 207 -17.68 20.39 -48.68
N LEU C 208 -17.27 19.91 -47.52
CA LEU C 208 -16.11 19.02 -47.41
C LEU C 208 -16.44 17.79 -46.57
N LYS C 209 -16.03 16.60 -47.05
CA LYS C 209 -16.19 15.33 -46.34
C LYS C 209 -14.80 14.93 -45.88
N ILE C 210 -14.51 15.16 -44.59
CA ILE C 210 -13.21 14.84 -44.04
C ILE C 210 -13.30 14.15 -42.66
N ASN C 211 -12.19 13.56 -42.19
CA ASN C 211 -12.09 12.87 -40.91
C ASN C 211 -12.39 13.82 -39.75
N HIS C 212 -12.98 13.28 -38.68
CA HIS C 212 -13.32 14.09 -37.53
C HIS C 212 -12.08 14.47 -36.70
N ASP C 213 -10.98 13.69 -36.77
CA ASP C 213 -9.76 13.97 -36.01
C ASP C 213 -8.98 15.16 -36.57
N CYS C 214 -9.45 15.75 -37.68
CA CYS C 214 -8.84 16.88 -38.39
C CYS C 214 -8.65 18.10 -37.53
N VAL C 215 -7.43 18.65 -37.52
CA VAL C 215 -7.10 19.89 -36.84
C VAL C 215 -7.80 21.00 -37.67
N PRO C 216 -8.27 22.14 -37.09
CA PRO C 216 -8.92 23.17 -37.93
C PRO C 216 -8.09 23.64 -39.14
N GLU C 217 -6.73 23.61 -39.02
CA GLU C 217 -5.77 24.00 -40.07
C GLU C 217 -5.85 23.05 -41.27
N GLN C 218 -6.09 21.76 -41.01
CA GLN C 218 -6.26 20.75 -42.04
C GLN C 218 -7.59 20.98 -42.75
N VAL C 219 -8.61 21.44 -42.01
CA VAL C 219 -9.96 21.76 -42.51
C VAL C 219 -9.86 22.95 -43.51
N ILE C 220 -9.07 23.99 -43.15
CA ILE C 220 -8.76 25.15 -43.99
C ILE C 220 -7.99 24.64 -45.22
N ALA C 221 -6.93 23.80 -45.02
CA ALA C 221 -6.14 23.20 -46.10
C ALA C 221 -7.03 22.51 -47.14
N GLU C 222 -7.98 21.67 -46.69
CA GLU C 222 -8.93 20.97 -47.54
C GLU C 222 -9.88 21.96 -48.29
N ALA C 223 -10.20 23.11 -47.67
CA ALA C 223 -11.02 24.16 -48.30
C ALA C 223 -10.22 24.89 -49.38
N ILE C 224 -8.91 25.17 -49.13
CA ILE C 224 -7.99 25.81 -50.12
C ILE C 224 -7.90 24.89 -51.30
N ARG C 225 -7.86 23.58 -51.04
CA ARG C 225 -7.76 22.59 -52.11
C ARG C 225 -8.99 22.65 -53.00
N LYS C 226 -10.20 22.62 -52.40
CA LYS C 226 -11.44 22.71 -53.15
C LYS C 226 -11.51 23.96 -54.04
N LYS C 227 -11.08 25.13 -53.51
CA LYS C 227 -11.07 26.40 -54.23
C LYS C 227 -10.05 26.44 -55.36
N THR C 228 -8.82 25.92 -55.13
CA THR C 228 -7.72 25.86 -56.09
C THR C 228 -8.04 24.94 -57.28
N ARG C 229 -8.88 23.90 -57.05
CA ARG C 229 -9.31 22.85 -57.98
C ARG C 229 -9.43 23.30 -59.43
N SER C 230 -9.96 24.50 -59.68
CA SER C 230 -10.24 25.07 -61.00
C SER C 230 -9.14 26.00 -61.61
N MET C 231 -8.12 26.35 -60.84
CA MET C 231 -7.06 27.34 -61.13
C MET C 231 -5.92 26.94 -62.09
N LEU C 232 -5.86 25.66 -62.54
CA LEU C 232 -4.82 25.14 -63.44
C LEU C 232 -3.43 25.16 -62.80
N LEU C 233 -3.40 25.16 -61.45
CA LEU C 233 -2.18 25.16 -60.65
C LEU C 233 -1.51 23.79 -60.71
N SER C 234 -0.18 23.74 -60.76
CA SER C 234 0.58 22.49 -60.80
C SER C 234 0.63 21.88 -59.39
N SER C 235 0.87 20.54 -59.30
CA SER C 235 0.95 19.77 -58.04
C SER C 235 1.84 20.42 -57.00
N GLU C 236 3.00 20.97 -57.44
CA GLU C 236 4.02 21.64 -56.63
C GLU C 236 3.54 23.01 -56.11
N GLN C 237 2.85 23.80 -56.97
CA GLN C 237 2.32 25.12 -56.61
C GLN C 237 1.11 24.99 -55.69
N LEU C 238 0.24 23.99 -55.94
CA LEU C 238 -0.95 23.80 -55.12
C LEU C 238 -0.62 23.24 -53.74
N LYS C 239 0.51 22.48 -53.60
CA LYS C 239 1.02 21.99 -52.31
C LYS C 239 1.63 23.16 -51.55
N LEU C 240 2.31 24.06 -52.27
CA LEU C 240 2.95 25.26 -51.74
C LEU C 240 1.95 26.26 -51.18
N CYS C 241 0.80 26.45 -51.89
CA CYS C 241 -0.28 27.34 -51.46
C CYS C 241 -0.85 26.75 -50.19
N VAL C 242 -1.22 25.46 -50.23
CA VAL C 242 -1.73 24.74 -49.07
C VAL C 242 -0.80 24.96 -47.86
N LEU C 243 0.53 24.97 -48.08
CA LEU C 243 1.51 25.20 -47.04
C LEU C 243 1.60 26.66 -46.59
N GLU C 244 1.70 27.62 -47.53
CA GLU C 244 1.86 29.06 -47.23
C GLU C 244 0.58 29.77 -46.69
N TYR C 245 -0.60 29.51 -47.28
CA TYR C 245 -1.90 30.05 -46.86
C TYR C 245 -2.61 28.85 -46.28
N GLN C 246 -2.93 28.87 -44.99
CA GLN C 246 -3.49 27.73 -44.26
C GLN C 246 -3.56 28.26 -42.88
N GLY C 247 -2.43 28.77 -42.42
CA GLY C 247 -2.31 29.43 -41.13
C GLY C 247 -2.51 30.92 -41.28
N LYS C 248 -3.15 31.34 -42.41
CA LYS C 248 -3.46 32.74 -42.73
C LYS C 248 -4.98 32.98 -42.56
N TYR C 249 -5.74 31.86 -42.38
CA TYR C 249 -7.17 31.83 -42.20
C TYR C 249 -7.61 31.18 -40.88
N ILE C 250 -8.81 31.58 -40.39
CA ILE C 250 -9.45 31.15 -39.15
C ILE C 250 -10.87 30.64 -39.37
N LEU C 251 -11.29 29.65 -38.54
CA LEU C 251 -12.65 29.12 -38.58
C LEU C 251 -13.52 29.61 -37.41
N LYS C 252 -14.77 29.95 -37.70
CA LYS C 252 -15.76 30.43 -36.75
C LYS C 252 -17.07 29.64 -36.95
N VAL C 253 -17.84 29.44 -35.88
CA VAL C 253 -19.16 28.80 -35.96
C VAL C 253 -20.08 29.89 -36.53
N CYS C 254 -20.99 29.51 -37.44
CA CYS C 254 -21.93 30.45 -38.03
C CYS C 254 -22.97 30.89 -36.99
N GLY C 255 -23.20 32.20 -36.89
CA GLY C 255 -24.20 32.81 -36.00
C GLY C 255 -23.85 32.71 -34.54
N CYS C 256 -22.55 32.78 -34.26
CA CYS C 256 -21.93 32.57 -32.96
C CYS C 256 -20.61 33.25 -32.87
N ASP C 257 -20.18 33.56 -31.65
CA ASP C 257 -18.83 34.07 -31.45
C ASP C 257 -17.92 32.95 -30.90
N GLU C 258 -17.96 31.78 -31.58
CA GLU C 258 -17.16 30.59 -31.23
C GLU C 258 -16.12 30.34 -32.33
N TYR C 259 -14.82 30.46 -31.98
CA TYR C 259 -13.71 30.26 -32.91
C TYR C 259 -12.88 29.02 -32.64
N PHE C 260 -12.42 28.41 -33.72
CA PHE C 260 -11.60 27.19 -33.74
C PHE C 260 -10.11 27.58 -33.81
N LEU C 261 -9.61 28.27 -32.76
CA LEU C 261 -8.25 28.79 -32.72
C LEU C 261 -7.14 27.82 -32.23
N GLU C 262 -7.48 26.59 -31.81
CA GLU C 262 -6.46 25.67 -31.30
C GLU C 262 -6.46 24.31 -32.00
N LYS C 263 -5.26 23.71 -32.00
CA LYS C 263 -4.86 22.43 -32.61
C LYS C 263 -5.71 21.19 -32.23
N TYR C 264 -6.77 21.32 -31.42
CA TYR C 264 -7.65 20.18 -31.05
C TYR C 264 -8.32 19.52 -32.29
N PRO C 265 -8.60 18.19 -32.29
CA PRO C 265 -9.35 17.62 -33.42
C PRO C 265 -10.73 18.27 -33.52
N LEU C 266 -11.29 18.33 -34.71
CA LEU C 266 -12.58 18.96 -34.96
C LEU C 266 -13.70 18.37 -34.15
N SER C 267 -13.74 17.03 -33.98
CA SER C 267 -14.76 16.33 -33.20
C SER C 267 -14.76 16.72 -31.73
N GLN C 268 -13.56 17.08 -31.20
CA GLN C 268 -13.41 17.51 -29.80
C GLN C 268 -14.13 18.82 -29.56
N TYR C 269 -14.24 19.69 -30.58
CA TYR C 269 -14.96 20.96 -30.47
C TYR C 269 -16.43 20.69 -30.15
N LYS C 270 -16.93 21.33 -29.06
CA LYS C 270 -18.29 21.12 -28.55
C LYS C 270 -19.41 21.34 -29.58
N TYR C 271 -19.25 22.32 -30.50
CA TYR C 271 -20.25 22.58 -31.57
C TYR C 271 -20.34 21.40 -32.51
N ILE C 272 -19.16 20.88 -32.93
CA ILE C 272 -19.02 19.76 -33.84
C ILE C 272 -19.58 18.48 -33.24
N ARG C 273 -19.21 18.15 -31.97
CA ARG C 273 -19.67 16.93 -31.29
C ARG C 273 -21.20 16.90 -31.15
N SER C 274 -21.82 18.07 -30.91
CA SER C 274 -23.28 18.12 -30.81
C SER C 274 -23.92 17.89 -32.20
N CYS C 275 -23.26 18.38 -33.29
CA CYS C 275 -23.73 18.18 -34.65
C CYS C 275 -23.71 16.68 -34.96
N ILE C 276 -22.55 16.01 -34.76
CA ILE C 276 -22.34 14.58 -34.98
C ILE C 276 -23.48 13.79 -34.35
N MET C 277 -23.75 14.06 -33.07
CA MET C 277 -24.80 13.43 -32.27
C MET C 277 -26.22 13.77 -32.70
N LEU C 278 -26.48 15.03 -33.12
CA LEU C 278 -27.79 15.47 -33.59
C LEU C 278 -28.08 15.24 -35.08
N GLY C 279 -27.07 14.78 -35.82
CA GLY C 279 -27.18 14.54 -37.25
C GLY C 279 -27.42 15.83 -38.02
N ARG C 280 -26.87 16.94 -37.49
CA ARG C 280 -26.93 18.29 -38.06
C ARG C 280 -25.64 18.56 -38.84
N MET C 281 -25.73 19.41 -39.87
CA MET C 281 -24.58 19.74 -40.70
C MET C 281 -23.83 20.88 -40.04
N PRO C 282 -22.53 20.71 -39.71
CA PRO C 282 -21.79 21.83 -39.11
C PRO C 282 -21.46 22.90 -40.15
N ASN C 283 -22.01 24.13 -39.95
CA ASN C 283 -21.76 25.26 -40.85
C ASN C 283 -20.72 26.18 -40.18
N LEU C 284 -19.55 26.25 -40.81
CA LEU C 284 -18.44 27.06 -40.34
C LEU C 284 -18.20 28.20 -41.29
N MET C 285 -17.57 29.26 -40.82
CA MET C 285 -17.28 30.42 -41.63
C MET C 285 -15.79 30.69 -41.66
N LEU C 286 -15.22 30.76 -42.88
CA LEU C 286 -13.80 31.04 -43.07
C LEU C 286 -13.57 32.56 -43.07
N MET C 287 -12.44 32.95 -42.53
CA MET C 287 -12.07 34.33 -42.30
C MET C 287 -10.56 34.51 -42.36
N ALA C 288 -10.11 35.74 -42.62
CA ALA C 288 -8.69 36.01 -42.60
C ALA C 288 -8.27 36.22 -41.13
N LYS C 289 -7.14 35.61 -40.73
CA LYS C 289 -6.53 35.75 -39.40
C LYS C 289 -6.51 37.24 -39.04
N GLU C 290 -6.14 38.09 -40.00
CA GLU C 290 -6.08 39.54 -39.82
C GLU C 290 -7.44 40.20 -39.58
N SER C 291 -8.52 39.63 -40.17
CA SER C 291 -9.89 40.15 -40.00
C SER C 291 -10.28 40.05 -38.54
N LEU C 292 -9.98 38.89 -37.91
CA LEU C 292 -10.22 38.63 -36.48
C LEU C 292 -9.28 39.47 -35.60
N TYR C 293 -7.96 39.51 -35.91
CA TYR C 293 -6.94 40.24 -35.15
C TYR C 293 -7.16 41.76 -35.12
N SER C 294 -7.88 42.30 -36.12
CA SER C 294 -8.21 43.73 -36.21
C SER C 294 -9.29 44.10 -35.17
N GLN C 295 -10.14 43.12 -34.79
CA GLN C 295 -11.21 43.28 -33.80
C GLN C 295 -10.63 43.39 -32.36
N LEU C 296 -9.58 42.60 -32.05
CA LEU C 296 -8.94 42.54 -30.73
C LEU C 296 -8.30 43.87 -30.31
N PRO C 297 -8.67 44.40 -29.11
CA PRO C 297 -8.13 45.69 -28.69
C PRO C 297 -7.17 45.61 -27.49
N MET C 298 -7.66 46.04 -26.29
CA MET C 298 -7.07 46.15 -24.93
C MET C 298 -5.54 46.46 -24.92
N ASP C 299 -4.77 45.79 -24.01
CA ASP C 299 -3.34 45.93 -23.67
C ASP C 299 -3.23 47.04 -22.60
N CYS C 300 -4.39 47.39 -22.05
CA CYS C 300 -4.64 48.44 -21.10
C CYS C 300 -4.32 48.05 -19.61
N PHE C 301 -3.21 47.31 -19.33
CA PHE C 301 -2.89 47.00 -17.92
C PHE C 301 -1.99 48.03 -17.28
N THR C 302 -2.56 48.74 -16.30
CA THR C 302 -1.88 49.77 -15.55
C THR C 302 -2.01 49.44 -14.06
N MET C 303 -0.89 49.52 -13.36
CA MET C 303 -0.81 49.25 -11.93
C MET C 303 -1.48 50.38 -11.14
N PRO C 304 -2.40 50.08 -10.17
CA PRO C 304 -3.04 51.17 -9.41
C PRO C 304 -2.17 51.75 -8.30
N SER C 305 -2.77 52.69 -7.53
CA SER C 305 -2.16 53.41 -6.41
C SER C 305 -1.86 52.54 -5.15
N TYR C 306 -1.37 51.28 -5.37
CA TYR C 306 -1.00 50.30 -4.34
C TYR C 306 -0.14 49.17 -4.94
N SER C 322 12.31 40.11 16.24
CA SER C 322 12.71 38.97 17.06
C SER C 322 11.49 38.17 17.61
N THR C 323 11.16 37.06 16.94
CA THR C 323 10.02 36.21 17.31
C THR C 323 10.42 34.90 17.97
N LYS C 324 9.72 34.52 19.05
CA LYS C 324 9.97 33.28 19.79
C LYS C 324 9.11 32.33 18.83
N SER C 325 9.44 31.05 18.62
CA SER C 325 8.67 30.12 17.73
C SER C 325 7.52 29.42 18.45
N LEU C 326 6.44 29.02 17.78
CA LEU C 326 5.36 28.34 18.49
C LEU C 326 5.88 27.02 18.99
N TRP C 327 5.19 26.42 19.95
CA TRP C 327 5.57 25.14 20.52
C TRP C 327 6.98 24.98 21.00
N VAL C 328 7.37 26.09 21.57
CA VAL C 328 8.58 26.39 22.33
C VAL C 328 7.88 27.05 23.52
N ILE C 329 6.55 27.21 23.36
CA ILE C 329 5.59 27.77 24.31
C ILE C 329 4.98 26.60 25.10
N ASN C 330 5.63 26.21 26.20
CA ASN C 330 5.13 25.09 27.00
C ASN C 330 4.07 25.59 27.98
N SER C 331 2.90 25.95 27.42
CA SER C 331 1.75 26.50 28.15
C SER C 331 0.42 25.99 27.61
N ALA C 332 -0.63 26.06 28.45
CA ALA C 332 -1.99 25.67 28.10
C ALA C 332 -2.65 26.86 27.40
N LEU C 333 -3.67 26.58 26.57
CA LEU C 333 -4.37 27.69 25.93
C LEU C 333 -5.26 28.42 26.94
N ARG C 334 -5.07 29.75 27.01
CA ARG C 334 -5.82 30.68 27.85
C ARG C 334 -6.46 31.78 26.96
N ILE C 335 -7.77 32.04 27.14
CA ILE C 335 -8.52 33.10 26.46
C ILE C 335 -9.41 33.82 27.49
N LYS C 336 -9.20 35.14 27.65
CA LYS C 336 -9.96 35.95 28.60
C LYS C 336 -11.17 36.58 27.95
N ILE C 337 -12.36 36.18 28.42
CA ILE C 337 -13.64 36.79 28.01
C ILE C 337 -13.77 38.00 28.95
N LEU C 338 -13.96 39.19 28.39
CA LEU C 338 -14.05 40.40 29.20
C LEU C 338 -15.51 40.83 29.32
N CYS C 339 -15.91 41.84 28.56
CA CYS C 339 -17.25 42.41 28.58
C CYS C 339 -17.96 42.21 27.22
N ALA C 340 -19.30 42.25 27.24
CA ALA C 340 -20.13 42.19 26.04
C ALA C 340 -21.03 43.39 26.12
N THR C 341 -20.85 44.35 25.22
CA THR C 341 -21.65 45.56 25.23
C THR C 341 -23.04 45.32 24.63
N TYR C 342 -24.06 45.13 25.50
CA TYR C 342 -25.48 44.94 25.19
C TYR C 342 -25.84 43.60 24.54
N VAL C 343 -27.04 43.08 24.90
CA VAL C 343 -27.70 41.87 24.38
C VAL C 343 -29.22 42.13 24.46
N ASN C 344 -29.96 41.77 23.42
CA ASN C 344 -31.41 42.00 23.33
C ASN C 344 -32.22 40.84 23.92
N VAL C 345 -32.28 40.81 25.25
CA VAL C 345 -32.98 39.78 26.01
C VAL C 345 -34.09 40.41 26.83
N ASN C 346 -35.27 39.73 26.88
CA ASN C 346 -36.41 40.15 27.70
C ASN C 346 -36.14 39.61 29.13
N ILE C 347 -35.55 40.46 30.00
CA ILE C 347 -35.14 40.19 31.39
C ILE C 347 -36.29 39.55 32.22
N ARG C 348 -37.55 39.88 31.89
CA ARG C 348 -38.74 39.32 32.54
C ARG C 348 -38.85 37.81 32.25
N ILE C 353 -27.13 34.70 31.64
CA ILE C 353 -26.40 34.89 30.38
C ILE C 353 -24.88 34.50 30.48
N TYR C 354 -24.34 33.80 29.45
CA TYR C 354 -22.95 33.33 29.45
C TYR C 354 -22.35 33.23 28.05
N VAL C 355 -21.01 33.30 27.96
CA VAL C 355 -20.29 33.15 26.71
C VAL C 355 -19.83 31.69 26.61
N ARG C 356 -20.37 30.95 25.64
CA ARG C 356 -19.98 29.56 25.39
C ARG C 356 -18.81 29.60 24.37
N THR C 357 -17.72 28.87 24.64
CA THR C 357 -16.60 28.87 23.71
C THR C 357 -16.22 27.45 23.31
N GLY C 358 -15.34 27.35 22.31
CA GLY C 358 -14.84 26.09 21.79
C GLY C 358 -13.70 26.31 20.83
N ILE C 359 -12.69 25.42 20.88
CA ILE C 359 -11.56 25.46 19.98
C ILE C 359 -11.86 24.42 18.93
N TYR C 360 -11.99 24.88 17.65
CA TYR C 360 -12.38 24.07 16.50
C TYR C 360 -11.40 24.05 15.35
N HIS C 361 -11.36 22.90 14.64
CA HIS C 361 -10.59 22.66 13.41
C HIS C 361 -11.67 22.30 12.39
N GLY C 362 -12.15 23.31 11.69
CA GLY C 362 -13.26 23.13 10.80
C GLY C 362 -14.53 23.12 11.63
N GLY C 363 -15.25 22.01 11.57
CA GLY C 363 -16.50 21.85 12.32
C GLY C 363 -16.37 20.88 13.47
N GLU C 364 -15.15 20.34 13.66
CA GLU C 364 -14.82 19.37 14.70
C GLU C 364 -14.02 20.04 15.84
N PRO C 365 -14.38 19.80 17.13
CA PRO C 365 -13.63 20.45 18.22
C PRO C 365 -12.28 19.78 18.50
N LEU C 366 -11.28 20.58 18.93
CA LEU C 366 -9.94 20.08 19.30
C LEU C 366 -9.87 19.65 20.80
N CYS C 367 -10.76 20.24 21.62
CA CYS C 367 -10.87 20.07 23.07
C CYS C 367 -12.29 20.38 23.56
N ASP C 368 -12.70 19.77 24.70
CA ASP C 368 -14.04 19.99 25.29
C ASP C 368 -14.32 21.49 25.40
N ASN C 369 -15.58 21.90 25.11
CA ASN C 369 -16.03 23.30 25.15
C ASN C 369 -16.02 23.89 26.57
N VAL C 370 -15.56 25.16 26.70
CA VAL C 370 -15.43 25.87 28.00
C VAL C 370 -16.35 27.12 28.07
N ASN C 371 -17.28 27.14 29.04
CA ASN C 371 -18.24 28.24 29.27
C ASN C 371 -17.72 29.23 30.32
N THR C 372 -18.23 30.47 30.28
CA THR C 372 -17.94 31.49 31.30
C THR C 372 -18.98 31.28 32.40
N GLN C 373 -18.87 32.04 33.50
CA GLN C 373 -19.85 31.94 34.56
C GLN C 373 -21.16 32.62 34.12
N ARG C 374 -22.32 32.13 34.62
CA ARG C 374 -23.63 32.70 34.33
C ARG C 374 -23.69 34.09 34.99
N VAL C 375 -24.03 35.12 34.20
CA VAL C 375 -24.07 36.54 34.56
C VAL C 375 -25.47 37.17 34.29
N PRO C 376 -25.88 38.24 35.01
CA PRO C 376 -27.19 38.85 34.72
C PRO C 376 -27.18 39.64 33.41
N CYS C 377 -28.32 39.61 32.68
CA CYS C 377 -28.58 40.23 31.37
C CYS C 377 -28.15 41.72 31.26
N SER C 378 -28.62 42.59 32.19
CA SER C 378 -28.32 44.04 32.20
C SER C 378 -26.83 44.39 32.13
N ASN C 379 -25.98 43.65 32.88
CA ASN C 379 -24.53 43.85 32.87
C ASN C 379 -23.78 42.61 32.37
N PRO C 380 -23.48 42.52 31.05
CA PRO C 380 -22.76 41.35 30.55
C PRO C 380 -21.26 41.61 30.63
N ARG C 381 -20.70 41.31 31.81
CA ARG C 381 -19.28 41.49 32.13
C ARG C 381 -18.80 40.21 32.84
N TRP C 382 -17.66 39.63 32.40
CA TRP C 382 -17.15 38.36 32.91
C TRP C 382 -15.74 38.42 33.47
N ASN C 383 -14.85 39.25 32.85
CA ASN C 383 -13.42 39.46 33.16
C ASN C 383 -12.70 38.16 33.67
N GLU C 384 -12.99 37.03 32.96
CA GLU C 384 -12.61 35.65 33.28
C GLU C 384 -11.69 35.02 32.26
N TRP C 385 -10.63 34.37 32.75
CA TRP C 385 -9.73 33.63 31.89
C TRP C 385 -10.29 32.22 31.73
N LEU C 386 -10.43 31.76 30.46
CA LEU C 386 -10.90 30.41 30.15
C LEU C 386 -9.73 29.48 29.83
N ASN C 387 -9.74 28.30 30.45
CA ASN C 387 -8.68 27.30 30.32
C ASN C 387 -9.11 26.11 29.47
N TYR C 388 -8.43 25.93 28.34
CA TYR C 388 -8.72 24.89 27.37
C TYR C 388 -7.75 23.73 27.53
N ASP C 389 -8.26 22.49 27.49
CA ASP C 389 -7.36 21.34 27.61
C ASP C 389 -6.73 21.04 26.23
N ILE C 390 -5.89 21.98 25.80
CA ILE C 390 -5.14 21.97 24.54
C ILE C 390 -3.86 22.74 24.82
N TYR C 391 -2.73 22.08 24.59
CA TYR C 391 -1.47 22.75 24.81
C TYR C 391 -1.16 23.62 23.61
N ILE C 392 -0.56 24.81 23.86
CA ILE C 392 -0.22 25.78 22.82
C ILE C 392 0.47 25.07 21.61
N PRO C 393 1.48 24.18 21.87
CA PRO C 393 2.13 23.44 20.77
C PRO C 393 1.26 22.56 19.87
N ASP C 394 0.14 22.02 20.42
CA ASP C 394 -0.77 21.12 19.73
C ASP C 394 -1.81 21.84 18.82
N LEU C 395 -1.93 23.18 18.94
CA LEU C 395 -2.83 24.00 18.13
C LEU C 395 -2.47 23.87 16.63
N PRO C 396 -3.38 23.32 15.78
CA PRO C 396 -3.07 23.20 14.35
C PRO C 396 -3.14 24.55 13.66
N ARG C 397 -2.45 24.70 12.53
CA ARG C 397 -2.58 25.91 11.72
C ARG C 397 -3.96 25.71 11.09
N ALA C 398 -4.93 26.55 11.47
CA ALA C 398 -6.35 26.56 11.06
C ALA C 398 -7.28 26.39 12.24
N ALA C 399 -6.69 26.33 13.46
CA ALA C 399 -7.41 26.29 14.74
C ALA C 399 -8.14 27.62 14.88
N ARG C 400 -9.35 27.56 15.44
CA ARG C 400 -10.22 28.73 15.60
C ARG C 400 -10.96 28.70 16.92
N LEU C 401 -11.18 29.88 17.50
CA LEU C 401 -12.01 30.03 18.68
C LEU C 401 -13.40 30.30 18.12
N CYS C 402 -14.39 29.48 18.51
CA CYS C 402 -15.79 29.60 18.12
C CYS C 402 -16.55 29.89 19.38
N LEU C 403 -17.15 31.08 19.47
CA LEU C 403 -17.89 31.51 20.64
C LEU C 403 -19.30 31.97 20.30
N SER C 404 -20.15 32.11 21.35
CA SER C 404 -21.54 32.57 21.30
C SER C 404 -22.07 33.00 22.67
N ILE C 405 -22.83 34.09 22.72
CA ILE C 405 -23.48 34.58 23.92
C ILE C 405 -24.81 33.81 24.00
N CYS C 406 -24.96 32.98 25.06
CA CYS C 406 -26.11 32.13 25.30
C CYS C 406 -27.02 32.63 26.40
N SER C 407 -28.31 32.24 26.33
CA SER C 407 -29.36 32.58 27.30
C SER C 407 -29.71 31.37 28.18
N VAL C 408 -30.26 31.64 29.39
CA VAL C 408 -30.66 30.57 30.30
C VAL C 408 -32.14 30.71 30.69
N HIS C 418 -31.16 26.19 27.35
CA HIS C 418 -30.16 27.08 26.76
C HIS C 418 -30.50 27.43 25.29
N CYS C 419 -29.91 28.55 24.78
CA CYS C 419 -30.11 29.04 23.41
C CYS C 419 -29.08 30.15 23.05
N PRO C 420 -28.46 30.16 21.84
CA PRO C 420 -27.54 31.26 21.51
C PRO C 420 -28.31 32.51 21.08
N LEU C 421 -27.75 33.68 21.39
CA LEU C 421 -28.36 34.98 21.07
C LEU C 421 -27.64 35.67 19.91
N ALA C 422 -26.31 35.53 19.90
CA ALA C 422 -25.38 36.07 18.93
C ALA C 422 -24.17 35.13 18.86
N TRP C 423 -23.54 35.02 17.70
CA TRP C 423 -22.39 34.12 17.54
C TRP C 423 -21.22 34.81 16.83
N GLY C 424 -20.05 34.18 16.87
CA GLY C 424 -18.84 34.71 16.25
C GLY C 424 -17.67 33.75 16.33
N ASN C 425 -16.85 33.68 15.25
CA ASN C 425 -15.66 32.83 15.24
C ASN C 425 -14.42 33.65 14.84
N ILE C 426 -13.24 33.27 15.34
CA ILE C 426 -11.96 33.97 15.11
C ILE C 426 -10.89 32.93 14.80
N ASN C 427 -9.97 33.23 13.89
CA ASN C 427 -8.85 32.33 13.63
C ASN C 427 -7.79 32.61 14.71
N LEU C 428 -7.33 31.57 15.43
CA LEU C 428 -6.32 31.72 16.47
C LEU C 428 -4.94 32.17 15.93
N PHE C 429 -4.74 32.09 14.60
CA PHE C 429 -3.53 32.56 13.93
C PHE C 429 -3.98 33.54 12.83
N ASP C 430 -3.12 34.50 12.48
CA ASP C 430 -3.44 35.48 11.45
C ASP C 430 -2.79 35.09 10.15
N TYR C 431 -3.04 35.89 9.10
CA TYR C 431 -2.53 35.70 7.75
C TYR C 431 -0.99 35.68 7.65
N THR C 432 -0.29 36.24 8.66
CA THR C 432 1.18 36.28 8.71
C THR C 432 1.76 35.14 9.56
N ASP C 433 0.95 34.07 9.79
CA ASP C 433 1.27 32.87 10.58
C ASP C 433 1.54 33.20 12.08
N THR C 434 1.11 34.40 12.53
CA THR C 434 1.29 34.90 13.88
C THR C 434 0.14 34.50 14.79
N LEU C 435 0.48 33.85 15.93
CA LEU C 435 -0.49 33.45 16.93
C LEU C 435 -1.08 34.72 17.50
N VAL C 436 -2.42 34.80 17.50
CA VAL C 436 -3.17 35.97 17.94
C VAL C 436 -3.02 36.22 19.45
N SER C 437 -2.48 37.41 19.78
CA SER C 437 -2.22 37.90 21.13
C SER C 437 -2.76 39.35 21.34
N GLY C 438 -3.25 39.62 22.54
CA GLY C 438 -3.75 40.93 22.94
C GLY C 438 -5.25 41.07 23.04
N LYS C 439 -5.72 42.31 23.20
CA LYS C 439 -7.14 42.65 23.30
C LYS C 439 -7.78 42.64 21.92
N MET C 440 -9.00 42.12 21.82
CA MET C 440 -9.70 42.01 20.56
C MET C 440 -11.18 42.34 20.72
N ALA C 441 -11.72 43.14 19.78
CA ALA C 441 -13.13 43.51 19.73
C ALA C 441 -13.80 42.64 18.66
N LEU C 442 -14.85 41.86 19.05
CA LEU C 442 -15.55 40.96 18.13
C LEU C 442 -17.06 41.26 18.02
N ASN C 443 -17.41 42.01 16.97
CA ASN C 443 -18.80 42.32 16.65
C ASN C 443 -19.49 41.01 16.22
N LEU C 444 -20.54 40.61 16.96
CA LEU C 444 -21.21 39.32 16.73
C LEU C 444 -22.28 39.32 15.64
N TRP C 445 -22.54 38.13 15.10
CA TRP C 445 -23.49 37.82 14.04
C TRP C 445 -24.80 37.30 14.62
N PRO C 446 -25.96 37.67 14.02
CA PRO C 446 -27.24 37.11 14.49
C PRO C 446 -27.34 35.60 14.22
N VAL C 447 -28.07 34.86 15.10
CA VAL C 447 -28.22 33.40 14.94
C VAL C 447 -29.12 33.08 13.72
N PRO C 448 -28.67 32.14 12.87
CA PRO C 448 -29.47 31.77 11.69
C PRO C 448 -30.84 31.19 12.06
N HIS C 449 -31.80 31.25 11.12
CA HIS C 449 -33.12 30.66 11.36
C HIS C 449 -32.97 29.15 11.29
N GLY C 450 -33.26 28.49 12.41
CA GLY C 450 -33.18 27.04 12.52
C GLY C 450 -31.91 26.49 13.13
N LEU C 451 -30.95 27.36 13.48
CA LEU C 451 -29.71 26.91 14.13
C LEU C 451 -30.05 26.58 15.59
N GLU C 452 -30.27 25.29 15.86
CA GLU C 452 -30.65 24.79 17.18
C GLU C 452 -29.42 24.66 18.11
N ASP C 453 -28.24 24.44 17.54
CA ASP C 453 -26.97 24.28 18.26
C ASP C 453 -26.52 25.56 18.94
N LEU C 454 -25.80 25.43 20.07
CA LEU C 454 -25.28 26.57 20.85
C LEU C 454 -24.17 27.30 20.15
N LEU C 455 -23.34 26.58 19.37
CA LEU C 455 -22.23 27.13 18.60
C LEU C 455 -22.42 26.96 17.07
N ASN C 456 -21.91 27.92 16.27
CA ASN C 456 -21.97 27.83 14.80
C ASN C 456 -20.53 27.79 14.23
N PRO C 457 -19.84 26.61 14.25
CA PRO C 457 -18.46 26.57 13.77
C PRO C 457 -18.36 26.63 12.25
N ILE C 458 -19.36 26.07 11.50
CA ILE C 458 -19.35 26.12 10.02
C ILE C 458 -19.99 27.44 9.55
N GLY C 459 -19.68 28.51 10.26
CA GLY C 459 -20.14 29.86 9.97
C GLY C 459 -18.96 30.75 9.65
N VAL C 460 -19.22 31.92 9.02
CA VAL C 460 -18.19 32.90 8.66
C VAL C 460 -17.36 33.30 9.89
N THR C 461 -16.04 33.34 9.67
CA THR C 461 -15.03 33.68 10.66
C THR C 461 -14.64 35.15 10.49
N GLY C 462 -14.66 35.87 11.61
CA GLY C 462 -14.32 37.29 11.68
C GLY C 462 -15.41 38.18 12.23
N SER C 463 -15.04 39.43 12.59
CA SER C 463 -15.94 40.44 13.16
C SER C 463 -16.94 40.93 12.11
N ASN C 464 -18.20 41.16 12.57
CA ASN C 464 -19.32 41.66 11.78
C ASN C 464 -19.02 43.05 11.25
N PRO C 465 -19.08 43.25 9.91
CA PRO C 465 -18.83 44.59 9.35
C PRO C 465 -19.82 45.64 9.87
N ASN C 466 -20.93 45.20 10.50
CA ASN C 466 -21.90 46.09 11.12
C ASN C 466 -21.45 46.25 12.58
N LYS C 467 -20.88 47.44 12.90
CA LYS C 467 -20.41 47.77 14.23
C LYS C 467 -21.55 48.02 15.22
N GLU C 468 -22.78 48.34 14.71
CA GLU C 468 -23.98 48.58 15.54
C GLU C 468 -24.73 47.28 15.89
N THR C 469 -23.96 46.32 16.44
CA THR C 469 -24.33 44.96 16.83
C THR C 469 -23.74 44.66 18.24
N PRO C 470 -24.26 43.69 19.02
CA PRO C 470 -23.62 43.37 20.30
C PRO C 470 -22.12 43.09 20.07
N CYS C 471 -21.24 43.74 20.85
CA CYS C 471 -19.79 43.59 20.70
C CYS C 471 -19.13 42.97 21.93
N LEU C 472 -18.29 41.94 21.72
CA LEU C 472 -17.59 41.24 22.81
C LEU C 472 -16.10 41.54 22.83
N GLU C 473 -15.60 42.04 23.98
CA GLU C 473 -14.18 42.31 24.18
C GLU C 473 -13.49 41.03 24.64
N LEU C 474 -12.31 40.76 24.05
CA LEU C 474 -11.52 39.56 24.32
C LEU C 474 -10.08 39.90 24.63
N GLU C 475 -9.38 38.98 25.30
CA GLU C 475 -7.96 39.14 25.62
C GLU C 475 -7.26 37.81 25.49
N PHE C 476 -6.19 37.79 24.69
CA PHE C 476 -5.42 36.60 24.42
C PHE C 476 -4.14 36.66 25.23
N ASP C 477 -3.67 35.48 25.62
CA ASP C 477 -2.45 35.29 26.39
C ASP C 477 -1.31 36.01 25.69
N TRP C 478 -0.44 36.61 26.48
CA TRP C 478 0.71 37.37 26.03
C TRP C 478 1.94 36.53 26.31
N PHE C 479 2.99 36.62 25.48
CA PHE C 479 4.19 35.81 25.71
C PHE C 479 5.49 36.62 25.62
N SER C 480 6.64 36.03 26.07
CA SER C 480 7.97 36.66 26.05
C SER C 480 8.19 37.52 24.80
N SER C 481 7.91 36.96 23.59
CA SER C 481 7.98 37.68 22.32
C SER C 481 6.84 37.23 21.36
N VAL C 482 6.91 37.64 20.08
CA VAL C 482 5.90 37.32 19.05
C VAL C 482 5.93 35.82 18.74
N VAL C 483 4.75 35.18 18.78
CA VAL C 483 4.61 33.74 18.56
C VAL C 483 4.19 33.46 17.10
N LYS C 484 5.05 32.76 16.33
CA LYS C 484 4.79 32.41 14.91
C LYS C 484 4.76 30.90 14.69
N PHE C 485 3.81 30.41 13.86
CA PHE C 485 3.67 28.99 13.53
C PHE C 485 4.96 28.49 12.83
N PRO C 486 5.47 27.28 13.17
CA PRO C 486 6.73 26.81 12.57
C PRO C 486 6.80 26.70 11.05
N ASP C 487 8.04 26.69 10.53
CA ASP C 487 8.34 26.55 9.11
C ASP C 487 8.23 25.07 8.76
N MET C 488 8.20 24.74 7.46
CA MET C 488 8.14 23.34 7.01
C MET C 488 9.40 22.55 7.34
N SER C 489 10.55 23.23 7.38
CA SER C 489 11.84 22.66 7.75
C SER C 489 11.76 22.09 9.17
N VAL C 490 11.15 22.88 10.09
CA VAL C 490 10.94 22.57 11.50
C VAL C 490 9.95 21.40 11.66
N ILE C 491 8.81 21.46 10.93
CA ILE C 491 7.77 20.44 10.93
C ILE C 491 8.29 19.09 10.40
N GLU C 492 9.04 19.10 9.29
CA GLU C 492 9.62 17.90 8.68
C GLU C 492 10.62 17.25 9.61
N GLU C 493 11.43 18.06 10.31
CA GLU C 493 12.42 17.59 11.25
C GLU C 493 11.81 16.93 12.49
N HIS C 494 10.61 17.39 12.89
CA HIS C 494 9.91 16.82 14.03
C HIS C 494 9.18 15.53 13.65
N ALA C 495 8.66 15.50 12.42
CA ALA C 495 7.94 14.34 11.86
C ALA C 495 8.90 13.19 11.62
N ASN C 496 10.08 13.49 11.02
CA ASN C 496 11.10 12.48 10.74
C ASN C 496 11.79 11.97 12.03
N TRP C 497 11.66 12.73 13.13
CA TRP C 497 12.13 12.38 14.48
C TRP C 497 11.03 11.48 15.11
N SER C 498 9.79 11.50 14.54
CA SER C 498 8.58 10.75 14.90
C SER C 498 8.06 10.95 16.34
N LEU C 522 0.49 -6.17 6.94
CA LEU C 522 -0.53 -6.19 5.89
C LEU C 522 -0.83 -7.57 5.34
N ARG C 523 -1.96 -8.14 5.81
CA ARG C 523 -2.48 -9.40 5.31
C ARG C 523 -3.33 -8.99 4.09
N GLU C 524 -3.88 -9.97 3.38
CA GLU C 524 -4.72 -9.73 2.22
C GLU C 524 -6.04 -9.03 2.66
N ASN C 525 -6.58 -9.37 3.86
CA ASN C 525 -7.77 -8.77 4.43
C ASN C 525 -7.58 -7.32 4.88
N ASP C 526 -6.36 -6.96 5.36
CA ASP C 526 -6.01 -5.57 5.70
C ASP C 526 -6.10 -4.70 4.43
N LYS C 527 -5.63 -5.23 3.28
CA LYS C 527 -5.65 -4.57 1.98
C LYS C 527 -7.10 -4.46 1.51
N GLU C 528 -7.91 -5.53 1.75
CA GLU C 528 -9.34 -5.56 1.41
C GLU C 528 -10.12 -4.50 2.21
N GLN C 529 -9.90 -4.40 3.55
CA GLN C 529 -10.53 -3.40 4.43
C GLN C 529 -10.24 -2.01 3.90
N LEU C 530 -8.96 -1.69 3.61
CA LEU C 530 -8.55 -0.38 3.07
C LEU C 530 -9.26 -0.10 1.78
N LYS C 531 -9.38 -1.11 0.90
CA LYS C 531 -10.07 -0.90 -0.38
C LYS C 531 -11.56 -0.58 -0.15
N ALA C 532 -12.22 -1.30 0.77
CA ALA C 532 -13.64 -1.13 1.12
C ALA C 532 -13.94 0.24 1.75
N ILE C 533 -13.01 0.74 2.54
CA ILE C 533 -13.12 2.04 3.17
C ILE C 533 -13.03 3.15 2.08
N SER C 534 -12.17 2.97 1.04
CA SER C 534 -12.00 3.90 -0.08
C SER C 534 -13.31 4.08 -0.90
N THR C 535 -13.95 2.95 -1.27
CA THR C 535 -15.19 2.83 -2.04
C THR C 535 -16.37 3.55 -1.39
N ARG C 536 -16.41 3.58 -0.04
CA ARG C 536 -17.44 4.24 0.77
C ARG C 536 -17.56 5.71 0.45
N ASP C 537 -18.81 6.20 0.32
CA ASP C 537 -19.12 7.59 0.01
C ASP C 537 -18.61 8.57 1.08
N PRO C 538 -18.40 9.86 0.76
CA PRO C 538 -17.86 10.79 1.76
C PRO C 538 -18.77 11.05 2.97
N LEU C 539 -20.04 10.62 2.89
CA LEU C 539 -20.97 10.82 3.97
C LEU C 539 -21.10 9.61 4.87
N SER C 540 -20.49 8.47 4.45
CA SER C 540 -20.45 7.20 5.21
C SER C 540 -19.50 7.38 6.37
N GLU C 541 -20.02 7.22 7.60
CA GLU C 541 -19.26 7.39 8.84
C GLU C 541 -18.18 6.32 9.01
N ILE C 542 -16.95 6.75 9.33
CA ILE C 542 -15.83 5.85 9.58
C ILE C 542 -15.56 5.81 11.08
N THR C 543 -15.89 4.66 11.70
CA THR C 543 -15.76 4.36 13.11
C THR C 543 -14.36 4.64 13.64
N GLU C 544 -14.24 4.97 14.94
CA GLU C 544 -12.95 5.26 15.60
C GLU C 544 -11.99 4.07 15.46
N GLN C 545 -12.53 2.84 15.28
CA GLN C 545 -11.75 1.61 15.07
C GLN C 545 -11.14 1.62 13.66
N GLU C 546 -11.92 2.10 12.67
CA GLU C 546 -11.49 2.20 11.29
C GLU C 546 -10.48 3.33 11.20
N LYS C 547 -10.75 4.46 11.92
CA LYS C 547 -9.90 5.65 12.01
C LYS C 547 -8.49 5.26 12.50
N ASP C 548 -8.40 4.44 13.57
CA ASP C 548 -7.15 3.91 14.12
C ASP C 548 -6.45 2.98 13.12
N PHE C 549 -7.25 2.19 12.37
CA PHE C 549 -6.75 1.28 11.34
C PHE C 549 -6.12 2.05 10.16
N LEU C 550 -6.78 3.12 9.69
CA LEU C 550 -6.23 3.94 8.60
C LEU C 550 -4.92 4.59 9.03
N TRP C 551 -4.92 5.29 10.19
CA TRP C 551 -3.71 5.94 10.71
C TRP C 551 -2.53 4.98 10.86
N SER C 552 -2.78 3.76 11.44
CA SER C 552 -1.76 2.72 11.65
C SER C 552 -1.23 2.15 10.33
N HIS C 553 -1.97 2.34 9.24
CA HIS C 553 -1.59 1.88 7.91
C HIS C 553 -1.38 3.07 6.96
N ARG C 554 -1.10 4.28 7.50
CA ARG C 554 -0.92 5.51 6.71
C ARG C 554 0.16 5.43 5.61
N HIS C 555 1.24 4.65 5.84
CA HIS C 555 2.31 4.51 4.85
C HIS C 555 1.86 3.70 3.64
N TYR C 556 1.04 2.64 3.85
CA TYR C 556 0.47 1.84 2.78
C TYR C 556 -0.55 2.69 2.00
N CYS C 557 -1.31 3.55 2.70
CA CYS C 557 -2.34 4.41 2.11
C CYS C 557 -1.89 5.21 0.88
N VAL C 558 -0.58 5.47 0.76
CA VAL C 558 0.00 6.19 -0.37
C VAL C 558 -0.20 5.38 -1.67
N THR C 559 -0.25 4.02 -1.58
CA THR C 559 -0.45 3.08 -2.70
C THR C 559 -1.93 3.07 -3.21
N ILE C 560 -2.87 3.56 -2.37
CA ILE C 560 -4.30 3.76 -2.67
C ILE C 560 -4.52 5.28 -2.47
N PRO C 561 -4.03 6.18 -3.37
CA PRO C 561 -4.08 7.61 -3.07
C PRO C 561 -5.45 8.23 -2.90
N GLU C 562 -6.47 7.63 -3.53
CA GLU C 562 -7.86 8.09 -3.44
C GLU C 562 -8.48 7.89 -2.03
N ILE C 563 -7.67 7.49 -1.05
CA ILE C 563 -8.17 7.33 0.32
C ILE C 563 -7.68 8.49 1.20
N LEU C 564 -6.93 9.46 0.61
CA LEU C 564 -6.43 10.65 1.31
C LEU C 564 -7.54 11.36 2.11
N PRO C 565 -8.78 11.61 1.59
CA PRO C 565 -9.79 12.28 2.43
C PRO C 565 -10.20 11.46 3.66
N LYS C 566 -10.26 10.10 3.54
CA LYS C 566 -10.63 9.23 4.67
C LYS C 566 -9.50 9.17 5.67
N LEU C 567 -8.22 9.23 5.19
CA LEU C 567 -7.04 9.19 6.05
C LEU C 567 -6.90 10.50 6.82
N LEU C 568 -7.22 11.62 6.16
CA LEU C 568 -7.12 12.94 6.77
C LEU C 568 -8.10 13.14 7.89
N LEU C 569 -9.21 12.40 7.84
CA LEU C 569 -10.24 12.48 8.88
C LEU C 569 -9.91 11.60 10.06
N SER C 570 -8.91 10.70 9.91
CA SER C 570 -8.39 9.76 10.93
C SER C 570 -7.24 10.34 11.76
N VAL C 571 -6.71 11.50 11.36
CA VAL C 571 -5.63 12.20 12.07
C VAL C 571 -6.20 12.91 13.29
N LYS C 572 -5.41 12.92 14.39
CA LYS C 572 -5.73 13.67 15.59
C LYS C 572 -5.16 15.06 15.29
N TRP C 573 -6.02 16.01 14.86
CA TRP C 573 -5.56 17.36 14.51
C TRP C 573 -5.11 18.15 15.75
N ASN C 574 -5.51 17.66 16.94
CA ASN C 574 -5.16 18.19 18.27
C ASN C 574 -3.79 17.66 18.75
N SER C 575 -3.03 16.94 17.91
CA SER C 575 -1.70 16.42 18.25
C SER C 575 -0.66 16.78 17.16
N ARG C 576 0.31 17.64 17.50
CA ARG C 576 1.38 18.06 16.58
C ARG C 576 2.15 16.87 15.98
N ASP C 577 2.48 15.83 16.79
CA ASP C 577 3.18 14.65 16.32
C ASP C 577 2.43 13.93 15.19
N GLU C 578 1.09 13.74 15.31
CA GLU C 578 0.32 13.12 14.23
C GLU C 578 0.31 14.04 13.00
N VAL C 579 -0.06 15.34 13.18
CA VAL C 579 -0.15 16.37 12.13
C VAL C 579 1.16 16.55 11.36
N ALA C 580 2.32 16.64 12.05
CA ALA C 580 3.62 16.79 11.40
C ALA C 580 3.90 15.64 10.43
N GLN C 581 3.55 14.39 10.84
CA GLN C 581 3.71 13.17 10.03
C GLN C 581 2.79 13.19 8.83
N MET C 582 1.55 13.68 9.02
CA MET C 582 0.53 13.84 7.98
C MET C 582 0.99 14.87 6.96
N TYR C 583 1.57 15.99 7.43
CA TYR C 583 2.09 17.08 6.60
C TYR C 583 3.10 16.52 5.58
N CYS C 584 4.05 15.69 6.07
CA CYS C 584 5.10 15.03 5.27
C CYS C 584 4.52 14.09 4.24
N LEU C 585 3.50 13.29 4.62
CA LEU C 585 2.80 12.36 3.72
C LEU C 585 2.10 13.11 2.60
N VAL C 586 1.45 14.25 2.93
CA VAL C 586 0.78 15.12 1.95
C VAL C 586 1.79 15.70 0.96
N LYS C 587 2.93 16.22 1.46
CA LYS C 587 4.03 16.81 0.68
C LYS C 587 4.38 15.93 -0.52
N ASP C 588 4.61 14.63 -0.28
CA ASP C 588 5.00 13.65 -1.30
C ASP C 588 3.83 12.73 -1.77
N TRP C 589 2.57 13.12 -1.47
CA TRP C 589 1.38 12.36 -1.88
C TRP C 589 1.17 12.47 -3.40
N PRO C 590 0.94 11.31 -4.07
CA PRO C 590 0.67 11.32 -5.52
C PRO C 590 -0.58 12.12 -5.87
N PRO C 591 -0.67 12.77 -7.04
CA PRO C 591 -1.89 13.54 -7.34
C PRO C 591 -3.09 12.64 -7.66
N ILE C 592 -4.25 13.17 -7.35
CA ILE C 592 -5.55 12.50 -7.49
C ILE C 592 -6.41 13.29 -8.47
N LYS C 593 -7.42 12.62 -9.09
CA LYS C 593 -8.35 13.19 -10.05
C LYS C 593 -8.92 14.52 -9.52
N PRO C 594 -9.15 15.55 -10.37
CA PRO C 594 -9.70 16.82 -9.87
C PRO C 594 -11.00 16.62 -9.08
N GLU C 595 -11.94 15.79 -9.59
CA GLU C 595 -13.23 15.41 -8.95
C GLU C 595 -13.06 14.85 -7.52
N GLN C 596 -11.90 14.23 -7.24
CA GLN C 596 -11.55 13.67 -5.94
C GLN C 596 -10.92 14.77 -5.08
N ALA C 597 -9.97 15.55 -5.67
CA ALA C 597 -9.25 16.67 -5.06
C ALA C 597 -10.15 17.84 -4.67
N MET C 598 -11.34 17.98 -5.29
CA MET C 598 -12.30 19.05 -4.99
C MET C 598 -12.88 18.91 -3.60
N GLU C 599 -13.12 17.65 -3.14
CA GLU C 599 -13.63 17.33 -1.81
C GLU C 599 -12.70 17.91 -0.74
N LEU C 600 -11.35 17.85 -0.97
CA LEU C 600 -10.35 18.41 -0.06
C LEU C 600 -10.44 19.94 0.11
N LEU C 601 -11.35 20.59 -0.64
CA LEU C 601 -11.59 22.03 -0.58
C LEU C 601 -12.90 22.39 0.11
N ASP C 602 -13.71 21.38 0.47
CA ASP C 602 -14.95 21.58 1.19
C ASP C 602 -14.69 21.95 2.70
N CYS C 603 -15.75 22.04 3.52
CA CYS C 603 -15.67 22.47 4.93
C CYS C 603 -14.94 21.51 5.85
N ASN C 604 -14.92 20.18 5.54
CA ASN C 604 -14.25 19.15 6.36
C ASN C 604 -12.73 19.25 6.33
N TYR C 605 -12.13 19.95 5.35
CA TYR C 605 -10.67 20.02 5.20
C TYR C 605 -10.12 21.47 5.30
N PRO C 606 -9.99 22.01 6.54
CA PRO C 606 -9.57 23.40 6.72
C PRO C 606 -8.07 23.66 6.68
N ASP C 607 -7.28 22.61 6.83
CA ASP C 607 -5.83 22.67 6.89
C ASP C 607 -5.23 23.22 5.60
N PRO C 608 -4.31 24.22 5.69
CA PRO C 608 -3.72 24.83 4.48
C PRO C 608 -2.90 23.88 3.59
N MET C 609 -2.23 22.87 4.19
CA MET C 609 -1.41 21.90 3.48
C MET C 609 -2.26 20.98 2.62
N VAL C 610 -3.42 20.56 3.17
CA VAL C 610 -4.41 19.70 2.52
C VAL C 610 -4.96 20.44 1.31
N ARG C 611 -5.43 21.68 1.56
CA ARG C 611 -5.97 22.57 0.55
C ARG C 611 -4.95 22.90 -0.53
N GLY C 612 -3.67 23.05 -0.15
CA GLY C 612 -2.60 23.34 -1.09
C GLY C 612 -2.42 22.20 -2.09
N PHE C 613 -2.46 20.95 -1.57
CA PHE C 613 -2.39 19.71 -2.35
C PHE C 613 -3.56 19.75 -3.33
N ALA C 614 -4.79 19.92 -2.82
CA ALA C 614 -5.99 20.00 -3.64
C ALA C 614 -5.83 20.96 -4.82
N VAL C 615 -5.40 22.20 -4.57
CA VAL C 615 -5.15 23.24 -5.59
C VAL C 615 -4.12 22.76 -6.61
N ARG C 616 -3.00 22.16 -6.14
CA ARG C 616 -1.96 21.63 -7.03
C ARG C 616 -2.47 20.57 -8.01
N CYS C 617 -3.46 19.74 -7.59
CA CYS C 617 -4.08 18.70 -8.44
C CYS C 617 -4.87 19.34 -9.53
N LEU C 618 -5.60 20.42 -9.18
CA LEU C 618 -6.41 21.19 -10.13
C LEU C 618 -5.47 21.91 -11.12
N GLU C 619 -4.37 22.51 -10.61
CA GLU C 619 -3.38 23.19 -11.44
C GLU C 619 -2.80 22.23 -12.49
N LYS C 620 -2.64 20.95 -12.13
CA LYS C 620 -2.07 19.93 -12.99
C LYS C 620 -3.08 19.16 -13.87
N TYR C 621 -4.28 18.88 -13.38
CA TYR C 621 -5.26 18.02 -14.05
C TYR C 621 -6.60 18.66 -14.46
N LEU C 622 -6.98 19.80 -13.86
CA LEU C 622 -8.26 20.42 -14.17
C LEU C 622 -8.23 21.17 -15.47
N THR C 623 -8.98 20.63 -16.47
CA THR C 623 -9.14 21.22 -17.80
C THR C 623 -10.02 22.44 -17.67
N ASP C 624 -9.89 23.38 -18.63
CA ASP C 624 -10.72 24.59 -18.68
C ASP C 624 -12.17 24.18 -18.82
N ASP C 625 -12.45 23.09 -19.58
CA ASP C 625 -13.78 22.55 -19.76
C ASP C 625 -14.42 22.22 -18.40
N LYS C 626 -13.73 21.37 -17.62
CA LYS C 626 -14.17 20.92 -16.31
C LYS C 626 -14.16 22.04 -15.27
N LEU C 627 -13.22 23.01 -15.35
CA LEU C 627 -13.18 24.15 -14.44
C LEU C 627 -14.44 24.97 -14.66
N SER C 628 -14.84 25.16 -15.93
CA SER C 628 -16.10 25.86 -16.24
C SER C 628 -17.30 25.09 -15.71
N GLN C 629 -17.25 23.74 -15.75
CA GLN C 629 -18.31 22.85 -15.25
C GLN C 629 -18.49 23.00 -13.73
N TYR C 630 -17.38 22.92 -12.97
CA TYR C 630 -17.43 23.00 -11.52
C TYR C 630 -17.06 24.39 -10.95
N LEU C 631 -17.22 25.49 -11.73
CA LEU C 631 -16.90 26.84 -11.25
C LEU C 631 -17.81 27.32 -10.14
N ILE C 632 -19.13 26.92 -10.15
CA ILE C 632 -20.00 27.37 -9.06
C ILE C 632 -19.47 26.92 -7.73
N GLN C 633 -19.18 25.61 -7.57
CA GLN C 633 -18.68 25.00 -6.33
C GLN C 633 -17.34 25.60 -5.97
N LEU C 634 -16.41 25.74 -6.95
CA LEU C 634 -15.08 26.31 -6.73
C LEU C 634 -15.13 27.77 -6.19
N VAL C 635 -16.15 28.55 -6.57
CA VAL C 635 -16.36 29.90 -6.06
C VAL C 635 -16.84 29.82 -4.58
N GLN C 636 -17.80 28.91 -4.26
CA GLN C 636 -18.37 28.77 -2.90
C GLN C 636 -17.35 28.35 -1.89
N VAL C 637 -16.47 27.48 -2.31
CA VAL C 637 -15.44 26.88 -1.50
C VAL C 637 -14.38 27.92 -1.06
N LEU C 638 -14.32 29.12 -1.72
CA LEU C 638 -13.43 30.23 -1.35
C LEU C 638 -13.87 30.77 -0.01
N LYS C 639 -15.19 30.71 0.27
CA LYS C 639 -15.81 31.17 1.52
C LYS C 639 -15.23 30.47 2.74
N TYR C 640 -14.85 29.21 2.56
CA TYR C 640 -14.27 28.34 3.57
C TYR C 640 -12.78 28.55 3.72
N GLU C 641 -12.15 29.36 2.85
CA GLU C 641 -10.71 29.61 2.91
C GLU C 641 -10.44 30.49 4.17
N GLN C 642 -9.37 30.23 4.92
CA GLN C 642 -9.11 30.96 6.18
C GLN C 642 -8.81 32.45 6.00
N TYR C 643 -8.03 32.79 4.93
CA TYR C 643 -7.55 34.14 4.60
C TYR C 643 -7.89 34.58 3.17
N LEU C 644 -7.72 35.89 2.89
CA LEU C 644 -8.05 36.51 1.62
C LEU C 644 -7.12 36.06 0.51
N ASP C 645 -5.81 36.12 0.78
CA ASP C 645 -4.75 35.76 -0.15
C ASP C 645 -4.37 34.32 0.12
N ASN C 646 -4.71 33.46 -0.83
CA ASN C 646 -4.49 32.01 -0.73
C ASN C 646 -4.29 31.40 -2.13
N LEU C 647 -3.79 30.14 -2.19
CA LEU C 647 -3.51 29.43 -3.43
C LEU C 647 -4.75 29.14 -4.27
N LEU C 648 -5.94 28.99 -3.64
CA LEU C 648 -7.15 28.76 -4.43
C LEU C 648 -7.58 30.00 -5.20
N VAL C 649 -7.66 31.19 -4.52
CA VAL C 649 -8.04 32.49 -5.12
C VAL C 649 -7.05 32.80 -6.23
N ARG C 650 -5.74 32.69 -5.93
CA ARG C 650 -4.66 32.93 -6.87
C ARG C 650 -4.78 32.10 -8.15
N PHE C 651 -5.24 30.82 -8.00
CA PHE C 651 -5.46 29.86 -9.09
C PHE C 651 -6.65 30.28 -9.90
N LEU C 652 -7.83 30.42 -9.23
CA LEU C 652 -9.07 30.82 -9.89
C LEU C 652 -8.95 32.15 -10.63
N LEU C 653 -8.31 33.16 -10.00
CA LEU C 653 -8.11 34.46 -10.62
C LEU C 653 -7.27 34.36 -11.91
N LYS C 654 -6.11 33.66 -11.87
CA LYS C 654 -5.24 33.48 -13.04
C LYS C 654 -5.98 32.81 -14.20
N LYS C 655 -6.81 31.79 -13.91
CA LYS C 655 -7.59 31.07 -14.93
C LYS C 655 -8.65 31.97 -15.58
N ALA C 656 -9.30 32.85 -14.78
CA ALA C 656 -10.31 33.82 -15.20
C ALA C 656 -9.72 34.95 -16.08
N LEU C 657 -8.47 35.36 -15.76
CA LEU C 657 -7.75 36.43 -16.47
C LEU C 657 -6.98 35.87 -17.65
N THR C 658 -7.14 34.56 -17.88
CA THR C 658 -6.46 33.77 -18.90
C THR C 658 -7.43 33.25 -19.97
N ASN C 659 -8.72 33.10 -19.62
CA ASN C 659 -9.80 32.60 -20.45
C ASN C 659 -11.04 33.43 -20.13
N GLN C 660 -11.52 34.23 -21.12
CA GLN C 660 -12.67 35.11 -20.92
C GLN C 660 -13.99 34.36 -20.68
N ARG C 661 -14.14 33.08 -21.16
CA ARG C 661 -15.34 32.28 -20.87
C ARG C 661 -15.38 32.07 -19.34
N ILE C 662 -14.27 31.60 -18.74
CA ILE C 662 -14.14 31.41 -17.29
C ILE C 662 -14.28 32.79 -16.58
N GLY C 663 -13.57 33.81 -17.07
CA GLY C 663 -13.62 35.16 -16.52
C GLY C 663 -15.03 35.72 -16.38
N HIS C 664 -15.86 35.49 -17.40
CA HIS C 664 -17.25 35.93 -17.47
C HIS C 664 -18.08 35.34 -16.35
N PHE C 665 -18.04 34.01 -16.21
CA PHE C 665 -18.83 33.34 -15.19
C PHE C 665 -18.23 33.50 -13.82
N PHE C 666 -16.92 33.67 -13.72
CA PHE C 666 -16.25 33.98 -12.46
C PHE C 666 -16.75 35.32 -11.96
N PHE C 667 -16.90 36.30 -12.89
CA PHE C 667 -17.45 37.62 -12.59
C PHE C 667 -18.88 37.49 -12.04
N TRP C 668 -19.81 36.90 -12.84
CA TRP C 668 -21.22 36.80 -12.50
C TRP C 668 -21.49 36.00 -11.25
N HIS C 669 -20.74 34.93 -11.03
CA HIS C 669 -20.90 34.12 -9.81
C HIS C 669 -20.54 34.91 -8.56
N LEU C 670 -19.45 35.69 -8.63
CA LEU C 670 -19.02 36.51 -7.52
C LEU C 670 -19.95 37.69 -7.35
N LYS C 671 -20.28 38.39 -8.46
CA LYS C 671 -21.17 39.56 -8.47
C LYS C 671 -22.53 39.30 -7.89
N SER C 672 -23.12 38.10 -8.14
CA SER C 672 -24.45 37.73 -7.63
C SER C 672 -24.49 37.67 -6.12
N GLU C 673 -23.44 37.10 -5.51
CA GLU C 673 -23.30 36.93 -4.06
C GLU C 673 -22.86 38.20 -3.32
N MET C 674 -22.73 39.35 -4.02
CA MET C 674 -22.25 40.60 -3.42
C MET C 674 -23.18 41.19 -2.35
N HIS C 675 -24.46 40.78 -2.31
CA HIS C 675 -25.46 41.26 -1.34
C HIS C 675 -25.22 40.66 0.05
N ASN C 676 -24.73 39.41 0.09
CA ASN C 676 -24.40 38.63 1.27
C ASN C 676 -23.17 39.26 1.93
N LYS C 677 -23.38 39.96 3.05
CA LYS C 677 -22.34 40.71 3.79
C LYS C 677 -21.29 39.77 4.41
N THR C 678 -21.61 38.48 4.57
CA THR C 678 -20.66 37.49 5.09
C THR C 678 -19.55 37.17 4.06
N VAL C 679 -19.69 37.68 2.79
CA VAL C 679 -18.74 37.48 1.67
C VAL C 679 -18.46 38.75 0.83
N SER C 680 -19.25 39.82 1.06
CA SER C 680 -19.16 41.13 0.40
C SER C 680 -17.71 41.64 0.22
N GLN C 681 -16.88 41.60 1.28
CA GLN C 681 -15.53 42.14 1.19
C GLN C 681 -14.58 41.28 0.40
N ARG C 682 -14.54 39.97 0.70
CA ARG C 682 -13.69 39.00 0.00
C ARG C 682 -14.00 39.00 -1.50
N PHE C 683 -15.29 38.93 -1.85
CA PHE C 683 -15.74 38.92 -3.24
C PHE C 683 -15.52 40.26 -3.92
N GLY C 684 -15.76 41.36 -3.19
CA GLY C 684 -15.55 42.73 -3.66
C GLY C 684 -14.11 42.99 -4.04
N LEU C 685 -13.18 42.60 -3.15
CA LEU C 685 -11.74 42.74 -3.35
C LEU C 685 -11.27 41.89 -4.53
N LEU C 686 -11.89 40.69 -4.69
CA LEU C 686 -11.58 39.75 -5.77
C LEU C 686 -12.06 40.31 -7.09
N LEU C 687 -13.31 40.88 -7.12
CA LEU C 687 -13.89 41.48 -8.31
C LEU C 687 -13.08 42.69 -8.75
N GLU C 688 -12.56 43.49 -7.79
CA GLU C 688 -11.71 44.64 -8.10
C GLU C 688 -10.46 44.21 -8.88
N SER C 689 -9.78 43.16 -8.39
CA SER C 689 -8.55 42.60 -9.01
C SER C 689 -8.82 41.99 -10.37
N TYR C 690 -10.02 41.37 -10.56
CA TYR C 690 -10.39 40.80 -11.84
C TYR C 690 -10.65 41.93 -12.82
N CYS C 691 -11.47 42.92 -12.42
CA CYS C 691 -11.88 44.05 -13.25
C CYS C 691 -10.74 44.93 -13.69
N ARG C 692 -9.72 45.04 -12.83
CA ARG C 692 -8.55 45.82 -13.11
C ARG C 692 -7.69 45.19 -14.22
N ALA C 693 -7.66 43.82 -14.31
CA ALA C 693 -6.81 43.14 -15.29
C ALA C 693 -7.50 42.41 -16.43
N CYS C 694 -8.85 42.41 -16.51
CA CYS C 694 -9.56 41.67 -17.56
C CYS C 694 -9.48 42.28 -18.98
N GLY C 695 -9.08 43.55 -19.06
CA GLY C 695 -8.98 44.25 -20.34
C GLY C 695 -10.29 44.89 -20.76
N MET C 696 -10.60 44.85 -22.06
CA MET C 696 -11.82 45.44 -22.60
C MET C 696 -13.08 44.78 -22.13
N TYR C 697 -13.02 43.52 -21.67
CA TYR C 697 -14.22 42.84 -21.20
C TYR C 697 -14.97 43.57 -20.08
N LEU C 698 -14.29 44.45 -19.28
CA LEU C 698 -14.89 45.27 -18.21
C LEU C 698 -15.96 46.19 -18.77
N LYS C 699 -15.78 46.61 -20.04
CA LYS C 699 -16.71 47.50 -20.71
C LYS C 699 -17.98 46.76 -21.11
N HIS C 700 -17.85 45.49 -21.56
CA HIS C 700 -18.97 44.61 -21.92
C HIS C 700 -19.72 44.21 -20.68
N LEU C 701 -18.98 43.89 -19.61
CA LEU C 701 -19.55 43.55 -18.30
C LEU C 701 -20.36 44.73 -17.74
N ASN C 702 -19.88 45.97 -17.92
CA ASN C 702 -20.60 47.16 -17.46
C ASN C 702 -21.89 47.28 -18.23
N ARG C 703 -21.88 46.98 -19.56
CA ARG C 703 -23.08 47.03 -20.39
C ARG C 703 -24.14 46.02 -19.98
N GLN C 704 -23.71 44.83 -19.53
CA GLN C 704 -24.58 43.75 -19.07
C GLN C 704 -25.15 44.15 -17.72
N VAL C 705 -24.32 44.71 -16.82
CA VAL C 705 -24.74 45.20 -15.50
C VAL C 705 -25.80 46.29 -15.65
N GLU C 706 -25.56 47.27 -16.54
CA GLU C 706 -26.47 48.37 -16.91
C GLU C 706 -27.82 47.79 -17.35
N ALA C 707 -27.80 46.86 -18.34
CA ALA C 707 -29.00 46.20 -18.87
C ALA C 707 -29.82 45.54 -17.76
N MET C 708 -29.16 44.72 -16.89
CA MET C 708 -29.79 44.01 -15.78
C MET C 708 -30.43 44.96 -14.76
N GLU C 709 -29.76 46.09 -14.48
CA GLU C 709 -30.22 47.14 -13.57
C GLU C 709 -31.53 47.75 -14.04
N LYS C 710 -31.68 47.99 -15.36
CA LYS C 710 -32.92 48.52 -15.96
C LYS C 710 -34.02 47.46 -15.77
N LEU C 711 -33.72 46.19 -16.13
CA LEU C 711 -34.64 45.07 -16.01
C LEU C 711 -35.14 44.84 -14.57
N ILE C 712 -34.22 44.88 -13.59
CA ILE C 712 -34.55 44.76 -12.16
C ILE C 712 -35.50 45.90 -11.79
N ASN C 713 -35.21 47.15 -12.24
CA ASN C 713 -36.05 48.33 -11.94
C ASN C 713 -37.46 48.27 -12.57
N LEU C 714 -37.55 47.87 -13.85
CA LEU C 714 -38.81 47.74 -14.56
C LEU C 714 -39.70 46.65 -13.91
N THR C 715 -39.09 45.52 -13.48
CA THR C 715 -39.84 44.43 -12.83
C THR C 715 -40.24 44.80 -11.41
N ASP C 716 -39.40 45.58 -10.68
CA ASP C 716 -39.70 46.01 -9.31
C ASP C 716 -40.97 46.87 -9.37
N ILE C 717 -41.06 47.80 -10.35
CA ILE C 717 -42.21 48.67 -10.61
C ILE C 717 -43.48 47.84 -10.81
N LEU C 718 -43.40 46.80 -11.66
CA LEU C 718 -44.49 45.88 -11.97
C LEU C 718 -44.93 45.04 -10.76
N LYS C 719 -43.95 44.67 -9.91
CA LYS C 719 -44.20 43.87 -8.71
C LYS C 719 -44.69 44.71 -7.52
N GLN C 720 -44.35 46.02 -7.48
CA GLN C 720 -44.71 46.92 -6.39
C GLN C 720 -45.83 47.90 -6.74
N GLU C 721 -45.54 49.12 -7.26
CA GLU C 721 -46.56 50.11 -7.62
C GLU C 721 -47.71 49.52 -8.46
N LYS C 722 -47.37 48.80 -9.52
CA LYS C 722 -48.31 48.23 -10.49
C LYS C 722 -48.96 46.86 -10.12
N LYS C 723 -48.56 46.19 -9.00
CA LYS C 723 -49.07 44.87 -8.54
C LYS C 723 -50.59 44.61 -8.77
N ASP C 724 -51.40 45.65 -8.54
CA ASP C 724 -52.86 45.67 -8.60
C ASP C 724 -53.45 45.93 -10.01
N GLU C 725 -52.61 45.96 -11.06
CA GLU C 725 -53.08 46.27 -12.42
C GLU C 725 -53.26 45.04 -13.32
N THR C 726 -54.32 45.04 -14.17
CA THR C 726 -54.62 43.97 -15.12
C THR C 726 -53.47 43.83 -16.12
N GLN C 727 -53.17 42.59 -16.57
CA GLN C 727 -52.10 42.28 -17.54
C GLN C 727 -52.11 43.26 -18.74
N LYS C 728 -53.33 43.55 -19.28
CA LYS C 728 -53.56 44.47 -20.40
C LYS C 728 -52.87 45.81 -20.09
N VAL C 729 -53.21 46.42 -18.93
CA VAL C 729 -52.67 47.69 -18.43
C VAL C 729 -51.13 47.65 -18.27
N GLN C 730 -50.63 46.63 -17.54
CA GLN C 730 -49.22 46.40 -17.26
C GLN C 730 -48.42 46.28 -18.57
N MET C 731 -48.99 45.62 -19.60
CA MET C 731 -48.35 45.47 -20.89
C MET C 731 -48.22 46.81 -21.59
N LYS C 732 -49.29 47.64 -21.56
CA LYS C 732 -49.27 48.98 -22.16
C LYS C 732 -48.14 49.82 -21.57
N PHE C 733 -47.92 49.70 -20.24
CA PHE C 733 -46.86 50.35 -19.50
C PHE C 733 -45.49 49.83 -19.94
N LEU C 734 -45.33 48.48 -20.05
CA LEU C 734 -44.09 47.81 -20.47
C LEU C 734 -43.67 48.36 -21.82
N VAL C 735 -44.61 48.34 -22.80
CA VAL C 735 -44.44 48.85 -24.16
C VAL C 735 -43.99 50.33 -24.14
N GLU C 736 -44.64 51.17 -23.33
CA GLU C 736 -44.28 52.58 -23.18
C GLU C 736 -42.85 52.70 -22.66
N GLN C 737 -42.52 51.93 -21.64
CA GLN C 737 -41.22 51.95 -20.99
C GLN C 737 -40.08 51.46 -21.89
N MET C 738 -40.24 50.31 -22.55
CA MET C 738 -39.20 49.74 -23.41
C MET C 738 -38.85 50.61 -24.62
N ARG C 739 -39.82 51.40 -25.10
CA ARG C 739 -39.75 52.37 -26.21
C ARG C 739 -38.83 53.55 -25.88
N ARG C 740 -38.73 53.95 -24.58
CA ARG C 740 -37.92 55.09 -24.07
C ARG C 740 -36.45 54.96 -24.52
N PRO C 741 -35.77 56.08 -24.87
CA PRO C 741 -34.39 56.01 -25.38
C PRO C 741 -33.40 55.23 -24.54
N ASP C 742 -33.27 55.58 -23.26
CA ASP C 742 -32.37 55.01 -22.26
C ASP C 742 -32.41 53.47 -22.22
N PHE C 743 -33.65 52.89 -22.33
CA PHE C 743 -33.91 51.46 -22.33
C PHE C 743 -33.42 50.85 -23.64
N MET C 744 -33.83 51.43 -24.78
CA MET C 744 -33.46 51.05 -26.15
C MET C 744 -31.97 51.05 -26.32
N ASP C 745 -31.30 51.98 -25.63
CA ASP C 745 -29.85 52.10 -25.62
C ASP C 745 -29.23 50.98 -24.79
N ALA C 746 -29.70 50.83 -23.53
CA ALA C 746 -29.23 49.88 -22.53
C ALA C 746 -29.38 48.43 -22.90
N LEU C 747 -30.58 48.05 -23.35
CA LEU C 747 -31.00 46.69 -23.64
C LEU C 747 -30.79 46.20 -25.08
N GLN C 748 -30.26 47.04 -25.96
CA GLN C 748 -29.98 46.57 -27.31
C GLN C 748 -28.49 46.62 -27.55
N GLY C 749 -27.97 45.59 -28.22
CA GLY C 749 -26.57 45.51 -28.59
C GLY C 749 -25.60 45.30 -27.46
N PHE C 750 -25.73 44.17 -26.76
CA PHE C 750 -24.87 43.73 -25.66
C PHE C 750 -24.67 42.19 -25.72
N LEU C 751 -23.83 41.56 -24.85
CA LEU C 751 -23.68 40.10 -24.94
C LEU C 751 -24.60 39.38 -23.94
N SER C 752 -25.07 38.18 -24.31
CA SER C 752 -25.91 37.43 -23.39
C SER C 752 -25.14 37.00 -22.12
N PRO C 753 -25.55 37.45 -20.90
CA PRO C 753 -24.85 36.96 -19.69
C PRO C 753 -24.94 35.44 -19.55
N LEU C 754 -26.00 34.81 -20.11
CA LEU C 754 -26.15 33.34 -20.07
C LEU C 754 -25.07 32.65 -20.90
N ASN C 755 -24.63 33.30 -22.01
CA ASN C 755 -23.58 32.82 -22.91
C ASN C 755 -23.04 34.00 -23.72
N PRO C 756 -21.86 34.56 -23.37
CA PRO C 756 -21.34 35.72 -24.11
C PRO C 756 -21.06 35.51 -25.60
N ALA C 757 -21.05 34.25 -26.11
CA ALA C 757 -20.83 33.96 -27.52
C ALA C 757 -22.08 34.35 -28.33
N HIS C 758 -23.16 34.71 -27.63
CA HIS C 758 -24.42 35.14 -28.20
C HIS C 758 -24.57 36.64 -28.04
N GLN C 759 -24.45 37.37 -29.16
CA GLN C 759 -24.64 38.81 -29.18
C GLN C 759 -26.14 39.12 -29.28
N LEU C 760 -26.63 39.97 -28.37
CA LEU C 760 -28.04 40.38 -28.32
C LEU C 760 -28.09 41.72 -29.08
N GLY C 761 -28.69 41.70 -30.26
CA GLY C 761 -28.83 42.86 -31.12
C GLY C 761 -30.04 43.71 -30.75
N ASN C 762 -30.83 44.07 -31.76
CA ASN C 762 -32.02 44.87 -31.58
C ASN C 762 -33.17 44.06 -30.99
N LEU C 763 -33.89 44.66 -30.03
CA LEU C 763 -35.03 44.08 -29.35
C LEU C 763 -36.18 43.92 -30.35
N ARG C 764 -36.83 42.73 -30.34
CA ARG C 764 -38.01 42.39 -31.14
C ARG C 764 -39.19 42.69 -30.21
N LEU C 765 -39.47 43.99 -30.01
CA LEU C 765 -40.49 44.51 -29.09
C LEU C 765 -41.86 43.81 -29.19
N GLU C 766 -42.30 43.43 -30.40
CA GLU C 766 -43.56 42.71 -30.62
C GLU C 766 -43.59 41.35 -29.93
N GLU C 767 -42.41 40.71 -29.81
CA GLU C 767 -42.24 39.39 -29.20
C GLU C 767 -41.92 39.45 -27.69
N CYS C 768 -41.71 40.69 -27.16
CA CYS C 768 -41.44 40.95 -25.75
C CYS C 768 -42.74 41.10 -24.97
N ARG C 769 -42.83 40.44 -23.81
CA ARG C 769 -44.03 40.42 -22.97
C ARG C 769 -43.75 40.15 -21.48
N ILE C 770 -44.75 40.42 -20.62
CA ILE C 770 -44.73 40.09 -19.19
C ILE C 770 -45.44 38.74 -19.15
N MET C 771 -44.75 37.72 -18.65
CA MET C 771 -45.33 36.38 -18.57
C MET C 771 -46.49 36.40 -17.56
N SER C 772 -47.59 35.65 -17.85
CA SER C 772 -48.82 35.63 -17.01
C SER C 772 -48.58 35.16 -15.57
N SER C 773 -47.44 34.48 -15.36
CA SER C 773 -46.92 33.94 -14.11
C SER C 773 -46.84 34.98 -12.98
N ALA C 774 -47.03 34.51 -11.72
CA ALA C 774 -46.82 35.34 -10.54
C ALA C 774 -45.28 35.56 -10.46
N LYS C 775 -44.85 36.72 -9.88
CA LYS C 775 -43.45 37.19 -9.78
C LYS C 775 -43.07 38.07 -10.99
N ARG C 776 -43.94 38.06 -12.03
CA ARG C 776 -43.86 38.81 -13.29
C ARG C 776 -42.51 38.62 -14.03
N PRO C 777 -42.34 37.46 -14.69
CA PRO C 777 -41.11 37.24 -15.45
C PRO C 777 -41.23 37.98 -16.80
N LEU C 778 -40.09 38.37 -17.37
CA LEU C 778 -40.12 39.07 -18.65
C LEU C 778 -39.58 38.20 -19.74
N TRP C 779 -40.40 37.95 -20.75
CA TRP C 779 -40.00 37.19 -21.91
C TRP C 779 -39.40 38.20 -22.89
N LEU C 780 -38.09 38.15 -23.09
CA LEU C 780 -37.43 39.09 -23.98
C LEU C 780 -36.86 38.39 -25.18
N ASN C 781 -37.03 39.05 -26.35
CA ASN C 781 -36.57 38.56 -27.63
C ASN C 781 -35.67 39.58 -28.30
N TRP C 782 -34.49 39.13 -28.77
CA TRP C 782 -33.52 39.97 -29.48
C TRP C 782 -33.15 39.32 -30.82
N GLU C 783 -32.79 40.15 -31.78
CA GLU C 783 -32.29 39.70 -33.07
C GLU C 783 -30.84 39.19 -32.87
N ASN C 784 -30.34 38.31 -33.77
CA ASN C 784 -28.95 37.85 -33.73
C ASN C 784 -28.19 38.69 -34.80
N PRO C 785 -27.32 39.62 -34.32
CA PRO C 785 -26.63 40.53 -35.23
C PRO C 785 -25.62 39.88 -36.14
N ASP C 786 -25.29 38.60 -35.93
CA ASP C 786 -24.38 37.85 -36.80
C ASP C 786 -24.82 37.83 -38.27
N ILE C 787 -23.83 37.77 -39.18
CA ILE C 787 -24.01 37.75 -40.63
C ILE C 787 -24.63 36.43 -41.09
N MET C 788 -24.34 35.35 -40.37
CA MET C 788 -24.82 34.00 -40.63
C MET C 788 -25.85 33.60 -39.58
N SER C 789 -26.59 34.62 -39.02
CA SER C 789 -27.61 34.43 -37.98
C SER C 789 -28.66 33.42 -38.38
N GLU C 790 -28.93 33.34 -39.68
CA GLU C 790 -29.90 32.42 -40.29
C GLU C 790 -29.51 30.93 -40.18
N LEU C 791 -28.22 30.63 -40.06
CA LEU C 791 -27.75 29.25 -40.00
C LEU C 791 -27.72 28.69 -38.55
N LEU C 792 -28.04 29.51 -37.53
CA LEU C 792 -28.10 29.05 -36.15
C LEU C 792 -29.42 29.35 -35.48
N PHE C 793 -29.66 30.61 -35.14
CA PHE C 793 -30.89 31.09 -34.50
C PHE C 793 -31.01 32.56 -34.79
N GLN C 794 -32.12 32.96 -35.43
CA GLN C 794 -32.27 34.37 -35.75
C GLN C 794 -32.75 35.15 -34.53
N ASN C 795 -33.26 34.43 -33.50
CA ASN C 795 -33.78 35.00 -32.26
C ASN C 795 -33.23 34.35 -30.98
N ASN C 796 -32.95 35.23 -30.03
CA ASN C 796 -32.45 34.97 -28.68
C ASN C 796 -33.61 35.34 -27.72
N GLU C 797 -34.26 34.32 -27.13
CA GLU C 797 -35.39 34.48 -26.23
C GLU C 797 -34.94 34.16 -24.82
N ILE C 798 -35.07 35.11 -23.91
CA ILE C 798 -34.63 34.90 -22.53
C ILE C 798 -35.74 35.34 -21.57
N ILE C 799 -35.92 34.58 -20.48
CA ILE C 799 -36.88 34.92 -19.44
C ILE C 799 -36.02 35.56 -18.36
N PHE C 800 -36.37 36.77 -17.95
CA PHE C 800 -35.71 37.47 -16.88
C PHE C 800 -36.69 37.35 -15.74
N LYS C 801 -36.25 36.77 -14.60
CA LYS C 801 -37.12 36.56 -13.43
C LYS C 801 -36.58 37.20 -12.14
N ASN C 802 -37.35 38.16 -11.61
CA ASN C 802 -37.06 38.89 -10.37
C ASN C 802 -38.03 38.36 -9.33
N GLY C 803 -37.50 37.93 -8.18
CA GLY C 803 -38.30 37.41 -7.07
C GLY C 803 -37.95 36.04 -6.55
N ASP C 804 -37.69 35.10 -7.45
CA ASP C 804 -37.35 33.74 -7.06
C ASP C 804 -35.85 33.52 -7.06
N ASP C 805 -35.34 32.72 -6.10
CA ASP C 805 -33.92 32.36 -6.01
C ASP C 805 -33.65 31.30 -7.07
N LEU C 806 -32.73 31.59 -8.03
CA LEU C 806 -32.45 30.66 -9.13
C LEU C 806 -31.25 29.70 -8.93
N ARG C 807 -30.68 29.66 -7.72
CA ARG C 807 -29.51 28.83 -7.39
C ARG C 807 -29.79 27.35 -7.38
N GLN C 808 -31.02 26.96 -6.98
CA GLN C 808 -31.53 25.58 -6.95
C GLN C 808 -31.58 25.09 -8.39
N ASP C 809 -32.28 25.85 -9.27
CA ASP C 809 -32.45 25.59 -10.69
C ASP C 809 -31.09 25.48 -11.33
N MET C 810 -30.19 26.46 -11.04
CA MET C 810 -28.80 26.51 -11.54
C MET C 810 -28.02 25.24 -11.17
N LEU C 811 -28.09 24.79 -9.89
CA LEU C 811 -27.42 23.60 -9.41
C LEU C 811 -28.02 22.33 -10.04
N THR C 812 -29.37 22.20 -10.08
CA THR C 812 -30.04 21.03 -10.65
C THR C 812 -29.65 20.85 -12.11
N LEU C 813 -29.66 21.95 -12.88
CA LEU C 813 -29.31 21.95 -14.30
C LEU C 813 -27.88 21.54 -14.51
N GLN C 814 -26.98 21.91 -13.57
CA GLN C 814 -25.57 21.50 -13.60
C GLN C 814 -25.49 20.00 -13.35
N ILE C 815 -26.21 19.49 -12.31
CA ILE C 815 -26.25 18.07 -11.97
C ILE C 815 -26.76 17.22 -13.17
N ILE C 816 -27.88 17.64 -13.80
CA ILE C 816 -28.47 17.05 -15.02
C ILE C 816 -27.38 16.93 -16.15
N ARG C 817 -26.63 18.04 -16.41
CA ARG C 817 -25.55 18.06 -17.40
C ARG C 817 -24.51 17.00 -17.09
N ILE C 818 -24.15 16.84 -15.78
CA ILE C 818 -23.14 15.89 -15.31
C ILE C 818 -23.66 14.47 -15.49
N MET C 819 -24.91 14.22 -15.06
CA MET C 819 -25.57 12.93 -15.20
C MET C 819 -25.57 12.48 -16.67
N GLU C 820 -25.97 13.40 -17.60
CA GLU C 820 -25.97 13.14 -19.04
C GLU C 820 -24.57 12.70 -19.46
N ASN C 821 -23.53 13.49 -19.09
CA ASN C 821 -22.13 13.20 -19.42
C ASN C 821 -21.66 11.83 -18.97
N ILE C 822 -22.09 11.34 -17.78
CA ILE C 822 -21.76 9.99 -17.29
C ILE C 822 -22.44 8.96 -18.21
N TRP C 823 -23.76 9.12 -18.45
CA TRP C 823 -24.54 8.21 -19.30
C TRP C 823 -24.03 8.14 -20.73
N GLN C 824 -23.58 9.29 -21.29
CA GLN C 824 -23.03 9.34 -22.64
C GLN C 824 -21.72 8.54 -22.75
N ASN C 825 -20.73 8.87 -21.90
CA ASN C 825 -19.43 8.19 -21.85
C ASN C 825 -19.56 6.68 -21.58
N GLN C 826 -20.65 6.25 -20.89
CA GLN C 826 -20.91 4.83 -20.58
C GLN C 826 -21.61 4.09 -21.73
N GLY C 827 -22.00 4.84 -22.76
CA GLY C 827 -22.65 4.27 -23.93
C GLY C 827 -24.16 4.31 -23.98
N LEU C 828 -24.85 4.92 -22.98
CA LEU C 828 -26.32 5.00 -23.05
C LEU C 828 -26.78 6.40 -23.38
N ASP C 829 -27.40 6.52 -24.58
CA ASP C 829 -27.89 7.74 -25.21
C ASP C 829 -29.16 8.31 -24.51
N LEU C 830 -29.01 8.70 -23.23
CA LEU C 830 -30.12 9.32 -22.53
C LEU C 830 -29.90 10.80 -22.70
N ARG C 831 -30.73 11.42 -23.56
CA ARG C 831 -30.58 12.82 -23.86
C ARG C 831 -31.32 13.58 -22.82
N MET C 832 -30.64 14.61 -22.27
CA MET C 832 -31.15 15.55 -21.27
C MET C 832 -31.04 16.95 -21.87
N LEU C 833 -31.83 17.91 -21.33
CA LEU C 833 -31.81 19.31 -21.76
C LEU C 833 -31.43 20.20 -20.58
N PRO C 834 -30.11 20.28 -20.24
CA PRO C 834 -29.71 21.17 -19.15
C PRO C 834 -29.66 22.56 -19.76
N TYR C 835 -30.84 23.23 -19.82
CA TYR C 835 -30.96 24.58 -20.41
C TYR C 835 -30.22 25.64 -19.57
N GLY C 836 -29.92 26.77 -20.20
CA GLY C 836 -29.17 27.86 -19.58
C GLY C 836 -29.93 28.55 -18.48
N CYS C 837 -29.27 28.75 -17.32
CA CYS C 837 -29.84 29.44 -16.16
C CYS C 837 -28.74 30.10 -15.33
N LEU C 838 -28.83 31.43 -15.08
CA LEU C 838 -27.83 32.16 -14.32
C LEU C 838 -28.52 33.05 -13.33
N SER C 839 -27.97 33.11 -12.11
CA SER C 839 -28.40 33.99 -11.02
C SER C 839 -27.49 35.20 -11.07
N ILE C 840 -28.06 36.40 -11.22
CA ILE C 840 -27.30 37.64 -11.36
C ILE C 840 -27.28 38.51 -10.05
N GLY C 841 -27.97 38.06 -9.02
CA GLY C 841 -28.02 38.80 -7.77
C GLY C 841 -29.02 38.19 -6.83
N ASP C 842 -29.49 38.99 -5.85
CA ASP C 842 -30.46 38.52 -4.87
C ASP C 842 -31.83 38.25 -5.49
N CYS C 843 -32.08 36.95 -5.75
CA CYS C 843 -33.27 36.39 -6.37
C CYS C 843 -33.65 37.08 -7.70
N VAL C 844 -32.65 37.22 -8.57
CA VAL C 844 -32.74 37.76 -9.94
C VAL C 844 -31.88 36.90 -10.81
N GLY C 845 -32.39 36.59 -11.99
CA GLY C 845 -31.67 35.72 -12.89
C GLY C 845 -32.26 35.60 -14.26
N LEU C 846 -31.60 34.78 -15.09
CA LEU C 846 -32.00 34.57 -16.47
C LEU C 846 -32.20 33.10 -16.75
N ILE C 847 -33.18 32.81 -17.60
CA ILE C 847 -33.48 31.44 -18.05
C ILE C 847 -33.48 31.41 -19.59
N GLU C 848 -32.76 30.44 -20.18
CA GLU C 848 -32.70 30.25 -21.62
C GLU C 848 -34.03 29.65 -22.08
N VAL C 849 -34.64 30.24 -23.11
CA VAL C 849 -35.89 29.72 -23.67
C VAL C 849 -35.56 28.64 -24.69
N VAL C 850 -36.03 27.42 -24.44
CA VAL C 850 -35.86 26.29 -25.33
C VAL C 850 -36.88 26.43 -26.48
N ARG C 851 -36.33 26.60 -27.69
CA ARG C 851 -37.03 26.77 -28.95
C ARG C 851 -37.85 25.50 -29.27
N ASN C 852 -39.07 25.68 -29.82
CA ASN C 852 -39.97 24.59 -30.22
C ASN C 852 -40.34 23.61 -29.11
N SER C 853 -40.68 24.15 -27.92
CA SER C 853 -41.09 23.33 -26.76
C SER C 853 -42.48 23.67 -26.36
N HIS C 854 -43.14 22.71 -25.70
CA HIS C 854 -44.48 22.87 -25.16
C HIS C 854 -44.60 22.00 -23.95
N THR C 855 -45.28 22.51 -22.92
CA THR C 855 -45.57 21.75 -21.71
C THR C 855 -46.59 20.68 -22.09
N ILE C 856 -46.64 19.56 -21.36
CA ILE C 856 -47.63 18.50 -21.63
C ILE C 856 -49.05 19.09 -21.57
N MET C 857 -49.25 20.12 -20.73
CA MET C 857 -50.51 20.84 -20.58
C MET C 857 -50.89 21.58 -21.86
N GLN C 858 -49.94 22.31 -22.48
CA GLN C 858 -50.14 23.08 -23.72
C GLN C 858 -50.57 22.16 -24.84
N ILE C 859 -49.94 20.97 -24.95
CA ILE C 859 -50.27 20.05 -26.04
C ILE C 859 -51.60 19.39 -25.77
N GLN C 860 -51.95 19.18 -24.51
CA GLN C 860 -53.25 18.63 -24.15
C GLN C 860 -54.37 19.61 -24.51
N CYS C 861 -54.09 20.92 -24.47
CA CYS C 861 -55.06 21.94 -24.84
C CYS C 861 -55.12 22.22 -26.38
N LYS C 862 -55.11 21.12 -27.17
CA LYS C 862 -55.23 21.17 -28.62
C LYS C 862 -55.97 19.98 -29.22
N PHE C 871 -59.10 16.68 -24.85
CA PHE C 871 -57.93 15.84 -24.54
C PHE C 871 -58.27 14.66 -23.63
N ASN C 872 -57.67 13.47 -23.90
CA ASN C 872 -57.90 12.25 -23.13
C ASN C 872 -56.74 11.24 -23.20
N SER C 873 -55.64 11.53 -22.46
CA SER C 873 -54.40 10.74 -22.30
C SER C 873 -53.64 10.44 -23.60
N HIS C 874 -54.28 9.78 -24.60
CA HIS C 874 -53.69 9.45 -25.90
C HIS C 874 -53.34 10.72 -26.71
N THR C 875 -53.64 11.90 -26.13
CA THR C 875 -53.45 13.23 -26.70
C THR C 875 -51.97 13.52 -26.99
N LEU C 876 -51.06 13.25 -26.04
CA LEU C 876 -49.61 13.49 -26.22
C LEU C 876 -49.03 12.66 -27.36
N HIS C 877 -49.41 11.37 -27.43
CA HIS C 877 -48.92 10.48 -28.47
C HIS C 877 -49.45 10.94 -29.83
N GLN C 878 -50.73 11.32 -29.89
CA GLN C 878 -51.36 11.79 -31.11
C GLN C 878 -50.67 13.04 -31.64
N TRP C 879 -50.23 13.91 -30.71
CA TRP C 879 -49.50 15.14 -31.04
C TRP C 879 -48.19 14.80 -31.72
N LEU C 880 -47.39 13.88 -31.12
CA LEU C 880 -46.10 13.45 -31.68
C LEU C 880 -46.26 12.77 -33.01
N LYS C 881 -47.27 11.88 -33.13
CA LYS C 881 -47.59 11.16 -34.36
C LYS C 881 -47.76 12.16 -35.52
N ASP C 882 -48.51 13.25 -35.28
CA ASP C 882 -48.79 14.33 -36.22
C ASP C 882 -47.57 15.22 -36.53
N LYS C 883 -46.78 15.58 -35.52
CA LYS C 883 -45.59 16.41 -35.72
C LYS C 883 -44.43 15.63 -36.36
N ASN C 884 -44.46 14.28 -36.28
CA ASN C 884 -43.41 13.41 -36.83
C ASN C 884 -43.98 12.22 -37.63
N LYS C 885 -44.57 12.52 -38.79
CA LYS C 885 -45.15 11.50 -39.67
C LYS C 885 -44.04 10.77 -40.47
N GLY C 886 -44.35 9.56 -40.96
CA GLY C 886 -43.47 8.74 -41.78
C GLY C 886 -42.42 7.93 -41.03
N GLU C 887 -41.23 7.78 -41.63
CA GLU C 887 -40.08 7.06 -41.05
C GLU C 887 -39.47 7.83 -39.87
N ILE C 888 -39.85 9.12 -39.74
CA ILE C 888 -39.45 10.07 -38.69
C ILE C 888 -40.10 9.65 -37.35
N TYR C 889 -41.29 9.03 -37.40
CA TYR C 889 -42.02 8.56 -36.22
C TYR C 889 -41.16 7.74 -35.26
N ASP C 890 -40.57 6.65 -35.76
CA ASP C 890 -39.72 5.74 -34.99
C ASP C 890 -38.61 6.49 -34.23
N ALA C 891 -37.90 7.40 -34.93
CA ALA C 891 -36.84 8.24 -34.37
C ALA C 891 -37.35 9.12 -33.22
N ALA C 892 -38.51 9.77 -33.40
CA ALA C 892 -39.15 10.65 -32.41
C ALA C 892 -39.54 9.88 -31.15
N ILE C 893 -40.21 8.71 -31.29
CA ILE C 893 -40.59 7.85 -30.16
C ILE C 893 -39.33 7.37 -29.42
N ASP C 894 -38.23 7.07 -30.17
CA ASP C 894 -36.96 6.68 -29.57
C ASP C 894 -36.37 7.82 -28.73
N LEU C 895 -36.35 9.06 -29.29
CA LEU C 895 -35.86 10.24 -28.57
C LEU C 895 -36.71 10.47 -27.33
N PHE C 896 -38.03 10.26 -27.43
CA PHE C 896 -38.91 10.40 -26.29
C PHE C 896 -38.54 9.42 -25.18
N THR C 897 -38.60 8.08 -25.46
CA THR C 897 -38.29 6.97 -24.53
C THR C 897 -36.94 7.19 -23.80
N ARG C 898 -35.86 7.55 -24.54
CA ARG C 898 -34.52 7.80 -23.99
C ARG C 898 -34.50 9.02 -23.06
N SER C 899 -34.99 10.19 -23.54
CA SER C 899 -35.06 11.42 -22.75
C SER C 899 -35.93 11.26 -21.50
N CYS C 900 -37.08 10.62 -21.65
CA CYS C 900 -38.04 10.36 -20.58
C CYS C 900 -37.38 9.45 -19.54
N ALA C 901 -36.62 8.43 -20.00
CA ALA C 901 -35.91 7.50 -19.11
C ALA C 901 -34.91 8.24 -18.23
N GLY C 902 -34.15 9.15 -18.86
CA GLY C 902 -33.13 9.97 -18.20
C GLY C 902 -33.73 10.86 -17.14
N TYR C 903 -34.85 11.50 -17.47
CA TYR C 903 -35.53 12.40 -16.55
C TYR C 903 -36.24 11.65 -15.42
N CYS C 904 -36.80 10.46 -15.68
CA CYS C 904 -37.46 9.61 -14.66
C CYS C 904 -36.51 9.24 -13.51
N VAL C 905 -35.25 8.96 -13.89
CA VAL C 905 -34.15 8.53 -13.03
C VAL C 905 -33.55 9.72 -12.30
N ALA C 906 -33.20 10.80 -13.03
CA ALA C 906 -32.59 12.01 -12.46
C ALA C 906 -33.47 12.64 -11.39
N THR C 907 -34.76 12.73 -11.72
CA THR C 907 -35.83 13.31 -10.95
C THR C 907 -36.10 12.47 -9.68
N PHE C 908 -35.88 11.14 -9.76
CA PHE C 908 -36.04 10.23 -8.63
C PHE C 908 -34.84 10.38 -7.68
N ILE C 909 -33.62 10.22 -8.21
CA ILE C 909 -32.34 10.31 -7.49
C ILE C 909 -32.25 11.62 -6.71
N LEU C 910 -32.46 12.74 -7.39
CA LEU C 910 -32.38 14.05 -6.76
C LEU C 910 -33.51 14.34 -5.77
N GLY C 911 -34.69 13.83 -6.08
CA GLY C 911 -35.87 14.02 -5.26
C GLY C 911 -36.66 15.24 -5.68
N ILE C 912 -36.75 15.44 -7.00
CA ILE C 912 -37.51 16.54 -7.59
C ILE C 912 -38.98 16.13 -7.59
N GLY C 913 -39.77 16.85 -6.81
CA GLY C 913 -41.19 16.61 -6.66
C GLY C 913 -42.05 17.65 -7.34
N ASP C 914 -43.37 17.55 -7.09
CA ASP C 914 -44.39 18.43 -7.63
C ASP C 914 -44.27 18.55 -9.15
N ARG C 915 -44.25 17.39 -9.82
CA ARG C 915 -44.13 17.32 -11.27
C ARG C 915 -45.50 17.22 -11.91
N HIS C 916 -45.91 18.28 -12.62
CA HIS C 916 -47.18 18.29 -13.35
C HIS C 916 -46.92 18.36 -14.84
N ASN C 917 -48.02 18.37 -15.61
CA ASN C 917 -48.01 18.50 -17.06
C ASN C 917 -47.63 19.94 -17.48
N SER C 918 -47.54 20.87 -16.51
CA SER C 918 -47.17 22.27 -16.72
C SER C 918 -45.68 22.54 -16.43
N ASN C 919 -44.93 21.52 -15.97
CA ASN C 919 -43.50 21.71 -15.72
C ASN C 919 -42.69 20.56 -16.33
N ILE C 920 -43.31 19.84 -17.26
CA ILE C 920 -42.69 18.82 -18.08
C ILE C 920 -42.99 19.28 -19.49
N MET C 921 -41.94 19.51 -20.27
CA MET C 921 -42.04 20.00 -21.64
C MET C 921 -41.53 18.96 -22.63
N VAL C 922 -42.04 19.04 -23.87
CA VAL C 922 -41.65 18.15 -24.97
C VAL C 922 -41.39 18.98 -26.24
N LYS C 923 -40.19 18.82 -26.81
CA LYS C 923 -39.76 19.45 -28.06
C LYS C 923 -40.54 18.80 -29.20
N ASP C 924 -40.58 19.45 -30.38
CA ASP C 924 -41.30 18.90 -31.53
C ASP C 924 -40.70 17.57 -32.01
N ASP C 925 -39.35 17.45 -31.96
CA ASP C 925 -38.57 16.26 -32.34
C ASP C 925 -38.85 15.02 -31.46
N GLY C 926 -39.53 15.21 -30.33
CA GLY C 926 -39.87 14.13 -29.41
C GLY C 926 -39.15 14.15 -28.08
N GLN C 927 -38.14 15.02 -27.92
CA GLN C 927 -37.36 15.15 -26.70
C GLN C 927 -38.17 15.66 -25.52
N LEU C 928 -38.12 14.94 -24.40
CA LEU C 928 -38.79 15.34 -23.16
C LEU C 928 -37.75 15.96 -22.23
N PHE C 929 -38.16 16.93 -21.43
CA PHE C 929 -37.35 17.63 -20.44
C PHE C 929 -38.22 18.32 -19.37
N HIS C 930 -37.67 18.48 -18.18
CA HIS C 930 -38.36 19.10 -17.07
C HIS C 930 -37.85 20.51 -16.88
N ILE C 931 -38.69 21.35 -16.25
CA ILE C 931 -38.44 22.75 -15.92
C ILE C 931 -38.90 23.02 -14.47
N ASP C 932 -38.53 24.18 -13.91
CA ASP C 932 -38.85 24.64 -12.55
C ASP C 932 -38.25 23.73 -11.49
N PHE C 933 -36.99 23.98 -11.15
CA PHE C 933 -36.28 23.16 -10.19
C PHE C 933 -36.03 23.83 -8.84
N GLY C 934 -36.92 24.72 -8.43
CA GLY C 934 -36.81 25.41 -7.14
C GLY C 934 -36.77 24.53 -5.90
N HIS C 935 -36.93 23.17 -6.07
CA HIS C 935 -36.96 22.15 -5.00
C HIS C 935 -36.25 20.82 -5.34
N PHE C 936 -35.53 20.27 -4.37
CA PHE C 936 -34.82 18.98 -4.46
C PHE C 936 -34.52 18.49 -3.04
N LEU C 937 -34.25 17.17 -2.90
CA LEU C 937 -33.92 16.47 -1.64
C LEU C 937 -35.04 16.58 -0.59
N PRO C 952 -39.97 9.88 -4.78
CA PRO C 952 -40.93 8.83 -5.21
C PRO C 952 -40.97 8.75 -6.73
N PHE C 953 -40.90 7.52 -7.33
CA PHE C 953 -40.85 7.33 -8.79
C PHE C 953 -42.10 7.83 -9.52
N VAL C 954 -41.87 8.54 -10.64
CA VAL C 954 -42.91 9.15 -11.47
C VAL C 954 -42.84 8.69 -12.92
N LEU C 955 -43.92 8.07 -13.39
CA LEU C 955 -44.09 7.65 -14.78
C LEU C 955 -45.58 7.62 -15.10
N THR C 956 -46.09 8.73 -15.70
CA THR C 956 -47.51 8.88 -16.04
C THR C 956 -47.94 7.97 -17.15
N GLN C 957 -49.26 7.65 -17.17
CA GLN C 957 -49.89 6.80 -18.17
C GLN C 957 -49.80 7.42 -19.56
N ASP C 958 -49.85 8.78 -19.66
CA ASP C 958 -49.75 9.57 -20.89
C ASP C 958 -48.41 9.33 -21.64
N PHE C 959 -47.29 9.19 -20.88
CA PHE C 959 -45.95 8.94 -21.41
C PHE C 959 -45.80 7.52 -21.88
N LEU C 960 -46.31 6.55 -21.10
CA LEU C 960 -46.24 5.12 -21.40
C LEU C 960 -46.84 4.75 -22.74
N ILE C 961 -47.94 5.44 -23.16
CA ILE C 961 -48.62 5.29 -24.45
C ILE C 961 -47.59 5.64 -25.56
N VAL C 962 -46.81 6.73 -25.37
CA VAL C 962 -45.77 7.22 -26.29
C VAL C 962 -44.66 6.18 -26.40
N ILE C 963 -44.18 5.66 -25.24
CA ILE C 963 -43.13 4.63 -25.14
C ILE C 963 -43.55 3.36 -25.89
N SER C 964 -44.79 2.86 -25.62
CA SER C 964 -45.44 1.67 -26.19
C SER C 964 -45.92 1.81 -27.65
N LYS C 965 -45.79 3.02 -28.25
CA LYS C 965 -46.19 3.36 -29.62
C LYS C 965 -47.74 3.27 -29.83
N GLY C 966 -48.49 3.68 -28.81
CA GLY C 966 -49.95 3.74 -28.80
C GLY C 966 -50.67 2.60 -28.13
N ALA C 967 -49.97 1.45 -27.96
CA ALA C 967 -50.42 0.16 -27.42
C ALA C 967 -51.41 0.21 -26.23
N GLN C 968 -52.34 -0.79 -26.19
CA GLN C 968 -53.33 -0.97 -25.13
C GLN C 968 -52.61 -1.47 -23.87
N GLU C 969 -51.97 -2.66 -23.95
CA GLU C 969 -51.16 -3.24 -22.87
C GLU C 969 -49.81 -2.57 -23.02
N CYS C 970 -49.57 -1.56 -22.20
CA CYS C 970 -48.35 -0.74 -22.23
C CYS C 970 -47.23 -1.31 -21.40
N THR C 971 -47.56 -2.04 -20.32
CA THR C 971 -46.59 -2.70 -19.43
C THR C 971 -46.08 -4.00 -20.08
N LYS C 972 -46.92 -4.64 -20.92
CA LYS C 972 -46.57 -5.88 -21.63
C LYS C 972 -46.07 -5.61 -23.06
N THR C 973 -45.05 -4.73 -23.20
CA THR C 973 -44.45 -4.39 -24.49
C THR C 973 -42.95 -4.55 -24.45
N ARG C 974 -42.33 -4.85 -25.62
CA ARG C 974 -40.86 -4.91 -25.73
C ARG C 974 -40.28 -3.48 -25.66
N GLU C 975 -41.14 -2.45 -25.89
CA GLU C 975 -40.80 -1.04 -25.80
C GLU C 975 -40.57 -0.69 -24.31
N PHE C 976 -41.54 -1.04 -23.44
CA PHE C 976 -41.48 -0.81 -22.00
C PHE C 976 -40.37 -1.63 -21.34
N GLU C 977 -40.10 -2.85 -21.86
CA GLU C 977 -39.02 -3.72 -21.41
C GLU C 977 -37.69 -2.97 -21.64
N ARG C 978 -37.47 -2.48 -22.89
CA ARG C 978 -36.30 -1.70 -23.32
C ARG C 978 -36.14 -0.45 -22.46
N PHE C 979 -37.29 0.24 -22.18
CA PHE C 979 -37.36 1.46 -21.37
C PHE C 979 -36.91 1.19 -19.95
N GLN C 980 -37.43 0.14 -19.32
CA GLN C 980 -37.07 -0.28 -17.96
C GLN C 980 -35.57 -0.58 -17.90
N GLU C 981 -35.03 -1.24 -18.95
CA GLU C 981 -33.61 -1.54 -19.05
C GLU C 981 -32.77 -0.26 -19.09
N MET C 982 -33.25 0.82 -19.77
CA MET C 982 -32.56 2.12 -19.82
C MET C 982 -32.54 2.75 -18.44
N CYS C 983 -33.67 2.69 -17.73
CA CYS C 983 -33.84 3.20 -16.37
C CYS C 983 -32.87 2.55 -15.39
N TYR C 984 -32.75 1.20 -15.40
CA TYR C 984 -31.87 0.46 -14.49
C TYR C 984 -30.43 0.84 -14.71
N LYS C 985 -29.98 0.70 -15.97
CA LYS C 985 -28.62 1.00 -16.41
C LYS C 985 -28.21 2.42 -16.04
N ALA C 986 -29.10 3.41 -16.25
CA ALA C 986 -28.88 4.83 -15.93
C ALA C 986 -28.70 5.05 -14.43
N TYR C 987 -29.58 4.43 -13.62
CA TYR C 987 -29.57 4.52 -12.16
C TYR C 987 -28.27 3.99 -11.59
N LEU C 988 -27.87 2.77 -12.04
CA LEU C 988 -26.64 2.14 -11.56
C LEU C 988 -25.39 2.90 -11.98
N ALA C 989 -25.46 3.63 -13.12
CA ALA C 989 -24.35 4.45 -13.61
C ALA C 989 -24.12 5.63 -12.67
N ILE C 990 -25.20 6.27 -12.18
CA ILE C 990 -25.15 7.40 -11.24
C ILE C 990 -24.67 6.94 -9.86
N ARG C 991 -25.14 5.77 -9.40
CA ARG C 991 -24.74 5.19 -8.12
C ARG C 991 -23.23 4.94 -8.09
N GLN C 992 -22.62 4.58 -9.25
CA GLN C 992 -21.17 4.33 -9.38
C GLN C 992 -20.37 5.63 -9.27
N HIS C 993 -20.99 6.80 -9.56
CA HIS C 993 -20.33 8.12 -9.49
C HIS C 993 -20.95 8.97 -8.37
N ALA C 994 -21.48 8.30 -7.33
CA ALA C 994 -22.15 8.94 -6.20
C ALA C 994 -21.31 9.95 -5.43
N ASN C 995 -20.02 9.65 -5.23
CA ASN C 995 -19.10 10.55 -4.52
C ASN C 995 -19.07 11.91 -5.18
N LEU C 996 -19.05 11.98 -6.54
CA LEU C 996 -19.02 13.25 -7.26
C LEU C 996 -20.24 14.10 -6.87
N PHE C 997 -21.45 13.55 -7.03
CA PHE C 997 -22.69 14.23 -6.65
C PHE C 997 -22.65 14.67 -5.18
N ILE C 998 -22.31 13.74 -4.25
CA ILE C 998 -22.18 14.06 -2.82
C ILE C 998 -21.22 15.24 -2.60
N ASN C 999 -19.99 15.18 -3.19
CA ASN C 999 -18.97 16.23 -3.09
C ASN C 999 -19.44 17.56 -3.67
N LEU C 1000 -20.19 17.53 -4.78
CA LEU C 1000 -20.68 18.76 -5.40
C LEU C 1000 -21.65 19.49 -4.48
N PHE C 1001 -22.62 18.75 -3.90
CA PHE C 1001 -23.59 19.25 -2.92
C PHE C 1001 -22.92 19.70 -1.63
N SER C 1002 -21.87 19.01 -1.18
CA SER C 1002 -21.15 19.34 0.06
C SER C 1002 -20.35 20.64 -0.03
N MET C 1003 -19.95 21.01 -1.28
CA MET C 1003 -19.16 22.19 -1.59
C MET C 1003 -20.06 23.40 -1.61
N MET C 1004 -21.37 23.15 -1.50
CA MET C 1004 -22.50 24.07 -1.55
C MET C 1004 -23.10 24.38 -0.17
N LEU C 1005 -22.50 23.87 0.90
CA LEU C 1005 -23.05 24.09 2.24
C LEU C 1005 -22.81 25.49 2.76
N GLY C 1006 -21.70 26.11 2.37
CA GLY C 1006 -21.33 27.44 2.83
C GLY C 1006 -22.18 28.55 2.27
N SER C 1007 -22.67 28.35 1.02
CA SER C 1007 -23.55 29.26 0.28
C SER C 1007 -24.85 29.41 1.07
N GLY C 1008 -25.59 30.48 0.80
CA GLY C 1008 -26.84 30.72 1.53
C GLY C 1008 -28.01 29.81 1.22
N MET C 1009 -27.81 28.79 0.38
CA MET C 1009 -28.88 27.87 -0.02
C MET C 1009 -29.56 27.18 1.15
N PRO C 1010 -30.87 27.50 1.42
CA PRO C 1010 -31.55 26.90 2.60
C PRO C 1010 -31.82 25.40 2.50
N GLU C 1011 -31.90 24.90 1.27
CA GLU C 1011 -32.12 23.49 0.96
C GLU C 1011 -30.82 22.70 1.24
N LEU C 1012 -29.66 23.39 1.40
CA LEU C 1012 -28.35 22.81 1.68
C LEU C 1012 -27.65 23.58 2.81
N GLN C 1013 -28.04 23.26 4.05
CA GLN C 1013 -27.49 23.93 5.24
C GLN C 1013 -26.60 23.01 6.06
N SER C 1014 -26.82 21.68 5.94
CA SER C 1014 -26.10 20.63 6.67
C SER C 1014 -25.92 19.38 5.81
N PHE C 1015 -25.10 18.42 6.29
CA PHE C 1015 -24.87 17.15 5.61
C PHE C 1015 -26.13 16.29 5.63
N ASP C 1016 -27.00 16.49 6.65
CA ASP C 1016 -28.27 15.79 6.82
C ASP C 1016 -29.17 16.05 5.61
N ASP C 1017 -29.04 17.25 5.01
CA ASP C 1017 -29.76 17.63 3.80
C ASP C 1017 -29.27 16.78 2.59
N ILE C 1018 -27.93 16.51 2.52
CA ILE C 1018 -27.28 15.71 1.47
C ILE C 1018 -27.64 14.21 1.60
N ALA C 1019 -27.95 13.73 2.83
CA ALA C 1019 -28.32 12.34 3.12
C ALA C 1019 -29.48 11.77 2.27
N TYR C 1020 -30.23 12.62 1.54
CA TYR C 1020 -31.31 12.16 0.66
C TYR C 1020 -30.75 11.27 -0.47
N ILE C 1021 -29.63 11.69 -1.13
CA ILE C 1021 -29.05 10.91 -2.24
C ILE C 1021 -28.49 9.58 -1.75
N ARG C 1022 -28.08 9.50 -0.49
CA ARG C 1022 -27.59 8.26 0.12
C ARG C 1022 -28.71 7.22 0.12
N LYS C 1023 -29.93 7.69 0.47
CA LYS C 1023 -31.17 6.90 0.53
C LYS C 1023 -31.59 6.46 -0.87
N THR C 1024 -31.87 7.45 -1.73
CA THR C 1024 -32.31 7.36 -3.12
C THR C 1024 -31.42 6.42 -3.97
N LEU C 1025 -30.10 6.39 -3.69
CA LEU C 1025 -29.12 5.58 -4.40
C LEU C 1025 -28.76 4.31 -3.61
N ALA C 1026 -29.37 4.10 -2.42
CA ALA C 1026 -29.15 2.95 -1.53
C ALA C 1026 -27.64 2.67 -1.36
N LEU C 1027 -26.91 3.72 -0.95
CA LEU C 1027 -25.47 3.70 -0.78
C LEU C 1027 -24.95 2.69 0.23
N ASP C 1028 -25.76 2.38 1.23
CA ASP C 1028 -25.42 1.44 2.29
C ASP C 1028 -25.69 0.00 1.85
N LYS C 1029 -26.54 -0.19 0.82
CA LYS C 1029 -26.93 -1.49 0.24
C LYS C 1029 -25.88 -2.05 -0.76
N THR C 1030 -26.11 -3.28 -1.25
CA THR C 1030 -25.28 -3.96 -2.26
C THR C 1030 -25.73 -3.44 -3.61
N GLU C 1031 -24.98 -3.69 -4.69
CA GLU C 1031 -25.42 -3.23 -6.01
C GLU C 1031 -26.64 -4.00 -6.50
N GLN C 1032 -26.68 -5.33 -6.23
CA GLN C 1032 -27.82 -6.21 -6.57
C GLN C 1032 -29.00 -6.03 -5.57
N GLU C 1033 -28.81 -5.21 -4.53
CA GLU C 1033 -29.79 -4.87 -3.49
C GLU C 1033 -30.39 -3.50 -3.81
N ALA C 1034 -29.54 -2.57 -4.32
CA ALA C 1034 -29.90 -1.23 -4.75
C ALA C 1034 -30.76 -1.33 -5.98
N LEU C 1035 -30.39 -2.25 -6.92
CA LEU C 1035 -31.17 -2.50 -8.13
C LEU C 1035 -32.52 -3.12 -7.74
N GLU C 1036 -32.53 -3.97 -6.69
CA GLU C 1036 -33.74 -4.60 -6.16
C GLU C 1036 -34.65 -3.54 -5.56
N TYR C 1037 -34.06 -2.56 -4.85
CA TYR C 1037 -34.77 -1.44 -4.23
C TYR C 1037 -35.34 -0.49 -5.31
N PHE C 1038 -34.55 -0.25 -6.39
CA PHE C 1038 -34.92 0.61 -7.51
C PHE C 1038 -36.05 0.00 -8.33
N MET C 1039 -35.90 -1.28 -8.74
CA MET C 1039 -36.88 -2.02 -9.53
C MET C 1039 -38.25 -2.00 -8.84
N LYS C 1040 -38.27 -2.13 -7.48
CA LYS C 1040 -39.49 -2.12 -6.66
C LYS C 1040 -40.14 -0.75 -6.68
N GLN C 1041 -39.33 0.34 -6.54
CA GLN C 1041 -39.80 1.74 -6.56
C GLN C 1041 -40.44 2.14 -7.88
N MET C 1042 -39.91 1.59 -9.00
CA MET C 1042 -40.38 1.82 -10.38
C MET C 1042 -41.71 1.13 -10.69
N ASN C 1043 -41.85 -0.17 -10.32
CA ASN C 1043 -43.07 -0.94 -10.54
C ASN C 1043 -44.26 -0.41 -9.73
N ASP C 1044 -43.97 0.25 -8.59
CA ASP C 1044 -44.97 0.86 -7.70
C ASP C 1044 -45.63 2.10 -8.32
N ALA C 1045 -44.88 2.86 -9.15
CA ALA C 1045 -45.36 4.06 -9.83
C ALA C 1045 -46.43 3.71 -10.89
N LYS C 1053 -59.96 15.15 -19.85
CA LYS C 1053 -60.01 14.84 -18.42
C LYS C 1053 -60.97 15.75 -17.65
N MET C 1054 -61.35 15.37 -16.41
CA MET C 1054 -62.27 16.15 -15.59
C MET C 1054 -61.65 16.63 -14.24
N ASP C 1055 -61.45 17.96 -14.15
CA ASP C 1055 -60.89 18.80 -13.08
C ASP C 1055 -59.37 18.70 -13.03
N TRP C 1056 -58.77 19.17 -14.11
CA TRP C 1056 -57.32 19.26 -14.28
C TRP C 1056 -56.85 20.65 -13.84
N ILE C 1057 -57.82 21.57 -13.64
CA ILE C 1057 -57.56 22.95 -13.22
C ILE C 1057 -57.35 22.99 -11.70
N PHE C 1058 -58.30 22.42 -10.91
CA PHE C 1058 -58.23 22.49 -9.45
C PHE C 1058 -57.96 21.16 -8.70
N HIS C 1059 -58.23 19.99 -9.31
CA HIS C 1059 -58.07 18.64 -8.72
C HIS C 1059 -58.96 18.37 -7.51
N THR C 1060 -60.21 17.98 -7.76
CA THR C 1060 -61.22 17.67 -6.75
C THR C 1060 -61.86 16.32 -7.15
N ILE C 1061 -62.69 15.72 -6.26
CA ILE C 1061 -63.47 14.48 -6.41
C ILE C 1061 -64.06 14.03 -5.05
N HIS D 20 -50.48 14.74 23.09
CA HIS D 20 -50.92 15.67 22.05
C HIS D 20 -51.09 17.10 22.56
N GLU D 21 -51.30 17.27 23.88
CA GLU D 21 -51.52 18.56 24.56
C GLU D 21 -50.48 19.64 24.20
N TYR D 22 -49.17 19.35 24.34
CA TYR D 22 -48.13 20.33 23.99
C TYR D 22 -47.43 20.01 22.63
N ASN D 23 -48.11 19.22 21.77
CA ASN D 23 -47.67 18.93 20.40
C ASN D 23 -48.31 20.00 19.51
N THR D 24 -49.58 20.34 19.82
CA THR D 24 -50.35 21.38 19.16
C THR D 24 -49.73 22.72 19.59
N GLN D 25 -49.19 22.79 20.84
CA GLN D 25 -48.54 23.95 21.44
C GLN D 25 -47.24 24.34 20.71
N PHE D 26 -46.51 23.35 20.15
CA PHE D 26 -45.28 23.58 19.38
C PHE D 26 -45.60 24.27 18.04
N GLN D 27 -46.71 23.84 17.38
CA GLN D 27 -47.18 24.40 16.10
C GLN D 27 -47.55 25.88 16.21
N GLU D 28 -48.13 26.30 17.36
CA GLU D 28 -48.52 27.68 17.63
C GLU D 28 -47.32 28.61 17.86
N LYS D 29 -46.22 28.10 18.46
CA LYS D 29 -45.00 28.90 18.66
C LYS D 29 -44.13 28.89 17.40
N SER D 30 -44.14 27.78 16.64
CA SER D 30 -43.38 27.65 15.40
C SER D 30 -43.93 28.64 14.35
N ARG D 31 -45.28 28.70 14.19
CA ARG D 31 -45.99 29.60 13.26
C ARG D 31 -45.61 31.05 13.58
N GLU D 32 -45.61 31.40 14.89
CA GLU D 32 -45.28 32.73 15.40
C GLU D 32 -43.80 33.08 15.20
N TYR D 33 -42.87 32.16 15.58
CA TYR D 33 -41.41 32.34 15.44
C TYR D 33 -41.00 32.57 13.99
N ASP D 34 -41.59 31.80 13.05
CA ASP D 34 -41.34 31.90 11.61
C ASP D 34 -41.77 33.29 11.06
N ARG D 35 -42.97 33.79 11.48
CA ARG D 35 -43.52 35.08 11.09
C ARG D 35 -42.72 36.24 11.69
N LEU D 36 -42.26 36.06 12.94
CA LEU D 36 -41.45 37.03 13.68
C LEU D 36 -40.10 37.28 12.99
N TYR D 37 -39.43 36.18 12.51
CA TYR D 37 -38.15 36.24 11.79
C TYR D 37 -38.30 37.03 10.50
N GLU D 38 -39.49 36.92 9.87
CA GLU D 38 -39.85 37.64 8.65
C GLU D 38 -39.84 39.16 8.90
N ASP D 39 -40.16 39.59 10.13
CA ASP D 39 -40.12 41.01 10.49
C ASP D 39 -38.71 41.42 10.90
N TYR D 40 -37.93 40.49 11.49
CA TYR D 40 -36.54 40.68 11.92
C TYR D 40 -35.66 40.97 10.72
N THR D 41 -35.83 40.16 9.64
CA THR D 41 -35.05 40.25 8.40
C THR D 41 -35.35 41.57 7.62
N ARG D 42 -36.65 41.91 7.39
CA ARG D 42 -37.08 43.13 6.70
C ARG D 42 -36.55 44.38 7.39
N THR D 43 -36.79 44.49 8.73
CA THR D 43 -36.35 45.61 9.54
C THR D 43 -34.86 45.81 9.42
N SER D 44 -34.07 44.69 9.44
CA SER D 44 -32.62 44.71 9.28
C SER D 44 -32.23 45.32 7.94
N GLN D 45 -32.91 44.88 6.84
CA GLN D 45 -32.68 45.38 5.49
C GLN D 45 -32.95 46.87 5.47
N GLU D 46 -34.20 47.26 5.85
CA GLU D 46 -34.68 48.64 5.93
C GLU D 46 -33.78 49.55 6.74
N ILE D 47 -33.21 49.06 7.86
CA ILE D 47 -32.27 49.81 8.70
C ILE D 47 -31.00 50.11 7.92
N GLN D 48 -30.43 49.09 7.23
CA GLN D 48 -29.21 49.28 6.45
C GLN D 48 -29.37 50.30 5.34
N MET D 49 -30.61 50.44 4.82
CA MET D 49 -30.93 51.39 3.76
C MET D 49 -30.91 52.79 4.30
N LYS D 50 -31.61 53.00 5.45
CA LYS D 50 -31.71 54.27 6.15
C LYS D 50 -30.31 54.78 6.50
N ARG D 51 -29.43 53.86 7.00
CA ARG D 51 -28.06 54.17 7.37
C ARG D 51 -27.26 54.73 6.19
N THR D 52 -27.42 54.13 5.00
CA THR D 52 -26.70 54.64 3.81
C THR D 52 -27.36 55.92 3.28
N ALA D 53 -28.69 56.09 3.50
CA ALA D 53 -29.38 57.30 3.06
C ALA D 53 -28.87 58.46 3.87
N ILE D 54 -28.72 58.29 5.21
CA ILE D 54 -28.16 59.30 6.12
C ILE D 54 -26.74 59.64 5.67
N GLU D 55 -25.95 58.61 5.30
CA GLU D 55 -24.58 58.76 4.83
C GLU D 55 -24.55 59.67 3.59
N ALA D 56 -25.53 59.46 2.68
CA ALA D 56 -25.68 60.22 1.44
C ALA D 56 -26.14 61.65 1.73
N PHE D 57 -27.02 61.82 2.74
CA PHE D 57 -27.50 63.13 3.17
C PHE D 57 -26.36 64.00 3.68
N ASN D 58 -25.44 63.41 4.48
CA ASN D 58 -24.27 64.10 5.03
C ASN D 58 -23.38 64.59 3.90
N GLU D 59 -23.10 63.70 2.94
CA GLU D 59 -22.28 63.97 1.77
C GLU D 59 -22.91 65.07 0.87
N THR D 60 -24.27 65.14 0.83
CA THR D 60 -25.03 66.14 0.08
C THR D 60 -24.90 67.48 0.82
N ILE D 61 -25.11 67.45 2.16
CA ILE D 61 -25.01 68.61 3.04
C ILE D 61 -23.61 69.21 2.96
N LYS D 62 -22.55 68.38 3.01
CA LYS D 62 -21.16 68.86 2.88
C LYS D 62 -20.95 69.65 1.59
N ILE D 63 -21.50 69.17 0.46
CA ILE D 63 -21.40 69.79 -0.87
C ILE D 63 -22.09 71.18 -0.90
N PHE D 64 -23.29 71.29 -0.31
CA PHE D 64 -24.04 72.54 -0.25
C PHE D 64 -23.36 73.57 0.65
N GLU D 65 -22.76 73.12 1.77
CA GLU D 65 -22.00 73.98 2.69
C GLU D 65 -20.79 74.52 1.94
N GLU D 66 -20.06 73.63 1.22
CA GLU D 66 -18.90 73.96 0.38
C GLU D 66 -19.24 75.05 -0.65
N GLN D 67 -20.50 75.06 -1.12
CA GLN D 67 -21.04 76.03 -2.07
C GLN D 67 -21.11 77.43 -1.43
N CYS D 68 -21.47 77.49 -0.12
CA CYS D 68 -21.57 78.75 0.64
C CYS D 68 -20.22 79.40 0.82
N GLN D 69 -19.17 78.60 1.04
CA GLN D 69 -17.79 79.07 1.16
C GLN D 69 -17.32 79.66 -0.17
N THR D 70 -17.63 78.97 -1.29
CA THR D 70 -17.26 79.38 -2.65
C THR D 70 -18.13 80.58 -3.09
N GLN D 71 -19.23 80.84 -2.36
CA GLN D 71 -20.07 81.99 -2.65
C GLN D 71 -19.45 83.26 -2.01
N GLU D 72 -19.17 83.24 -0.68
CA GLU D 72 -18.59 84.39 0.04
C GLU D 72 -17.13 84.65 -0.36
N ARG D 73 -16.50 83.71 -1.10
CA ARG D 73 -15.16 83.92 -1.65
C ARG D 73 -15.22 84.84 -2.87
N TYR D 74 -16.15 84.56 -3.80
CA TYR D 74 -16.30 85.35 -5.04
C TYR D 74 -17.17 86.57 -4.85
N SER D 75 -18.34 86.45 -4.16
CA SER D 75 -19.27 87.55 -3.89
C SER D 75 -18.67 88.69 -3.06
N LYS D 76 -17.57 88.42 -2.31
CA LYS D 76 -16.88 89.41 -1.47
C LYS D 76 -16.41 90.64 -2.24
N GLU D 77 -15.71 90.44 -3.38
CA GLU D 77 -15.22 91.56 -4.21
C GLU D 77 -16.27 92.17 -5.14
N TYR D 78 -17.45 91.52 -5.27
CA TYR D 78 -18.56 91.97 -6.10
C TYR D 78 -19.64 92.72 -5.30
N ILE D 79 -19.75 92.40 -3.99
CA ILE D 79 -20.62 93.06 -3.03
C ILE D 79 -19.92 94.39 -2.71
N GLU D 80 -18.57 94.33 -2.47
CA GLU D 80 -17.67 95.46 -2.17
C GLU D 80 -17.69 96.51 -3.26
N LYS D 81 -17.46 96.10 -4.53
CA LYS D 81 -17.42 96.99 -5.70
C LYS D 81 -18.80 97.61 -5.99
N PHE D 82 -19.90 96.89 -5.67
CA PHE D 82 -21.26 97.41 -5.86
C PHE D 82 -21.69 98.36 -4.73
N LYS D 83 -21.34 98.04 -3.45
CA LYS D 83 -21.63 98.88 -2.27
C LYS D 83 -20.96 100.25 -2.43
N ARG D 84 -19.64 100.22 -2.70
CA ARG D 84 -18.76 101.37 -2.87
C ARG D 84 -19.07 102.18 -4.14
N GLU D 85 -19.73 101.57 -5.14
CA GLU D 85 -20.06 102.26 -6.40
C GLU D 85 -21.56 102.16 -6.79
N GLY D 86 -22.44 102.29 -5.79
CA GLY D 86 -23.90 102.32 -5.88
C GLY D 86 -24.63 101.22 -6.65
N ASN D 87 -25.98 101.33 -6.70
CA ASN D 87 -26.95 100.45 -7.38
C ASN D 87 -27.18 99.08 -6.66
N GLU D 88 -27.83 99.16 -5.47
CA GLU D 88 -28.20 98.08 -4.55
C GLU D 88 -29.12 97.00 -5.14
N THR D 89 -29.62 97.18 -6.37
CA THR D 89 -30.47 96.17 -7.03
C THR D 89 -29.69 94.89 -7.32
N GLU D 90 -28.48 95.01 -7.89
CA GLU D 90 -27.63 93.85 -8.15
C GLU D 90 -27.07 93.22 -6.87
N ILE D 91 -26.94 94.01 -5.77
CA ILE D 91 -26.51 93.49 -4.47
C ILE D 91 -27.69 92.70 -3.87
N GLN D 92 -28.94 93.04 -4.29
CA GLN D 92 -30.16 92.35 -3.84
C GLN D 92 -30.44 91.12 -4.71
N ARG D 93 -29.78 91.05 -5.89
CA ARG D 93 -29.82 89.88 -6.80
C ARG D 93 -28.95 88.77 -6.20
N ILE D 94 -27.74 89.13 -5.71
CA ILE D 94 -26.75 88.24 -5.06
C ILE D 94 -27.32 87.72 -3.73
N MET D 95 -28.11 88.55 -3.04
CA MET D 95 -28.77 88.25 -1.76
C MET D 95 -29.84 87.17 -1.92
N HIS D 96 -30.78 87.38 -2.88
CA HIS D 96 -31.91 86.50 -3.19
C HIS D 96 -31.49 85.06 -3.55
N ASN D 97 -30.37 84.91 -4.28
CA ASN D 97 -29.83 83.61 -4.67
C ASN D 97 -29.15 82.91 -3.49
N TYR D 98 -28.51 83.67 -2.59
CA TYR D 98 -27.86 83.12 -1.40
C TYR D 98 -28.92 82.61 -0.46
N GLU D 99 -30.04 83.34 -0.36
CA GLU D 99 -31.21 83.02 0.48
C GLU D 99 -31.84 81.70 0.03
N LYS D 100 -31.92 81.49 -1.30
CA LYS D 100 -32.44 80.29 -1.97
C LYS D 100 -31.58 79.10 -1.57
N LEU D 101 -30.24 79.24 -1.72
CA LEU D 101 -29.22 78.25 -1.38
C LEU D 101 -29.31 77.89 0.10
N LYS D 102 -29.38 78.93 0.97
CA LYS D 102 -29.48 78.78 2.42
C LYS D 102 -30.76 78.03 2.81
N SER D 103 -31.92 78.39 2.19
CA SER D 103 -33.22 77.75 2.44
C SER D 103 -33.18 76.27 2.06
N ARG D 104 -32.47 75.94 0.96
CA ARG D 104 -32.33 74.55 0.47
C ARG D 104 -31.54 73.67 1.47
N ILE D 105 -30.48 74.21 2.09
CA ILE D 105 -29.69 73.51 3.12
C ILE D 105 -30.57 73.15 4.32
N SER D 106 -31.49 74.06 4.71
CA SER D 106 -32.43 73.81 5.80
C SER D 106 -33.35 72.65 5.45
N GLU D 107 -33.83 72.59 4.17
CA GLU D 107 -34.71 71.53 3.65
C GLU D 107 -34.03 70.18 3.75
N ILE D 108 -32.74 70.10 3.35
CA ILE D 108 -31.96 68.86 3.37
C ILE D 108 -31.65 68.42 4.82
N VAL D 109 -31.25 69.38 5.70
CA VAL D 109 -30.90 69.11 7.09
C VAL D 109 -32.12 68.58 7.85
N ASP D 110 -33.29 69.14 7.54
CA ASP D 110 -34.55 68.73 8.17
C ASP D 110 -35.04 67.40 7.63
N SER D 111 -34.68 67.06 6.37
CA SER D 111 -35.03 65.78 5.75
C SER D 111 -34.16 64.68 6.35
N ARG D 112 -32.88 65.01 6.67
CA ARG D 112 -31.93 64.08 7.28
C ARG D 112 -32.36 63.75 8.70
N ARG D 113 -32.73 64.78 9.49
CA ARG D 113 -33.20 64.63 10.86
C ARG D 113 -34.44 63.74 10.96
N ARG D 114 -35.41 63.93 10.02
CA ARG D 114 -36.65 63.13 9.91
C ARG D 114 -36.32 61.65 9.76
N LEU D 115 -35.32 61.35 8.91
CA LEU D 115 -34.81 59.99 8.65
C LEU D 115 -34.10 59.46 9.88
N GLU D 116 -33.22 60.29 10.50
CA GLU D 116 -32.46 59.93 11.71
C GLU D 116 -33.39 59.42 12.82
N GLU D 117 -34.53 60.14 13.05
CA GLU D 117 -35.50 59.75 14.06
C GLU D 117 -36.34 58.53 13.64
N ASP D 118 -36.49 58.29 12.32
CA ASP D 118 -37.19 57.12 11.79
C ASP D 118 -36.31 55.90 12.00
N LEU D 119 -34.99 56.05 11.75
CA LEU D 119 -33.96 55.01 11.95
C LEU D 119 -33.92 54.63 13.42
N LYS D 120 -33.95 55.64 14.33
CA LYS D 120 -33.93 55.45 15.76
C LYS D 120 -35.15 54.65 16.22
N LYS D 121 -36.33 54.95 15.62
CA LYS D 121 -37.60 54.28 15.90
C LYS D 121 -37.55 52.82 15.39
N GLN D 122 -36.92 52.61 14.19
CA GLN D 122 -36.75 51.31 13.53
C GLN D 122 -35.80 50.39 14.30
N ALA D 123 -34.65 50.94 14.77
CA ALA D 123 -33.62 50.24 15.51
C ALA D 123 -34.15 49.84 16.88
N ALA D 124 -35.11 50.63 17.42
CA ALA D 124 -35.77 50.34 18.67
C ALA D 124 -36.69 49.14 18.44
N GLU D 125 -37.31 49.06 17.25
CA GLU D 125 -38.19 47.96 16.85
C GLU D 125 -37.36 46.67 16.67
N TYR D 126 -36.26 46.69 15.88
CA TYR D 126 -35.32 45.54 15.74
C TYR D 126 -34.49 45.55 17.03
N ARG D 127 -35.01 44.93 18.08
CA ARG D 127 -34.42 44.87 19.43
C ARG D 127 -35.55 44.27 20.18
N GLU D 128 -36.77 44.82 19.96
CA GLU D 128 -38.00 44.31 20.53
C GLU D 128 -38.47 43.12 19.70
N ILE D 129 -38.04 43.04 18.40
CA ILE D 129 -38.31 41.88 17.52
C ILE D 129 -37.38 40.77 18.06
N ASP D 130 -36.11 41.15 18.35
CA ASP D 130 -35.06 40.29 18.88
C ASP D 130 -35.42 39.73 20.27
N LYS D 131 -35.77 40.60 21.25
CA LYS D 131 -36.19 40.23 22.61
C LYS D 131 -37.31 39.20 22.58
N ARG D 132 -38.28 39.38 21.65
CA ARG D 132 -39.43 38.49 21.41
C ARG D 132 -38.96 37.12 20.93
N MET D 133 -38.03 37.11 19.95
CA MET D 133 -37.44 35.91 19.36
C MET D 133 -36.65 35.10 20.37
N ASN D 134 -35.76 35.76 21.15
CA ASN D 134 -34.92 35.10 22.16
C ASN D 134 -35.72 34.57 23.39
N SER D 135 -37.05 34.76 23.39
CA SER D 135 -37.98 34.26 24.41
C SER D 135 -38.66 32.99 23.87
N ILE D 136 -39.00 32.98 22.55
CA ILE D 136 -39.63 31.84 21.86
C ILE D 136 -38.59 30.75 21.50
N LYS D 137 -37.40 31.16 21.03
CA LYS D 137 -36.30 30.26 20.61
C LYS D 137 -35.88 29.23 21.69
N PRO D 138 -35.68 29.56 23.00
CA PRO D 138 -35.33 28.48 23.96
C PRO D 138 -36.49 27.53 24.26
N ASP D 139 -37.76 28.00 24.10
CA ASP D 139 -38.99 27.22 24.29
C ASP D 139 -39.18 26.19 23.16
N LEU D 140 -39.00 26.65 21.90
CA LEU D 140 -39.12 25.84 20.68
C LEU D 140 -38.09 24.68 20.69
N ILE D 141 -36.84 24.98 21.13
CA ILE D 141 -35.71 24.05 21.28
C ILE D 141 -36.07 22.91 22.25
N GLN D 142 -36.71 23.24 23.40
CA GLN D 142 -37.14 22.26 24.42
C GLN D 142 -38.21 21.30 23.89
N LEU D 143 -39.13 21.81 23.05
CA LEU D 143 -40.22 21.03 22.45
C LEU D 143 -39.73 20.02 21.40
N ARG D 144 -38.86 20.48 20.46
CA ARG D 144 -38.25 19.65 19.41
C ARG D 144 -37.54 18.43 19.99
#